data_6HUO
#
_entry.id   6HUO
#
_cell.length_a   1.0
_cell.length_b   1.0
_cell.length_c   1.0
_cell.angle_alpha   90.00
_cell.angle_beta   90.00
_cell.angle_gamma   90.00
#
_symmetry.space_group_name_H-M   'P 1'
#
loop_
_entity.id
_entity.type
_entity.pdbx_description
1 polymer 'Gamma-aminobutyric acid receptor subunit alpha-1,Gamma-aminobutyric acid receptor subunit alpha-1'
2 polymer 'Gamma-aminobutyric acid receptor subunit beta-3'
3 polymer 'Gamma-aminobutyric acid receptor subunit gamma-2'
4 polymer 'Megabody Mb38'
5 branched alpha-D-mannopyranose-(1-3)-[alpha-D-mannopyranose-(1-6)]alpha-D-mannopyranose-(1-6)-[alpha-D-mannopyranose-(1-3)]beta-D-mannopyranose-(1-4)-2-acetamido-2-deoxy-beta-D-glucopyranose-(1-4)-2-acetamido-2-deoxy-beta-D-glucopyranose
6 branched 2-acetamido-2-deoxy-beta-D-glucopyranose-(1-4)-2-acetamido-2-deoxy-beta-D-glucopyranose
7 branched alpha-D-mannopyranose-(1-3)-alpha-D-mannopyranose-(1-6)-[alpha-D-mannopyranose-(1-3)]beta-D-mannopyranose-(1-4)-2-acetamido-2-deoxy-beta-D-glucopyranose-(1-4)-2-acetamido-2-deoxy-beta-D-glucopyranose
8 branched alpha-D-mannopyranose-(1-3)-[alpha-D-mannopyranose-(1-6)]beta-D-mannopyranose-(1-4)-2-acetamido-2-deoxy-beta-D-glucopyranose-(1-4)-2-acetamido-2-deoxy-beta-D-glucopyranose
9 non-polymer 'GAMMA-AMINO-BUTANOIC ACID'
10 non-polymer '[(2R)-2-octanoyloxy-3-[oxidanyl-[(1R,2R,3S,4R,5R,6S)-2,3,6-tris(oxidanyl)-4,5-diphosphonooxy-cyclohexyl]oxy-phosphoryl]oxy-propyl] octanoate'
11 non-polymer 8-chloro-1-methyl-6-phenyl-4H-[1,2,4]triazolo[4,3-a][1,4]benzodiazepine
#
loop_
_entity_poly.entity_id
_entity_poly.type
_entity_poly.pdbx_seq_one_letter_code
_entity_poly.pdbx_strand_id
1 'polypeptide(L)'
;MKKSPGLSDYLWAWTLFLSTLTGRSYGDYKDDDDKQPSLQDELKDNTTVFTRILDRLLDGYDNRLRPGLGERVTEVKTDI
FVTSFGPVSDHDMEYTIDVFFRQSWKDERLKFKGPMTVLRLNNLMASKIWTPDTFFHNGKKSVAHNMTMPNKLLRITEDG
TLLYTMRLTVRAECPMHLEDFPMDAHACPLKFGSYAYTRAEVVYEWTREPARSVVVAEDGSRLNQYDLLGQTVDSGIVQS
STGEYVVMTTHFHLKRKIGYFVIQTYLPCIMTVILSQVSFWLNRESVPARTVFGVTTVLTMTTLSISARNSLPKVAYATA
MDWFIAVCYAFVFSALIEFATVNYFTKRGYAWDGKSVVPEKPKKVKDPLIKKNNTYAPTATSYTPNLARGDPGLATIAKS
ATIEPKEVKPETKPPEPKKTFNSVSKIDRLSRIAFPLLFGIFNLVYWATYLNREPQLKAPTPHQ
;
A,D
2 'polypeptide(L)'
;MCSGLLELLLPIWLSWTLGTRGSEPRSVNDPGNMSFVKETVDKLLKGYDIRLRPDFGGPPVCVGMNIDIASIDMVSEVNM
DYTLTMYFQQYWRDKRLAYSGIPLNLTLDNRVADQLWVPDTYFLNDKKSFVHGVTVKNRMIRLHPDGTVLYGLRITTTAA
CMMDLRRYPLDEQNCTLEIESYGYTTDDIEFYWRGGDKAVTGVERIELPQFSIVEHRLVSRNVVFATGAYPRLSLSFRLK
RNIGYFILQTYMPSILITILSWVSFWINYDASAARVALGITTVLTMTTINTHLRETLPKIPYVKAIDMYLMGCFVFVFLA
LLEYAFVNYIFFGRGPQRQKKLAEKTAKAKNDRSKSESNRVDAHGNILLTSLEVHNEMNEVSGGIGDTRNSAISFDNSGI
QYRKQSMPREGHGRFLGDRSLPHKKTHLRRRSSQLKIKIPDLTDVNAIDRWSRIVFPFTFSLFNLVYWLYYVN
;
B,E
3 'polypeptide(L)'
;MSSPNIWSTGSSVYSTPVFSQKMTVWILLLLSLYPGFTSQKSDDDYEDYASNKTWVLTPKVPEGDVTVILNNLLEGYDNK
LRPDIGVKPTLIHTDMYVNSIGPVNAINMEYTIDIFFAQTWYDRRLKFNSTIKVLRLNSNMVGKIWIPDTFFRNSKKADA
HWITTPNRMLRIWNDGRVLYTLRLTIDAECQLQLHNFPMDEHSCPLEFSSYGYPREEIVYQWKRSSVEVGDTRSWRLYQF
SFVGLRNTTEVVKTTSGDYVVMSVYFDLSRRMGYFTIQTYIPCTLIVVLSWVSFWINKDAVPARTSLGITTVLTMTTLST
IARKSLPKVSYVTAMDLFVSVCFIFVFSALVEYGTLHYFVSNRKPSKDKDKKKKNPLLRMFSFKAPTIDIRPRSATIQMN
NATHLQERDEEYGYECLDGKDCASFFCCFEDCRTGAWRHGRIHIRIAKMDSYARIFFPTAFCLFNLVYWVSYLYLGGSGG
SGGSGKTETSQVAPA
;
C
4 'polypeptide(L)'
;QVQLQESGGGLVQTKTTTSVIDTTNDAQNLLTQAQTIVNTLKDYCPILIAKSSSSNGGTNNANTPSWQTAGGGKNSCATF
GAEFSAASDMINNAQKIVQETQQLSANQPKNITQPHNLNLNSPSSLTALAQKMLKNAQSQAEILKLANQVESDFNKLSSG
HLKDYIGKCDASAISSANMTMQNQKNNWGNGCAGVEETQSLLKTSAADFNNQTPQINQAQNLANTLIQELGNNPFRASGG
GSGGGGSGKLSDTYEQLSRLLTNDNGTNSKTSAQAINQAVNNLNERAKTLAGGTTNSPAYQATLLALRSVLGLWNSMGYA
VICGGYTKSPGENNQKDFHYTDENGNGTTINCGGSTNSNGTHSYNGTNTLKADKNVSLSIEQYEKIHEAYQILSKALKQA
GLAPLNSKGEKLEAHVTTSKYGSLRVSCAASGRTFTTYIMAWFRQAPGKEREFLAAMDQGRIQYYGDSVRGRFTISRDYA
KNSVDLQLDGLRPEDTAVYYCAAGAGFWGLRTASSYHYWGQGTQVTVSSHHHHHHEPEA
;
G
#
loop_
_chem_comp.id
_chem_comp.type
_chem_comp.name
_chem_comp.formula
08H non-polymer 8-chloro-1-methyl-6-phenyl-4H-[1,2,4]triazolo[4,3-a][1,4]benzodiazepine 'C17 H13 Cl N4'
ABU non-polymer 'GAMMA-AMINO-BUTANOIC ACID' 'C4 H9 N O2'
BMA D-saccharide, beta linking beta-D-mannopyranose 'C6 H12 O6'
MAN D-saccharide, alpha linking alpha-D-mannopyranose 'C6 H12 O6'
NAG D-saccharide, beta linking 2-acetamido-2-deoxy-beta-D-glucopyranose 'C8 H15 N O6'
PIO non-polymer '[(2R)-2-octanoyloxy-3-[oxidanyl-[(1R,2R,3S,4R,5R,6S)-2,3,6-tris(oxidanyl)-4,5-diphosphonooxy-cyclohexyl]oxy-phosphoryl]oxy-propyl] octanoate' 'C25 H49 O19 P3'
#
# COMPACT_ATOMS: atom_id res chain seq x y z
N THR A 48 -44.20 -25.42 9.42
CA THR A 48 -45.52 -25.12 8.86
C THR A 48 -46.24 -24.14 9.77
N VAL A 49 -46.12 -24.35 11.08
CA VAL A 49 -46.72 -23.44 12.04
C VAL A 49 -45.97 -22.11 12.07
N PHE A 50 -44.64 -22.17 12.17
CA PHE A 50 -43.85 -20.95 12.23
C PHE A 50 -43.71 -20.28 10.88
N THR A 51 -43.98 -20.98 9.78
CA THR A 51 -43.91 -20.35 8.47
C THR A 51 -45.06 -19.37 8.27
N ARG A 52 -46.28 -19.77 8.67
CA ARG A 52 -47.43 -18.89 8.51
C ARG A 52 -47.48 -17.78 9.54
N ILE A 53 -46.70 -17.88 10.62
CA ILE A 53 -46.51 -16.74 11.50
C ILE A 53 -45.66 -15.68 10.80
N LEU A 54 -44.57 -16.12 10.16
CA LEU A 54 -43.70 -15.18 9.46
C LEU A 54 -44.36 -14.64 8.19
N ASP A 55 -45.17 -15.46 7.52
CA ASP A 55 -45.86 -14.98 6.33
C ASP A 55 -46.98 -14.01 6.66
N ARG A 56 -47.57 -14.14 7.86
CA ARG A 56 -48.58 -13.17 8.28
C ARG A 56 -47.96 -11.82 8.60
N LEU A 57 -46.71 -11.81 9.08
CA LEU A 57 -46.03 -10.56 9.37
C LEU A 57 -45.68 -9.79 8.11
N LEU A 58 -45.49 -10.49 6.99
CA LEU A 58 -45.07 -9.87 5.74
C LEU A 58 -46.20 -9.64 4.76
N ASP A 59 -47.45 -9.89 5.16
CA ASP A 59 -48.59 -9.62 4.28
C ASP A 59 -48.75 -8.13 4.00
N GLY A 60 -49.06 -7.36 5.04
CA GLY A 60 -49.28 -5.94 4.89
C GLY A 60 -48.12 -5.10 5.36
N TYR A 61 -46.90 -5.61 5.20
CA TYR A 61 -45.70 -4.93 5.65
C TYR A 61 -45.00 -4.30 4.47
N ASP A 62 -44.56 -3.05 4.64
CA ASP A 62 -43.79 -2.34 3.62
C ASP A 62 -42.48 -1.90 4.24
N ASN A 63 -41.38 -2.45 3.76
CA ASN A 63 -40.04 -2.13 4.27
C ASN A 63 -39.50 -0.81 3.75
N ARG A 64 -40.21 -0.13 2.85
CA ARG A 64 -39.75 1.12 2.30
C ARG A 64 -40.05 2.33 3.16
N LEU A 65 -40.80 2.17 4.25
CA LEU A 65 -41.22 3.31 5.04
C LEU A 65 -41.00 3.05 6.53
N ARG A 66 -40.71 4.14 7.23
CA ARG A 66 -40.37 4.11 8.65
C ARG A 66 -41.58 3.67 9.47
N PRO A 67 -41.38 2.94 10.58
CA PRO A 67 -42.48 2.65 11.50
C PRO A 67 -43.04 3.91 12.13
N GLY A 68 -44.30 4.20 11.83
CA GLY A 68 -44.89 5.45 12.23
C GLY A 68 -44.32 6.58 11.41
N LEU A 69 -44.48 6.51 10.09
CA LEU A 69 -43.90 7.52 9.21
C LEU A 69 -44.64 8.84 9.32
N GLY A 70 -45.93 8.81 9.60
CA GLY A 70 -46.71 10.02 9.81
C GLY A 70 -47.23 10.24 11.20
N GLU A 71 -46.73 9.51 12.20
CA GLU A 71 -47.25 9.59 13.56
C GLU A 71 -46.23 10.13 14.55
N ARG A 72 -45.08 9.47 14.68
CA ARG A 72 -44.14 9.80 15.74
C ARG A 72 -42.73 9.45 15.29
N VAL A 73 -41.75 9.81 16.14
CA VAL A 73 -40.34 9.54 15.86
C VAL A 73 -40.04 8.08 16.17
N THR A 74 -38.88 7.61 15.72
CA THR A 74 -38.47 6.22 15.90
C THR A 74 -37.19 6.20 16.74
N GLU A 75 -37.32 5.76 17.99
CA GLU A 75 -36.17 5.63 18.87
C GLU A 75 -35.46 4.30 18.56
N VAL A 76 -34.19 4.39 18.21
CA VAL A 76 -33.37 3.21 17.89
C VAL A 76 -32.25 3.17 18.91
N LYS A 77 -32.37 2.29 19.90
CA LYS A 77 -31.35 2.18 20.93
C LYS A 77 -30.14 1.41 20.41
N THR A 78 -28.95 1.97 20.64
CA THR A 78 -27.72 1.45 20.07
C THR A 78 -26.79 0.94 21.16
N ASP A 79 -26.06 -0.12 20.85
CA ASP A 79 -25.09 -0.75 21.73
C ASP A 79 -23.90 -1.14 20.88
N ILE A 80 -22.69 -0.98 21.41
CA ILE A 80 -21.46 -1.32 20.71
C ILE A 80 -20.62 -2.22 21.61
N PHE A 81 -20.19 -3.37 21.08
CA PHE A 81 -19.20 -4.21 21.73
C PHE A 81 -17.95 -4.24 20.85
N VAL A 82 -16.91 -3.52 21.26
CA VAL A 82 -15.68 -3.45 20.50
C VAL A 82 -14.85 -4.70 20.82
N THR A 83 -14.61 -5.52 19.81
CA THR A 83 -13.82 -6.73 20.03
C THR A 83 -12.33 -6.42 19.98
N SER A 84 -11.87 -5.88 18.86
CA SER A 84 -10.45 -5.60 18.65
C SER A 84 -10.29 -4.19 18.12
N PHE A 85 -9.73 -3.31 18.94
CA PHE A 85 -9.44 -1.94 18.54
C PHE A 85 -8.15 -1.95 17.75
N GLY A 86 -8.27 -2.14 16.43
CA GLY A 86 -7.17 -2.50 15.57
C GLY A 86 -6.10 -1.43 15.37
N PRO A 87 -5.16 -1.70 14.47
CA PRO A 87 -3.93 -0.89 14.41
C PRO A 87 -4.18 0.51 13.88
N VAL A 88 -3.57 1.48 14.54
CA VAL A 88 -3.77 2.89 14.24
C VAL A 88 -2.68 3.34 13.28
N SER A 89 -3.06 3.56 12.03
CA SER A 89 -2.10 3.98 11.01
C SER A 89 -1.76 5.46 11.18
N ASP A 90 -0.49 5.76 11.38
CA ASP A 90 -0.06 7.14 11.55
C ASP A 90 -0.09 7.90 10.24
N HIS A 91 0.33 7.26 9.14
CA HIS A 91 0.53 7.97 7.88
C HIS A 91 -0.80 8.35 7.24
N ASP A 92 -1.81 7.49 7.36
CA ASP A 92 -3.13 7.78 6.83
C ASP A 92 -4.02 8.50 7.83
N MET A 93 -3.54 8.67 9.07
CA MET A 93 -4.25 9.36 10.17
C MET A 93 -5.60 8.73 10.44
N GLU A 94 -5.61 7.41 10.55
CA GLU A 94 -6.83 6.63 10.67
C GLU A 94 -6.61 5.52 11.69
N TYR A 95 -7.66 4.75 11.95
CA TYR A 95 -7.60 3.61 12.85
C TYR A 95 -8.66 2.61 12.45
N THR A 96 -8.37 1.33 12.68
CA THR A 96 -9.30 0.24 12.37
C THR A 96 -9.93 -0.22 13.68
N ILE A 97 -11.20 -0.61 13.62
CA ILE A 97 -11.92 -1.09 14.79
C ILE A 97 -12.94 -2.14 14.36
N ASP A 98 -12.99 -3.25 15.10
CA ASP A 98 -13.98 -4.30 14.89
C ASP A 98 -14.99 -4.25 16.03
N VAL A 99 -16.29 -4.25 15.68
CA VAL A 99 -17.35 -4.10 16.65
C VAL A 99 -18.40 -5.19 16.44
N PHE A 100 -19.31 -5.30 17.41
CA PHE A 100 -20.61 -5.95 17.22
C PHE A 100 -21.63 -4.83 17.38
N PHE A 101 -21.93 -4.16 16.28
CA PHE A 101 -22.79 -2.99 16.32
C PHE A 101 -24.25 -3.42 16.48
N ARG A 102 -24.85 -3.08 17.62
CA ARG A 102 -26.17 -3.54 18.00
C ARG A 102 -27.19 -2.42 17.88
N GLN A 103 -28.37 -2.75 17.39
CA GLN A 103 -29.45 -1.77 17.22
C GLN A 103 -30.77 -2.38 17.66
N SER A 104 -31.45 -1.71 18.60
CA SER A 104 -32.75 -2.15 19.09
C SER A 104 -33.79 -1.06 18.90
N TRP A 105 -34.95 -1.43 18.36
CA TRP A 105 -36.04 -0.48 18.18
C TRP A 105 -37.35 -1.26 18.13
N LYS A 106 -38.45 -0.55 18.40
CA LYS A 106 -39.77 -1.15 18.34
C LYS A 106 -40.41 -0.91 16.98
N ASP A 107 -40.90 -1.99 16.36
CA ASP A 107 -41.69 -1.91 15.14
C ASP A 107 -43.09 -2.41 15.47
N GLU A 108 -44.10 -1.56 15.24
CA GLU A 108 -45.46 -1.88 15.64
C GLU A 108 -46.07 -2.97 14.77
N ARG A 109 -45.68 -3.03 13.50
CA ARG A 109 -46.30 -3.95 12.55
C ARG A 109 -45.85 -5.39 12.71
N LEU A 110 -44.79 -5.66 13.48
CA LEU A 110 -44.24 -7.00 13.63
C LEU A 110 -44.65 -7.65 14.94
N LYS A 111 -45.87 -7.37 15.40
CA LYS A 111 -46.40 -8.05 16.58
C LYS A 111 -46.92 -9.42 16.19
N PHE A 112 -46.69 -10.41 17.05
CA PHE A 112 -47.18 -11.75 16.78
C PHE A 112 -47.55 -12.42 18.10
N LYS A 113 -48.33 -13.49 17.98
CA LYS A 113 -48.70 -14.35 19.10
C LYS A 113 -48.49 -15.79 18.67
N GLY A 114 -47.49 -16.44 19.25
CA GLY A 114 -47.17 -17.81 18.90
C GLY A 114 -46.61 -18.60 20.06
N PRO A 115 -46.06 -19.78 19.77
CA PRO A 115 -45.44 -20.58 20.84
C PRO A 115 -44.16 -19.95 21.38
N MET A 116 -43.29 -19.51 20.49
CA MET A 116 -42.04 -18.87 20.88
C MET A 116 -42.30 -17.42 21.28
N THR A 117 -41.65 -16.99 22.37
CA THR A 117 -41.74 -15.59 22.77
C THR A 117 -40.85 -14.70 21.93
N VAL A 118 -39.68 -15.21 21.55
CA VAL A 118 -38.73 -14.48 20.71
C VAL A 118 -38.41 -15.35 19.49
N LEU A 119 -38.35 -14.73 18.33
CA LEU A 119 -38.01 -15.42 17.08
C LEU A 119 -36.57 -15.10 16.72
N ARG A 120 -35.70 -16.09 16.79
CA ARG A 120 -34.30 -15.96 16.39
C ARG A 120 -34.22 -16.46 14.95
N LEU A 121 -34.16 -15.51 14.01
CA LEU A 121 -34.45 -15.76 12.61
C LEU A 121 -33.19 -15.63 11.77
N ASN A 122 -33.36 -15.83 10.47
CA ASN A 122 -32.27 -15.78 9.51
C ASN A 122 -31.98 -14.33 9.13
N ASN A 123 -30.84 -14.11 8.48
CA ASN A 123 -30.45 -12.79 8.03
C ASN A 123 -31.10 -12.39 6.70
N LEU A 124 -31.80 -13.32 6.03
CA LEU A 124 -32.51 -12.95 4.81
C LEU A 124 -33.74 -12.11 5.13
N MET A 125 -34.40 -12.39 6.25
CA MET A 125 -35.57 -11.61 6.65
C MET A 125 -35.20 -10.21 7.09
N ALA A 126 -33.94 -10.00 7.51
CA ALA A 126 -33.45 -8.65 7.81
C ALA A 126 -33.40 -7.76 6.57
N SER A 127 -33.34 -8.35 5.38
CA SER A 127 -33.43 -7.61 4.13
C SER A 127 -34.86 -7.46 3.66
N LYS A 128 -35.84 -7.85 4.47
CA LYS A 128 -37.26 -7.70 4.16
C LYS A 128 -37.96 -6.78 5.16
N ILE A 129 -37.25 -6.31 6.17
CA ILE A 129 -37.78 -5.48 7.25
C ILE A 129 -36.99 -4.17 7.24
N TRP A 130 -37.67 -3.08 7.61
CA TRP A 130 -37.02 -1.76 7.72
C TRP A 130 -35.85 -1.80 8.69
N THR A 131 -34.68 -1.52 8.17
CA THR A 131 -33.44 -1.41 8.90
C THR A 131 -32.98 0.04 8.84
N PRO A 132 -32.66 0.68 9.96
CA PRO A 132 -32.27 2.09 9.93
C PRO A 132 -30.93 2.28 9.24
N ASP A 133 -30.86 3.30 8.39
CA ASP A 133 -29.70 3.54 7.55
C ASP A 133 -28.62 4.29 8.34
N THR A 134 -27.99 3.54 9.23
CA THR A 134 -26.89 4.07 10.03
C THR A 134 -25.61 4.08 9.20
N PHE A 135 -24.94 5.22 9.16
CA PHE A 135 -23.65 5.31 8.50
C PHE A 135 -22.66 5.91 9.49
N PHE A 136 -21.40 5.92 9.08
CA PHE A 136 -20.30 6.37 9.91
C PHE A 136 -19.82 7.71 9.38
N HIS A 137 -19.89 8.74 10.22
CA HIS A 137 -19.56 10.10 9.81
C HIS A 137 -18.07 10.28 9.50
N ASN A 138 -17.21 9.38 9.98
CA ASN A 138 -15.79 9.48 9.68
C ASN A 138 -15.21 8.17 9.14
N GLY A 139 -16.05 7.28 8.63
CA GLY A 139 -15.56 6.04 8.05
C GLY A 139 -14.98 6.28 6.66
N LYS A 140 -13.83 5.66 6.40
CA LYS A 140 -13.14 5.80 5.12
C LYS A 140 -13.40 4.62 4.18
N LYS A 141 -13.10 3.41 4.63
CA LYS A 141 -13.40 2.21 3.85
C LYS A 141 -13.66 1.09 4.87
N SER A 142 -14.93 0.81 5.10
CA SER A 142 -15.35 -0.10 6.14
C SER A 142 -16.07 -1.29 5.53
N VAL A 143 -15.92 -2.44 6.19
CA VAL A 143 -16.36 -3.73 5.67
C VAL A 143 -17.47 -4.27 6.54
N ALA A 144 -18.59 -4.65 5.92
CA ALA A 144 -19.62 -5.43 6.59
C ALA A 144 -19.37 -6.89 6.22
N HIS A 145 -18.96 -7.69 7.19
CA HIS A 145 -18.49 -9.04 6.94
C HIS A 145 -19.64 -9.96 6.53
N ASN A 146 -19.32 -10.91 5.63
CA ASN A 146 -20.32 -11.90 5.26
C ASN A 146 -19.75 -13.30 5.11
N MET A 147 -18.70 -13.62 5.87
CA MET A 147 -18.14 -14.96 5.91
C MET A 147 -18.66 -15.67 7.15
N THR A 148 -19.29 -16.84 6.98
CA THR A 148 -19.51 -17.50 5.70
C THR A 148 -20.87 -17.14 5.15
N MET A 149 -21.70 -16.58 6.02
CA MET A 149 -22.99 -16.01 5.73
C MET A 149 -22.96 -14.58 6.21
N PRO A 150 -23.86 -13.71 5.72
CA PRO A 150 -23.91 -12.32 6.22
C PRO A 150 -24.15 -12.24 7.72
N ASN A 151 -23.16 -11.69 8.42
CA ASN A 151 -23.07 -11.79 9.88
C ASN A 151 -24.02 -10.78 10.52
N LYS A 152 -25.30 -11.11 10.43
CA LYS A 152 -26.39 -10.27 10.95
C LYS A 152 -27.40 -11.19 11.61
N LEU A 153 -27.85 -10.83 12.80
CA LEU A 153 -28.90 -11.57 13.49
C LEU A 153 -30.11 -10.66 13.67
N LEU A 154 -31.29 -11.21 13.43
CA LEU A 154 -32.54 -10.49 13.60
C LEU A 154 -33.39 -11.26 14.61
N ARG A 155 -33.69 -10.63 15.74
CA ARG A 155 -34.49 -11.25 16.79
C ARG A 155 -35.73 -10.41 17.02
N ILE A 156 -36.90 -11.04 16.94
CA ILE A 156 -38.17 -10.36 17.05
C ILE A 156 -38.87 -10.86 18.31
N THR A 157 -39.10 -9.96 19.26
CA THR A 157 -39.91 -10.33 20.41
C THR A 157 -41.39 -10.20 20.06
N GLU A 158 -42.25 -10.72 20.94
CA GLU A 158 -43.66 -10.83 20.61
C GLU A 158 -44.42 -9.51 20.68
N ASP A 159 -43.78 -8.45 21.17
CA ASP A 159 -44.39 -7.12 21.15
C ASP A 159 -43.86 -6.25 20.02
N GLY A 160 -43.04 -6.81 19.14
CA GLY A 160 -42.53 -6.09 18.00
C GLY A 160 -41.21 -5.38 18.21
N THR A 161 -40.56 -5.58 19.36
CA THR A 161 -39.28 -4.95 19.63
C THR A 161 -38.18 -5.73 18.92
N LEU A 162 -37.49 -5.08 18.00
CA LEU A 162 -36.51 -5.73 17.14
C LEU A 162 -35.12 -5.61 17.74
N LEU A 163 -34.34 -6.68 17.61
CA LEU A 163 -32.93 -6.69 17.97
C LEU A 163 -32.14 -7.07 16.73
N TYR A 164 -31.23 -6.20 16.31
CA TYR A 164 -30.54 -6.33 15.03
C TYR A 164 -29.08 -5.93 15.22
N THR A 165 -28.20 -6.93 15.28
CA THR A 165 -26.78 -6.69 15.47
C THR A 165 -26.03 -7.17 14.25
N MET A 166 -24.87 -6.57 14.01
CA MET A 166 -24.07 -6.93 12.84
C MET A 166 -22.60 -6.63 13.10
N ARG A 167 -21.74 -7.46 12.55
CA ARG A 167 -20.31 -7.37 12.79
C ARG A 167 -19.66 -6.53 11.71
N LEU A 168 -18.91 -5.51 12.14
CA LEU A 168 -18.39 -4.51 11.22
C LEU A 168 -16.91 -4.30 11.48
N THR A 169 -16.14 -4.19 10.41
CA THR A 169 -14.77 -3.68 10.46
C THR A 169 -14.79 -2.26 9.94
N VAL A 170 -14.45 -1.31 10.79
CA VAL A 170 -14.58 0.12 10.49
C VAL A 170 -13.20 0.73 10.44
N ARG A 171 -12.89 1.41 9.35
CA ARG A 171 -11.63 2.15 9.23
C ARG A 171 -12.00 3.63 9.29
N ALA A 172 -11.84 4.22 10.47
CA ALA A 172 -12.37 5.55 10.75
C ALA A 172 -11.25 6.58 10.82
N GLU A 173 -11.61 7.83 10.60
CA GLU A 173 -10.67 8.93 10.54
C GLU A 173 -10.43 9.49 11.95
N CYS A 174 -9.15 9.73 12.26
CA CYS A 174 -8.76 10.29 13.55
C CYS A 174 -7.84 11.48 13.30
N PRO A 175 -8.32 12.71 13.53
CA PRO A 175 -7.45 13.89 13.35
C PRO A 175 -6.38 13.93 14.43
N MET A 176 -5.13 13.95 14.01
CA MET A 176 -3.98 13.87 14.90
C MET A 176 -3.27 15.22 14.95
N HIS A 177 -2.83 15.59 16.16
CA HIS A 177 -2.04 16.79 16.40
C HIS A 177 -0.66 16.32 16.83
N LEU A 178 0.28 16.29 15.88
CA LEU A 178 1.59 15.68 16.08
C LEU A 178 2.64 16.70 16.54
N GLU A 179 2.24 17.75 17.25
CA GLU A 179 3.20 18.75 17.71
C GLU A 179 4.06 18.22 18.85
N ASP A 180 3.62 17.19 19.55
CA ASP A 180 4.38 16.56 20.62
C ASP A 180 4.72 15.11 20.26
N PHE A 181 5.02 14.88 18.99
CA PHE A 181 5.41 13.55 18.54
C PHE A 181 6.80 13.21 19.08
N PRO A 182 7.02 12.01 19.65
CA PRO A 182 6.13 10.86 19.85
C PRO A 182 5.41 10.82 21.19
N MET A 183 5.58 11.87 21.99
CA MET A 183 5.10 11.88 23.37
C MET A 183 3.70 12.47 23.49
N ASP A 184 2.87 12.29 22.47
CA ASP A 184 1.55 12.91 22.39
C ASP A 184 0.46 11.89 22.72
N ALA A 185 -0.73 12.43 23.00
CA ALA A 185 -1.93 11.64 23.21
C ALA A 185 -3.07 12.36 22.53
N HIS A 186 -3.99 11.59 21.94
CA HIS A 186 -5.06 12.17 21.15
C HIS A 186 -6.28 11.26 21.18
N ALA A 187 -7.44 11.86 20.88
CA ALA A 187 -8.72 11.17 20.91
C ALA A 187 -9.15 10.85 19.49
N CYS A 188 -9.56 9.60 19.27
CA CYS A 188 -10.03 9.16 17.96
C CYS A 188 -11.53 8.92 18.00
N PRO A 189 -12.33 9.74 17.32
CA PRO A 189 -13.78 9.60 17.42
C PRO A 189 -14.33 8.48 16.55
N LEU A 190 -15.43 7.91 17.02
CA LEU A 190 -16.27 6.99 16.25
C LEU A 190 -17.68 7.54 16.29
N LYS A 191 -18.13 8.10 15.17
CA LYS A 191 -19.34 8.92 15.13
C LYS A 191 -20.31 8.33 14.13
N PHE A 192 -21.52 8.01 14.57
CA PHE A 192 -22.51 7.42 13.70
C PHE A 192 -23.88 8.02 13.93
N GLY A 193 -24.69 8.01 12.88
CA GLY A 193 -26.05 8.51 12.92
C GLY A 193 -26.81 8.02 11.70
N SER A 194 -28.06 8.44 11.61
CA SER A 194 -28.87 8.08 10.45
C SER A 194 -28.43 8.87 9.22
N TYR A 195 -28.70 8.31 8.05
CA TYR A 195 -28.30 8.99 6.82
C TYR A 195 -29.41 9.85 6.25
N ALA A 196 -30.60 9.29 6.08
CA ALA A 196 -31.72 9.99 5.46
C ALA A 196 -32.73 10.54 6.45
N TYR A 197 -32.78 9.99 7.65
CA TYR A 197 -33.84 10.31 8.61
C TYR A 197 -33.32 11.30 9.63
N THR A 198 -34.05 12.40 9.80
CA THR A 198 -33.61 13.53 10.60
C THR A 198 -34.03 13.36 12.06
N ARG A 199 -33.91 14.43 12.85
CA ARG A 199 -34.32 14.39 14.26
C ARG A 199 -35.82 14.22 14.42
N ALA A 200 -36.61 14.74 13.48
CA ALA A 200 -38.05 14.58 13.54
C ALA A 200 -38.51 13.21 13.09
N GLU A 201 -37.60 12.35 12.63
CA GLU A 201 -37.97 11.03 12.14
C GLU A 201 -37.32 9.90 12.93
N VAL A 202 -36.00 9.91 13.10
CA VAL A 202 -35.29 8.85 13.81
C VAL A 202 -34.34 9.49 14.81
N VAL A 203 -34.50 9.14 16.09
CA VAL A 203 -33.64 9.61 17.17
C VAL A 203 -32.87 8.42 17.72
N TYR A 204 -31.55 8.53 17.78
CA TYR A 204 -30.73 7.49 18.35
C TYR A 204 -30.54 7.70 19.85
N GLU A 205 -30.47 6.59 20.57
CA GLU A 205 -30.19 6.57 22.00
C GLU A 205 -29.23 5.44 22.29
N TRP A 206 -28.75 5.38 23.53
CA TRP A 206 -27.96 4.26 23.99
C TRP A 206 -28.84 3.34 24.83
N THR A 207 -28.53 2.04 24.79
CA THR A 207 -29.37 1.05 25.47
C THR A 207 -29.25 1.17 26.98
N ARG A 208 -28.06 1.48 27.47
CA ARG A 208 -27.77 1.59 28.89
C ARG A 208 -27.31 3.01 29.19
N GLU A 209 -26.78 3.21 30.39
CA GLU A 209 -26.02 4.42 30.67
C GLU A 209 -24.86 4.52 29.69
N PRO A 210 -24.63 5.69 29.07
CA PRO A 210 -23.67 5.77 27.95
C PRO A 210 -22.23 5.45 28.32
N ALA A 211 -21.84 5.58 29.59
CA ALA A 211 -20.52 5.13 30.01
C ALA A 211 -20.40 3.61 29.99
N ARG A 212 -21.53 2.88 30.01
CA ARG A 212 -21.53 1.43 29.98
C ARG A 212 -22.16 0.89 28.71
N SER A 213 -22.43 1.75 27.72
CA SER A 213 -23.08 1.34 26.48
C SER A 213 -22.09 1.04 25.36
N VAL A 214 -20.80 1.28 25.56
CA VAL A 214 -19.76 0.87 24.64
C VAL A 214 -18.75 0.07 25.45
N VAL A 215 -18.68 -1.24 25.20
CA VAL A 215 -17.84 -2.14 25.97
C VAL A 215 -16.71 -2.63 25.09
N VAL A 216 -15.47 -2.39 25.51
CA VAL A 216 -14.30 -2.86 24.79
C VAL A 216 -13.88 -4.19 25.40
N ALA A 217 -13.63 -5.18 24.55
CA ALA A 217 -13.19 -6.48 25.02
C ALA A 217 -11.79 -6.41 25.62
N GLU A 218 -11.50 -7.34 26.52
CA GLU A 218 -10.23 -7.30 27.25
C GLU A 218 -9.08 -7.88 26.43
N ASP A 219 -9.26 -9.08 25.90
CA ASP A 219 -8.17 -9.78 25.21
C ASP A 219 -7.90 -9.19 23.83
N GLY A 220 -8.91 -8.65 23.17
CA GLY A 220 -8.73 -8.09 21.85
C GLY A 220 -8.18 -6.67 21.86
N SER A 221 -6.89 -6.53 22.14
CA SER A 221 -6.28 -5.21 22.10
C SER A 221 -5.97 -4.80 20.67
N ARG A 222 -5.06 -5.53 20.02
CA ARG A 222 -4.62 -5.34 18.63
C ARG A 222 -4.08 -3.92 18.42
N LEU A 223 -3.11 -3.54 19.24
CA LEU A 223 -2.43 -2.26 19.14
C LEU A 223 -0.94 -2.49 19.29
N ASN A 224 -0.15 -1.76 18.48
CA ASN A 224 1.30 -1.85 18.58
C ASN A 224 1.89 -0.68 19.36
N GLN A 225 1.69 0.54 18.87
CA GLN A 225 2.28 1.71 19.50
C GLN A 225 1.42 2.25 20.65
N TYR A 226 0.13 2.42 20.40
CA TYR A 226 -0.71 3.21 21.30
C TYR A 226 -1.14 2.38 22.50
N ASP A 227 -1.96 3.00 23.35
CA ASP A 227 -2.40 2.38 24.60
C ASP A 227 -3.75 2.97 24.93
N LEU A 228 -4.81 2.18 24.77
CA LEU A 228 -6.17 2.66 24.95
C LEU A 228 -6.44 2.91 26.43
N LEU A 229 -6.47 4.18 26.81
CA LEU A 229 -6.67 4.55 28.21
C LEU A 229 -8.12 4.51 28.63
N GLY A 230 -9.05 4.49 27.68
CA GLY A 230 -10.46 4.50 28.00
C GLY A 230 -11.23 5.29 26.95
N GLN A 231 -12.55 5.11 26.99
CA GLN A 231 -13.43 5.75 26.02
C GLN A 231 -14.38 6.72 26.71
N THR A 232 -14.81 7.72 25.95
CA THR A 232 -15.81 8.69 26.38
C THR A 232 -16.94 8.70 25.36
N VAL A 233 -18.16 8.51 25.84
CA VAL A 233 -19.34 8.37 24.99
C VAL A 233 -20.22 9.61 25.17
N ASP A 234 -20.55 10.27 24.05
CA ASP A 234 -21.36 11.48 24.07
C ASP A 234 -22.29 11.42 22.87
N SER A 235 -23.10 12.47 22.70
CA SER A 235 -24.12 12.50 21.65
C SER A 235 -24.27 13.93 21.15
N GLY A 236 -24.41 14.08 19.83
CA GLY A 236 -24.46 15.40 19.24
C GLY A 236 -25.49 15.57 18.14
N ILE A 237 -25.50 16.75 17.52
CA ILE A 237 -26.45 17.13 16.47
C ILE A 237 -25.69 17.86 15.37
N VAL A 238 -25.94 17.49 14.12
CA VAL A 238 -25.38 18.21 12.99
C VAL A 238 -26.42 19.18 12.44
N GLN A 239 -25.94 20.14 11.66
CA GLN A 239 -26.77 20.99 10.81
C GLN A 239 -26.24 20.82 9.40
N SER A 240 -26.75 19.83 8.68
CA SER A 240 -26.33 19.60 7.31
C SER A 240 -27.21 20.42 6.37
N SER A 241 -27.07 20.19 5.07
CA SER A 241 -27.90 20.87 4.09
C SER A 241 -29.25 20.18 3.88
N THR A 242 -29.50 19.07 4.58
CA THR A 242 -30.75 18.34 4.47
C THR A 242 -31.53 18.26 5.78
N GLY A 243 -30.99 18.75 6.88
CA GLY A 243 -31.69 18.76 8.14
C GLY A 243 -30.74 18.48 9.29
N GLU A 244 -31.31 18.19 10.45
CA GLU A 244 -30.57 17.91 11.67
C GLU A 244 -30.61 16.42 11.97
N TYR A 245 -29.44 15.83 12.20
CA TYR A 245 -29.31 14.39 12.41
C TYR A 245 -28.76 14.12 13.79
N VAL A 246 -29.39 13.19 14.51
CA VAL A 246 -28.86 12.75 15.80
C VAL A 246 -27.60 11.93 15.56
N VAL A 247 -26.51 12.31 16.23
CA VAL A 247 -25.21 11.68 16.05
C VAL A 247 -24.75 11.11 17.38
N MET A 248 -24.60 9.79 17.44
CA MET A 248 -23.94 9.15 18.55
C MET A 248 -22.43 9.21 18.34
N THR A 249 -21.69 9.23 19.45
CA THR A 249 -20.25 9.49 19.37
C THR A 249 -19.52 8.73 20.46
N THR A 250 -18.46 8.01 20.08
CA THR A 250 -17.52 7.41 21.02
C THR A 250 -16.12 7.95 20.73
N HIS A 251 -15.42 8.39 21.77
CA HIS A 251 -14.06 8.92 21.66
C HIS A 251 -13.08 7.99 22.34
N PHE A 252 -12.24 7.33 21.56
CA PHE A 252 -11.22 6.43 22.09
C PHE A 252 -9.94 7.22 22.35
N HIS A 253 -9.50 7.25 23.60
CA HIS A 253 -8.43 8.13 24.04
C HIS A 253 -7.12 7.34 24.10
N LEU A 254 -6.27 7.56 23.11
CA LEU A 254 -5.05 6.82 22.91
C LEU A 254 -3.85 7.61 23.41
N LYS A 255 -2.80 6.89 23.81
CA LYS A 255 -1.51 7.49 24.15
C LYS A 255 -0.41 6.64 23.54
N ARG A 256 0.45 7.27 22.74
CA ARG A 256 1.52 6.53 22.08
C ARG A 256 2.63 6.18 23.06
N LYS A 257 2.99 4.90 23.11
CA LYS A 257 4.17 4.48 23.83
C LYS A 257 5.40 4.84 23.01
N ILE A 258 6.40 5.40 23.69
CA ILE A 258 7.58 5.94 23.01
C ILE A 258 8.73 4.95 22.98
N GLY A 259 8.46 3.66 23.20
CA GLY A 259 9.53 2.69 23.33
C GLY A 259 10.26 2.41 22.02
N TYR A 260 9.54 2.41 20.91
CA TYR A 260 10.17 2.14 19.62
C TYR A 260 10.96 3.34 19.13
N PHE A 261 10.46 4.54 19.41
CA PHE A 261 11.07 5.76 18.89
C PHE A 261 12.24 6.26 19.73
N VAL A 262 12.40 5.74 20.95
CA VAL A 262 13.66 5.96 21.67
C VAL A 262 14.76 5.07 21.09
N ILE A 263 14.43 3.81 20.80
CA ILE A 263 15.42 2.83 20.37
C ILE A 263 15.96 3.15 18.99
N GLN A 264 15.07 3.49 18.05
CA GLN A 264 15.52 3.65 16.66
C GLN A 264 15.95 5.07 16.33
N THR A 265 15.54 6.07 17.11
CA THR A 265 15.91 7.44 16.81
C THR A 265 16.73 8.10 17.91
N TYR A 266 16.26 8.04 19.16
CA TYR A 266 16.84 8.86 20.22
C TYR A 266 18.19 8.33 20.68
N LEU A 267 18.28 7.02 20.95
CA LEU A 267 19.57 6.45 21.35
C LEU A 267 20.65 6.50 20.28
N PRO A 268 20.38 6.37 18.97
CA PRO A 268 21.43 6.75 18.01
C PRO A 268 21.74 8.23 17.97
N CYS A 269 20.76 9.10 18.21
CA CYS A 269 21.04 10.53 18.19
C CYS A 269 21.78 10.99 19.44
N ILE A 270 21.50 10.38 20.59
CA ILE A 270 22.23 10.72 21.82
C ILE A 270 23.67 10.24 21.72
N MET A 271 23.88 8.99 21.31
CA MET A 271 25.22 8.42 21.30
C MET A 271 26.08 8.94 20.15
N THR A 272 25.50 9.59 19.15
CA THR A 272 26.30 10.27 18.13
C THR A 272 26.83 11.60 18.65
N VAL A 273 26.04 12.28 19.50
CA VAL A 273 26.56 13.45 20.21
C VAL A 273 27.64 13.02 21.20
N ILE A 274 27.46 11.86 21.82
CA ILE A 274 28.50 11.31 22.70
C ILE A 274 29.73 10.90 21.90
N LEU A 275 29.54 10.45 20.64
CA LEU A 275 30.67 10.25 19.73
C LEU A 275 31.43 11.54 19.49
N SER A 276 30.75 12.57 18.99
CA SER A 276 31.38 13.84 18.57
C SER A 276 32.10 14.58 19.69
N GLN A 277 31.91 14.20 20.95
CA GLN A 277 32.62 14.76 22.08
C GLN A 277 33.85 13.95 22.48
N VAL A 278 34.03 12.76 21.91
CA VAL A 278 35.23 11.95 22.19
C VAL A 278 36.47 12.59 21.58
N SER A 279 36.33 13.27 20.44
CA SER A 279 37.46 13.91 19.79
C SER A 279 38.02 15.10 20.57
N PHE A 280 37.35 15.55 21.62
CA PHE A 280 37.93 16.55 22.50
C PHE A 280 39.05 15.97 23.34
N TRP A 281 39.01 14.66 23.58
CA TRP A 281 40.03 13.97 24.37
C TRP A 281 41.20 13.48 23.53
N LEU A 282 41.08 13.55 22.20
CA LEU A 282 42.21 13.24 21.34
C LEU A 282 43.14 14.45 21.30
N ASN A 283 44.39 14.21 20.92
CA ASN A 283 45.35 15.30 20.88
C ASN A 283 45.10 16.20 19.67
N ARG A 284 45.62 17.42 19.75
CA ARG A 284 45.34 18.44 18.76
C ARG A 284 46.17 18.28 17.50
N GLU A 285 47.25 17.48 17.56
CA GLU A 285 48.12 17.32 16.41
C GLU A 285 47.61 16.26 15.45
N SER A 286 46.67 15.41 15.88
CA SER A 286 46.06 14.41 15.02
C SER A 286 44.96 15.09 14.19
N VAL A 287 45.40 15.87 13.22
CA VAL A 287 44.53 16.60 12.31
C VAL A 287 43.74 15.66 11.39
N PRO A 288 44.32 14.61 10.77
CA PRO A 288 43.43 13.70 10.02
C PRO A 288 42.51 12.86 10.88
N ALA A 289 42.92 12.54 12.12
CA ALA A 289 42.12 11.67 12.96
C ALA A 289 40.85 12.36 13.43
N ARG A 290 40.94 13.63 13.80
CA ARG A 290 39.77 14.37 14.27
C ARG A 290 38.91 14.91 13.13
N THR A 291 39.47 15.05 11.93
CA THR A 291 38.66 15.49 10.79
C THR A 291 37.80 14.34 10.26
N VAL A 292 38.37 13.13 10.17
CA VAL A 292 37.59 11.94 9.85
C VAL A 292 36.54 11.69 10.93
N PHE A 293 36.89 11.98 12.18
CA PHE A 293 36.00 11.76 13.31
C PHE A 293 34.79 12.67 13.26
N GLY A 294 35.01 13.96 12.99
CA GLY A 294 33.95 14.94 13.17
C GLY A 294 32.96 14.99 12.03
N VAL A 295 33.43 14.88 10.78
CA VAL A 295 32.54 15.03 9.64
C VAL A 295 31.67 13.80 9.48
N THR A 296 32.14 12.63 9.96
CA THR A 296 31.39 11.40 9.80
C THR A 296 30.18 11.36 10.72
N THR A 297 30.32 11.89 11.95
CA THR A 297 29.17 12.00 12.84
C THR A 297 28.15 13.01 12.35
N VAL A 298 28.56 13.95 11.50
CA VAL A 298 27.58 14.80 10.82
C VAL A 298 26.82 13.98 9.78
N LEU A 299 27.52 13.09 9.07
CA LEU A 299 26.86 12.19 8.13
C LEU A 299 25.94 11.20 8.85
N THR A 300 26.31 10.81 10.08
CA THR A 300 25.46 9.93 10.88
C THR A 300 24.18 10.66 11.29
N MET A 301 24.31 11.92 11.73
CA MET A 301 23.13 12.69 12.10
C MET A 301 22.31 13.10 10.89
N THR A 302 22.93 13.21 9.72
CA THR A 302 22.17 13.47 8.50
C THR A 302 21.32 12.27 8.13
N THR A 303 21.87 11.05 8.30
CA THR A 303 21.12 9.83 8.03
C THR A 303 19.96 9.67 9.00
N LEU A 304 20.18 10.00 10.28
CA LEU A 304 19.13 9.87 11.27
C LEU A 304 18.06 10.94 11.11
N SER A 305 18.39 12.08 10.51
CA SER A 305 17.40 13.14 10.31
C SER A 305 16.38 12.74 9.25
N ILE A 306 16.87 12.31 8.09
CA ILE A 306 15.98 12.04 6.97
C ILE A 306 15.27 10.70 7.10
N SER A 307 15.83 9.76 7.87
CA SER A 307 15.18 8.46 8.02
C SER A 307 14.08 8.48 9.07
N ALA A 308 14.27 9.21 10.17
CA ALA A 308 13.26 9.28 11.21
C ALA A 308 12.09 10.18 10.84
N ARG A 309 12.31 11.14 9.93
CA ARG A 309 11.23 11.96 9.42
C ARG A 309 10.28 11.17 8.52
N ASN A 310 10.78 10.09 7.91
CA ASN A 310 9.95 9.29 7.00
C ASN A 310 8.85 8.52 7.73
N SER A 311 9.06 8.20 9.01
CA SER A 311 8.10 7.38 9.76
C SER A 311 7.04 8.27 10.44
N LEU A 312 6.36 9.05 9.62
CA LEU A 312 5.53 10.16 10.07
C LEU A 312 4.79 10.72 8.86
N PRO A 313 3.66 11.42 9.05
CA PRO A 313 3.10 12.23 7.96
C PRO A 313 3.97 13.41 7.57
N LYS A 314 3.54 14.13 6.54
CA LYS A 314 4.34 15.21 5.93
C LYS A 314 3.86 16.59 6.36
N VAL A 315 3.50 16.73 7.64
CA VAL A 315 3.03 18.01 8.17
C VAL A 315 4.12 19.08 8.09
N ALA A 316 3.69 20.34 8.08
CA ALA A 316 4.60 21.45 7.89
C ALA A 316 5.29 21.91 9.16
N TYR A 317 4.67 21.71 10.32
CA TYR A 317 5.27 22.16 11.56
C TYR A 317 6.38 21.20 12.00
N ALA A 318 7.07 21.57 13.07
CA ALA A 318 8.18 20.79 13.59
C ALA A 318 7.71 19.98 14.78
N THR A 319 7.79 18.66 14.66
CA THR A 319 7.39 17.78 15.74
C THR A 319 8.43 17.81 16.87
N ALA A 320 8.04 17.27 18.02
CA ALA A 320 8.92 17.30 19.19
C ALA A 320 10.13 16.41 19.02
N MET A 321 10.04 15.39 18.17
CA MET A 321 11.24 14.63 17.81
C MET A 321 12.16 15.46 16.93
N ASP A 322 11.59 16.29 16.04
CA ASP A 322 12.41 17.11 15.15
C ASP A 322 13.09 18.24 15.90
N TRP A 323 12.57 18.66 17.05
CA TRP A 323 13.31 19.60 17.89
C TRP A 323 14.52 18.93 18.51
N PHE A 324 14.43 17.63 18.81
CA PHE A 324 15.54 16.93 19.43
C PHE A 324 16.65 16.64 18.43
N ILE A 325 16.27 16.25 17.21
CA ILE A 325 17.26 15.93 16.18
C ILE A 325 17.98 17.19 15.71
N ALA A 326 17.29 18.33 15.68
CA ALA A 326 17.90 19.58 15.22
C ALA A 326 18.93 20.09 16.23
N VAL A 327 18.64 19.97 17.52
CA VAL A 327 19.59 20.43 18.53
C VAL A 327 20.75 19.45 18.66
N CYS A 328 20.48 18.15 18.58
CA CYS A 328 21.55 17.15 18.60
C CYS A 328 22.42 17.23 17.36
N TYR A 329 21.87 17.69 16.23
CA TYR A 329 22.69 18.00 15.07
C TYR A 329 23.59 19.20 15.35
N ALA A 330 23.10 20.16 16.14
CA ALA A 330 23.86 21.37 16.41
C ALA A 330 25.02 21.12 17.36
N PHE A 331 24.90 20.12 18.26
CA PHE A 331 26.07 19.72 19.05
C PHE A 331 27.12 19.06 18.18
N VAL A 332 26.69 18.24 17.21
CA VAL A 332 27.63 17.59 16.31
C VAL A 332 28.22 18.61 15.33
N PHE A 333 27.40 19.58 14.90
CA PHE A 333 27.88 20.66 14.05
C PHE A 333 28.91 21.53 14.78
N SER A 334 28.64 21.86 16.04
CA SER A 334 29.55 22.72 16.80
C SER A 334 30.83 21.99 17.21
N ALA A 335 30.80 20.66 17.28
CA ALA A 335 32.00 19.92 17.63
C ALA A 335 33.02 19.94 16.50
N LEU A 336 32.56 20.03 15.25
CA LEU A 336 33.48 20.12 14.12
C LEU A 336 34.03 21.52 13.94
N ILE A 337 33.21 22.53 14.23
CA ILE A 337 33.69 23.91 14.22
C ILE A 337 34.63 24.16 15.39
N GLU A 338 34.50 23.38 16.47
CA GLU A 338 35.43 23.47 17.59
C GLU A 338 36.83 23.04 17.17
N PHE A 339 36.94 21.98 16.36
CA PHE A 339 38.24 21.53 15.89
C PHE A 339 38.88 22.52 14.91
N ALA A 340 38.05 23.21 14.12
CA ALA A 340 38.58 24.20 13.18
C ALA A 340 39.20 25.38 13.91
N THR A 341 38.71 25.70 15.11
CA THR A 341 39.37 26.73 15.91
C THR A 341 40.63 26.18 16.56
N VAL A 342 40.62 24.91 16.96
CA VAL A 342 41.83 24.27 17.48
C VAL A 342 42.89 24.15 16.39
N ASN A 343 42.47 23.81 15.17
CA ASN A 343 43.41 23.66 14.07
C ASN A 343 43.98 25.01 13.63
N TYR A 344 43.24 26.09 13.82
CA TYR A 344 43.71 27.41 13.41
C TYR A 344 44.79 27.94 14.33
N PHE A 345 44.85 27.45 15.57
CA PHE A 345 45.83 27.92 16.55
C PHE A 345 46.78 26.81 16.99
N THR A 346 47.05 25.84 16.09
CA THR A 346 47.92 24.73 16.47
C THR A 346 49.39 25.15 16.50
N LYS A 347 49.82 25.90 15.46
CA LYS A 347 51.09 26.62 15.33
C LYS A 347 52.28 25.68 15.07
N ARG A 348 52.07 24.38 15.18
CA ARG A 348 53.08 23.38 14.84
C ARG A 348 52.39 22.24 14.12
N GLY A 349 53.16 21.20 13.79
CA GLY A 349 52.60 20.08 13.06
C GLY A 349 52.94 18.73 13.65
N TYR A 350 53.87 18.69 14.59
CA TYR A 350 54.34 17.45 15.19
C TYR A 350 53.86 17.34 16.63
N ALA A 351 53.78 16.09 17.10
CA ALA A 351 53.23 15.79 18.41
C ALA A 351 54.35 15.49 19.41
N TRP A 352 53.95 15.22 20.65
CA TRP A 352 54.90 15.00 21.73
C TRP A 352 55.45 13.59 21.68
N ASP A 353 56.76 13.47 21.46
CA ASP A 353 57.39 12.17 21.62
C ASP A 353 57.58 11.84 23.10
N GLY A 354 57.60 10.54 23.41
CA GLY A 354 57.58 10.11 24.80
C GLY A 354 58.85 10.37 25.57
N LYS A 355 59.97 10.58 24.87
CA LYS A 355 61.24 10.78 25.55
C LYS A 355 61.41 12.19 26.08
N SER A 356 60.62 13.15 25.61
CA SER A 356 60.75 14.53 26.04
C SER A 356 60.12 14.75 27.41
N LYS A 419 63.29 20.41 21.90
CA LYS A 419 62.42 21.17 21.01
C LYS A 419 61.10 21.51 21.67
N THR A 420 60.47 22.59 21.21
CA THR A 420 59.21 23.05 21.79
C THR A 420 58.03 22.27 21.24
N PHE A 421 57.03 22.08 22.09
CA PHE A 421 55.83 21.32 21.73
C PHE A 421 54.59 22.15 21.99
N ASN A 422 53.46 21.68 21.45
CA ASN A 422 52.18 22.36 21.61
C ASN A 422 51.58 22.00 22.95
N SER A 423 51.14 23.02 23.69
CA SER A 423 50.36 22.77 24.89
C SER A 423 48.95 22.33 24.51
N VAL A 424 48.32 21.57 25.41
CA VAL A 424 46.91 21.24 25.22
C VAL A 424 46.09 22.52 25.34
N SER A 425 45.28 22.78 24.31
CA SER A 425 44.70 24.11 24.14
C SER A 425 43.60 24.39 25.15
N LYS A 426 43.45 25.67 25.47
CA LYS A 426 42.47 26.08 26.49
C LYS A 426 41.04 25.92 25.98
N ILE A 427 40.83 26.02 24.67
CA ILE A 427 39.51 25.82 24.11
C ILE A 427 39.13 24.35 24.01
N ASP A 428 40.12 23.45 24.07
CA ASP A 428 39.80 22.03 24.12
C ASP A 428 39.52 21.59 25.55
N ARG A 429 40.31 22.10 26.51
CA ARG A 429 40.05 21.81 27.92
C ARG A 429 38.77 22.44 28.42
N LEU A 430 38.30 23.51 27.77
CA LEU A 430 37.00 24.08 28.11
C LEU A 430 35.85 23.24 27.55
N SER A 431 35.99 22.77 26.30
CA SER A 431 34.90 22.04 25.66
C SER A 431 34.81 20.58 26.12
N ARG A 432 35.83 20.08 26.82
CA ARG A 432 35.66 18.81 27.54
C ARG A 432 34.68 18.94 28.68
N ILE A 433 34.60 20.13 29.28
CA ILE A 433 33.74 20.38 30.41
C ILE A 433 32.41 20.97 29.97
N ALA A 434 32.42 21.85 28.98
CA ALA A 434 31.23 22.60 28.60
C ALA A 434 30.24 21.75 27.81
N PHE A 435 30.65 21.23 26.66
CA PHE A 435 29.76 20.53 25.74
C PHE A 435 29.16 19.21 26.25
N PRO A 436 29.84 18.37 27.04
CA PRO A 436 29.10 17.28 27.70
C PRO A 436 28.11 17.77 28.74
N LEU A 437 28.40 18.87 29.43
CA LEU A 437 27.48 19.38 30.43
C LEU A 437 26.24 20.00 29.79
N LEU A 438 26.43 20.76 28.71
CA LEU A 438 25.30 21.43 28.08
C LEU A 438 24.37 20.45 27.38
N PHE A 439 24.90 19.31 26.94
CA PHE A 439 24.02 18.28 26.38
C PHE A 439 23.24 17.56 27.48
N GLY A 440 23.84 17.43 28.67
CA GLY A 440 23.11 16.84 29.78
C GLY A 440 22.06 17.79 30.34
N ILE A 441 22.33 19.09 30.29
CA ILE A 441 21.35 20.09 30.73
C ILE A 441 20.19 20.15 29.74
N PHE A 442 20.48 20.01 28.45
CA PHE A 442 19.42 20.03 27.44
C PHE A 442 18.50 18.83 27.55
N ASN A 443 19.03 17.67 27.93
CA ASN A 443 18.19 16.50 28.13
C ASN A 443 17.29 16.66 29.36
N LEU A 444 17.74 17.42 30.36
CA LEU A 444 16.86 17.74 31.48
C LEU A 444 15.76 18.70 31.07
N VAL A 445 16.08 19.63 30.14
CA VAL A 445 15.06 20.55 29.65
C VAL A 445 14.10 19.85 28.70
N TYR A 446 14.62 19.01 27.82
CA TYR A 446 13.80 18.38 26.79
C TYR A 446 12.86 17.33 27.38
N TRP A 447 13.38 16.45 28.23
CA TRP A 447 12.58 15.34 28.73
C TRP A 447 11.62 15.73 29.84
N ALA A 448 11.81 16.88 30.47
CA ALA A 448 10.85 17.35 31.46
C ALA A 448 9.77 18.24 30.86
N THR A 449 10.00 18.80 29.68
CA THR A 449 9.00 19.65 29.05
C THR A 449 7.86 18.82 28.45
N TYR A 450 8.20 17.71 27.81
CA TYR A 450 7.25 16.97 27.00
C TYR A 450 6.66 15.74 27.69
N LEU A 451 7.36 15.15 28.64
CA LEU A 451 6.77 14.07 29.43
C LEU A 451 5.84 14.60 30.51
N ASN A 452 5.94 15.87 30.86
CA ASN A 452 5.02 16.47 31.82
C ASN A 452 3.65 16.69 31.20
N ARG A 453 3.59 16.86 29.88
CA ARG A 453 2.34 17.10 29.16
C ARG A 453 1.49 15.83 29.09
N ASN B 33 -34.37 -43.08 -14.17
CA ASN B 33 -32.97 -42.84 -13.83
C ASN B 33 -32.72 -41.37 -13.58
N MET B 34 -33.45 -40.52 -14.31
CA MET B 34 -33.36 -39.07 -14.20
C MET B 34 -34.67 -38.42 -13.82
N SER B 35 -35.79 -38.93 -14.33
CA SER B 35 -37.09 -38.32 -14.08
C SER B 35 -37.52 -38.51 -12.62
N PHE B 36 -37.16 -39.64 -12.02
CA PHE B 36 -37.50 -39.86 -10.62
C PHE B 36 -36.63 -39.03 -9.69
N VAL B 37 -35.37 -38.78 -10.08
CA VAL B 37 -34.48 -37.97 -9.26
C VAL B 37 -34.92 -36.51 -9.30
N LYS B 38 -35.45 -36.05 -10.45
CA LYS B 38 -35.93 -34.68 -10.56
C LYS B 38 -37.20 -34.47 -9.74
N GLU B 39 -38.03 -35.51 -9.59
CA GLU B 39 -39.24 -35.37 -8.79
C GLU B 39 -38.94 -35.29 -7.31
N THR B 40 -37.93 -36.02 -6.84
CA THR B 40 -37.62 -36.03 -5.41
C THR B 40 -36.93 -34.74 -4.98
N VAL B 41 -36.04 -34.21 -5.83
CA VAL B 41 -35.32 -32.99 -5.48
C VAL B 41 -36.25 -31.78 -5.51
N ASP B 42 -37.15 -31.74 -6.49
CA ASP B 42 -38.15 -30.67 -6.52
C ASP B 42 -39.22 -30.82 -5.46
N LYS B 43 -39.34 -32.00 -4.84
CA LYS B 43 -40.26 -32.17 -3.73
C LYS B 43 -39.66 -31.67 -2.43
N LEU B 44 -38.35 -31.85 -2.25
CA LEU B 44 -37.67 -31.39 -1.04
C LEU B 44 -37.64 -29.87 -0.98
N LEU B 45 -37.48 -29.22 -2.12
CA LEU B 45 -37.42 -27.77 -2.16
C LEU B 45 -38.81 -27.12 -2.19
N LYS B 46 -39.86 -27.90 -2.43
CA LYS B 46 -41.21 -27.36 -2.44
C LYS B 46 -41.71 -27.12 -1.02
N GLY B 47 -42.08 -25.88 -0.74
CA GLY B 47 -42.51 -25.52 0.61
C GLY B 47 -41.39 -25.43 1.62
N TYR B 48 -40.15 -25.42 1.18
CA TYR B 48 -39.01 -25.39 2.08
C TYR B 48 -38.76 -23.95 2.51
N ASP B 49 -38.83 -23.69 3.81
CA ASP B 49 -38.60 -22.35 4.35
C ASP B 49 -37.17 -22.28 4.88
N ILE B 50 -36.36 -21.41 4.27
CA ILE B 50 -34.94 -21.33 4.64
C ILE B 50 -34.70 -20.37 5.79
N ARG B 51 -35.73 -19.70 6.28
CA ARG B 51 -35.62 -18.82 7.43
C ARG B 51 -35.67 -19.56 8.75
N LEU B 52 -35.82 -20.88 8.72
CA LEU B 52 -35.99 -21.69 9.91
C LEU B 52 -34.95 -22.80 9.93
N ARG B 53 -34.23 -22.92 11.04
CA ARG B 53 -33.30 -24.01 11.23
C ARG B 53 -34.06 -25.32 11.42
N PRO B 54 -33.40 -26.47 11.24
CA PRO B 54 -34.02 -27.74 11.62
C PRO B 54 -34.30 -27.80 13.11
N ASP B 55 -35.53 -28.25 13.46
CA ASP B 55 -36.09 -28.22 14.81
C ASP B 55 -36.05 -26.81 15.39
N PHE B 56 -36.81 -25.92 14.74
CA PHE B 56 -36.80 -24.51 15.09
C PHE B 56 -37.42 -24.27 16.46
N GLY B 57 -38.46 -25.01 16.81
CA GLY B 57 -39.05 -24.92 18.13
C GLY B 57 -38.61 -25.98 19.09
N GLY B 58 -37.66 -26.84 18.72
CA GLY B 58 -37.28 -27.96 19.54
C GLY B 58 -35.82 -27.92 19.96
N PRO B 59 -35.15 -29.07 19.86
CA PRO B 59 -33.77 -29.18 20.34
C PRO B 59 -32.81 -28.40 19.45
N PRO B 60 -31.62 -28.08 19.94
CA PRO B 60 -30.60 -27.47 19.07
C PRO B 60 -30.04 -28.48 18.08
N VAL B 61 -29.49 -27.96 17.00
CA VAL B 61 -28.95 -28.78 15.91
C VAL B 61 -27.44 -28.90 16.08
N CYS B 62 -26.92 -30.09 15.80
CA CYS B 62 -25.49 -30.34 15.90
C CYS B 62 -24.84 -30.13 14.53
N VAL B 63 -23.81 -29.29 14.49
CA VAL B 63 -23.08 -28.97 13.27
C VAL B 63 -21.63 -29.37 13.50
N GLY B 64 -21.18 -30.41 12.78
CA GLY B 64 -19.82 -30.89 12.94
C GLY B 64 -18.89 -30.26 11.91
N MET B 65 -17.70 -29.86 12.38
CA MET B 65 -16.73 -29.18 11.56
C MET B 65 -15.66 -30.15 11.07
N ASN B 66 -15.07 -29.81 9.93
CA ASN B 66 -14.09 -30.67 9.28
C ASN B 66 -13.28 -29.79 8.34
N ILE B 67 -12.02 -29.56 8.66
CA ILE B 67 -11.19 -28.61 7.93
C ILE B 67 -10.03 -29.36 7.28
N ASP B 68 -9.87 -29.14 5.97
CA ASP B 68 -8.74 -29.68 5.21
C ASP B 68 -7.95 -28.48 4.70
N ILE B 69 -6.75 -28.29 5.24
CA ILE B 69 -5.97 -27.09 4.96
C ILE B 69 -5.19 -27.26 3.66
N ALA B 70 -5.39 -26.33 2.72
CA ALA B 70 -4.55 -26.31 1.53
C ALA B 70 -3.15 -25.83 1.87
N SER B 71 -3.02 -24.60 2.36
CA SER B 71 -1.73 -24.03 2.70
C SER B 71 -1.94 -22.83 3.61
N ILE B 72 -0.87 -22.47 4.32
CA ILE B 72 -0.78 -21.20 5.02
C ILE B 72 0.13 -20.31 4.18
N ASP B 73 -0.43 -19.24 3.63
CA ASP B 73 0.24 -18.51 2.56
C ASP B 73 1.35 -17.62 3.09
N MET B 74 1.03 -16.66 3.95
CA MET B 74 2.03 -15.80 4.53
C MET B 74 1.63 -15.44 5.95
N VAL B 75 2.61 -15.35 6.84
CA VAL B 75 2.39 -14.97 8.23
C VAL B 75 3.19 -13.70 8.46
N SER B 76 2.53 -12.56 8.29
CA SER B 76 3.21 -11.27 8.30
C SER B 76 3.29 -10.74 9.73
N GLU B 77 4.52 -10.46 10.19
CA GLU B 77 4.70 -9.84 11.49
C GLU B 77 4.36 -8.35 11.48
N VAL B 78 4.41 -7.71 10.32
CA VAL B 78 4.17 -6.28 10.25
C VAL B 78 2.69 -5.98 10.44
N ASN B 79 1.83 -6.70 9.71
CA ASN B 79 0.39 -6.52 9.80
C ASN B 79 -0.24 -7.34 10.93
N MET B 80 0.56 -8.18 11.60
CA MET B 80 0.12 -9.06 12.69
C MET B 80 -1.04 -9.97 12.27
N ASP B 81 -0.82 -10.72 11.20
CA ASP B 81 -1.87 -11.56 10.65
C ASP B 81 -1.24 -12.80 10.03
N TYR B 82 -2.11 -13.66 9.49
CA TYR B 82 -1.68 -14.83 8.74
C TYR B 82 -2.79 -15.22 7.79
N THR B 83 -2.41 -15.74 6.62
CA THR B 83 -3.36 -16.13 5.60
C THR B 83 -3.53 -17.65 5.60
N LEU B 84 -4.78 -18.11 5.63
CA LEU B 84 -5.10 -19.53 5.70
C LEU B 84 -6.07 -19.88 4.60
N THR B 85 -5.67 -20.81 3.73
CA THR B 85 -6.54 -21.33 2.67
C THR B 85 -6.89 -22.77 3.01
N MET B 86 -8.19 -23.06 3.09
CA MET B 86 -8.63 -24.33 3.65
C MET B 86 -9.93 -24.78 3.02
N TYR B 87 -10.15 -26.09 3.01
CA TYR B 87 -11.43 -26.67 2.66
C TYR B 87 -12.25 -26.81 3.94
N PHE B 88 -13.43 -26.23 3.95
CA PHE B 88 -14.20 -26.03 5.18
C PHE B 88 -15.55 -26.70 5.04
N GLN B 89 -15.76 -27.79 5.77
CA GLN B 89 -16.94 -28.62 5.61
C GLN B 89 -17.78 -28.62 6.89
N GLN B 90 -19.09 -28.84 6.72
CA GLN B 90 -20.05 -28.82 7.82
C GLN B 90 -21.08 -29.91 7.60
N TYR B 91 -21.17 -30.87 8.52
CA TYR B 91 -22.26 -31.84 8.53
C TYR B 91 -23.34 -31.40 9.51
N TRP B 92 -24.60 -31.46 9.07
CA TRP B 92 -25.74 -31.42 9.96
C TRP B 92 -26.87 -32.18 9.29
N ARG B 93 -27.85 -32.58 10.09
CA ARG B 93 -29.02 -33.26 9.54
C ARG B 93 -30.18 -32.28 9.40
N ASP B 94 -31.06 -32.58 8.45
CA ASP B 94 -32.23 -31.76 8.18
C ASP B 94 -33.34 -32.70 7.76
N LYS B 95 -34.33 -32.90 8.62
CA LYS B 95 -35.40 -33.85 8.34
C LYS B 95 -36.35 -33.37 7.25
N ARG B 96 -36.30 -32.09 6.90
CA ARG B 96 -37.02 -31.60 5.72
C ARG B 96 -36.38 -32.05 4.42
N LEU B 97 -35.13 -32.50 4.46
CA LEU B 97 -34.38 -32.88 3.27
C LEU B 97 -34.16 -34.40 3.20
N ALA B 98 -35.11 -35.18 3.70
CA ALA B 98 -35.01 -36.63 3.70
C ALA B 98 -35.83 -37.19 2.55
N TYR B 99 -35.19 -38.00 1.71
CA TYR B 99 -35.83 -38.63 0.56
C TYR B 99 -35.72 -40.15 0.68
N SER B 100 -36.44 -40.85 -0.19
CA SER B 100 -36.46 -42.29 -0.19
C SER B 100 -36.37 -42.81 -1.62
N GLY B 101 -36.08 -44.10 -1.75
CA GLY B 101 -36.06 -44.76 -3.03
C GLY B 101 -34.79 -44.57 -3.84
N ILE B 102 -33.87 -43.73 -3.40
CA ILE B 102 -32.62 -43.47 -4.10
C ILE B 102 -31.47 -43.83 -3.17
N PRO B 103 -30.66 -44.84 -3.51
CA PRO B 103 -29.51 -45.19 -2.66
C PRO B 103 -28.31 -44.25 -2.80
N LEU B 104 -28.39 -43.27 -3.68
CA LEU B 104 -27.26 -42.42 -4.00
C LEU B 104 -27.22 -41.19 -3.10
N ASN B 105 -26.02 -40.81 -2.69
CA ASN B 105 -25.81 -39.52 -2.05
C ASN B 105 -25.87 -38.46 -3.13
N LEU B 106 -26.97 -37.72 -3.19
CA LEU B 106 -27.20 -36.77 -4.27
C LEU B 106 -26.31 -35.56 -4.09
N THR B 107 -25.29 -35.44 -4.93
CA THR B 107 -24.49 -34.23 -5.02
C THR B 107 -25.18 -33.25 -5.96
N LEU B 108 -25.51 -32.08 -5.45
CA LEU B 108 -26.24 -31.08 -6.23
C LEU B 108 -25.31 -29.96 -6.64
N ASP B 109 -25.80 -29.13 -7.57
CA ASP B 109 -25.09 -27.93 -7.96
C ASP B 109 -25.04 -26.95 -6.79
N ASN B 110 -24.03 -26.07 -6.80
CA ASN B 110 -23.84 -25.15 -5.68
C ASN B 110 -24.91 -24.07 -5.59
N ARG B 111 -25.76 -23.90 -6.61
CA ARG B 111 -26.81 -22.90 -6.56
C ARG B 111 -27.95 -23.29 -5.64
N VAL B 112 -28.06 -24.58 -5.25
CA VAL B 112 -29.10 -24.98 -4.32
C VAL B 112 -28.76 -24.58 -2.89
N ALA B 113 -27.51 -24.19 -2.62
CA ALA B 113 -27.14 -23.68 -1.31
C ALA B 113 -27.74 -22.31 -1.03
N ASP B 114 -28.21 -21.61 -2.06
CA ASP B 114 -29.01 -20.41 -1.86
C ASP B 114 -30.44 -20.73 -1.44
N GLN B 115 -30.87 -21.98 -1.59
CA GLN B 115 -32.24 -22.41 -1.30
C GLN B 115 -32.29 -23.33 -0.09
N LEU B 116 -31.24 -23.39 0.71
CA LEU B 116 -31.19 -24.24 1.88
C LEU B 116 -30.72 -23.44 3.07
N TRP B 117 -31.14 -23.87 4.27
CA TRP B 117 -30.59 -23.29 5.49
C TRP B 117 -29.16 -23.78 5.68
N VAL B 118 -28.23 -22.84 5.78
CA VAL B 118 -26.85 -23.16 6.13
C VAL B 118 -26.49 -22.33 7.36
N PRO B 119 -25.61 -22.81 8.24
CA PRO B 119 -25.29 -22.06 9.45
C PRO B 119 -24.49 -20.80 9.15
N ASP B 120 -24.73 -19.78 9.96
CA ASP B 120 -24.06 -18.49 9.82
C ASP B 120 -22.76 -18.42 10.61
N THR B 121 -21.88 -19.39 10.37
CA THR B 121 -20.63 -19.47 11.09
C THR B 121 -19.68 -18.37 10.64
N TYR B 122 -19.09 -17.66 11.59
CA TYR B 122 -18.16 -16.59 11.28
C TYR B 122 -16.86 -16.82 12.02
N PHE B 123 -15.84 -16.08 11.61
CA PHE B 123 -14.51 -16.17 12.18
C PHE B 123 -14.23 -14.87 12.91
N LEU B 124 -13.91 -14.97 14.21
CA LEU B 124 -13.76 -13.75 14.99
C LEU B 124 -12.42 -13.05 14.68
N ASN B 125 -11.40 -13.81 14.31
CA ASN B 125 -10.11 -13.25 13.98
C ASN B 125 -10.06 -12.65 12.57
N ASP B 126 -11.13 -12.75 11.81
CA ASP B 126 -11.08 -12.57 10.37
C ASP B 126 -10.94 -11.09 10.02
N LYS B 127 -9.85 -10.75 9.34
CA LYS B 127 -9.71 -9.40 8.78
C LYS B 127 -10.37 -9.32 7.41
N LYS B 128 -9.99 -10.20 6.50
CA LYS B 128 -10.52 -10.18 5.13
C LYS B 128 -10.52 -11.60 4.59
N SER B 129 -11.67 -12.06 4.11
CA SER B 129 -11.79 -13.41 3.59
C SER B 129 -12.73 -13.42 2.40
N PHE B 130 -12.61 -14.46 1.59
CA PHE B 130 -13.39 -14.58 0.36
C PHE B 130 -13.49 -16.05 -0.01
N VAL B 131 -14.66 -16.46 -0.49
CA VAL B 131 -14.82 -17.79 -1.07
C VAL B 131 -14.37 -17.71 -2.53
N HIS B 132 -13.53 -18.66 -2.94
CA HIS B 132 -13.02 -18.69 -4.30
C HIS B 132 -14.14 -18.98 -5.30
N GLY B 133 -14.07 -18.31 -6.45
CA GLY B 133 -15.15 -18.36 -7.41
C GLY B 133 -14.77 -18.72 -8.84
N VAL B 134 -13.82 -19.64 -8.99
CA VAL B 134 -13.36 -20.10 -10.30
C VAL B 134 -13.38 -21.63 -10.28
N THR B 135 -14.09 -22.25 -11.23
CA THR B 135 -14.80 -21.58 -12.32
C THR B 135 -16.24 -21.28 -11.93
N VAL B 136 -16.66 -21.86 -10.81
CA VAL B 136 -17.90 -21.51 -10.14
C VAL B 136 -17.54 -21.15 -8.71
N LYS B 137 -18.55 -20.68 -7.97
CA LYS B 137 -18.37 -20.45 -6.54
C LYS B 137 -18.18 -21.79 -5.85
N ASN B 138 -17.06 -21.95 -5.14
CA ASN B 138 -16.66 -23.25 -4.63
C ASN B 138 -17.48 -23.60 -3.40
N ARG B 139 -18.69 -24.08 -3.66
CA ARG B 139 -19.57 -24.64 -2.66
C ARG B 139 -19.90 -26.07 -3.08
N MET B 140 -20.45 -26.83 -2.14
CA MET B 140 -21.02 -28.12 -2.48
C MET B 140 -22.19 -28.41 -1.56
N ILE B 141 -23.20 -29.06 -2.11
CA ILE B 141 -24.31 -29.61 -1.35
C ILE B 141 -24.42 -31.08 -1.70
N ARG B 142 -24.25 -31.94 -0.70
CA ARG B 142 -24.34 -33.38 -0.89
C ARG B 142 -25.40 -33.89 0.07
N LEU B 143 -26.60 -34.11 -0.44
CA LEU B 143 -27.66 -34.63 0.41
C LEU B 143 -27.47 -36.12 0.64
N HIS B 144 -28.00 -36.59 1.75
CA HIS B 144 -27.94 -38.00 2.14
C HIS B 144 -29.36 -38.47 2.40
N PRO B 145 -29.67 -39.77 2.17
CA PRO B 145 -31.09 -40.20 2.23
C PRO B 145 -31.68 -40.31 3.62
N ASP B 146 -30.98 -39.83 4.65
CA ASP B 146 -31.55 -39.73 5.98
C ASP B 146 -31.68 -38.30 6.47
N GLY B 147 -31.33 -37.31 5.66
CA GLY B 147 -31.44 -35.92 6.02
C GLY B 147 -30.13 -35.21 6.23
N THR B 148 -29.03 -35.94 6.28
CA THR B 148 -27.71 -35.33 6.46
C THR B 148 -27.31 -34.58 5.20
N VAL B 149 -26.74 -33.39 5.38
CA VAL B 149 -26.31 -32.56 4.26
C VAL B 149 -24.89 -32.05 4.52
N LEU B 150 -24.00 -32.29 3.55
CA LEU B 150 -22.65 -31.76 3.56
C LEU B 150 -22.60 -30.44 2.83
N TYR B 151 -22.03 -29.43 3.49
CA TYR B 151 -21.82 -28.11 2.90
C TYR B 151 -20.34 -27.79 3.01
N GLY B 152 -19.67 -27.70 1.87
CA GLY B 152 -18.24 -27.53 1.86
C GLY B 152 -17.79 -26.27 1.15
N LEU B 153 -17.02 -25.45 1.85
CA LEU B 153 -16.49 -24.20 1.32
C LEU B 153 -14.98 -24.29 1.16
N ARG B 154 -14.46 -23.53 0.22
CA ARG B 154 -13.03 -23.45 -0.04
C ARG B 154 -12.65 -21.99 0.22
N ILE B 155 -12.22 -21.72 1.44
CA ILE B 155 -12.12 -20.35 1.97
C ILE B 155 -10.65 -19.98 2.09
N THR B 156 -10.29 -18.81 1.57
CA THR B 156 -9.03 -18.16 1.89
C THR B 156 -9.32 -17.03 2.88
N THR B 157 -8.80 -17.14 4.09
CA THR B 157 -9.05 -16.17 5.13
C THR B 157 -7.74 -15.52 5.56
N THR B 158 -7.85 -14.30 6.08
CA THR B 158 -6.72 -13.59 6.67
C THR B 158 -7.09 -13.31 8.12
N ALA B 159 -6.61 -14.15 9.02
CA ALA B 159 -6.97 -14.04 10.43
C ALA B 159 -5.89 -13.28 11.17
N ALA B 160 -6.27 -12.66 12.28
CA ALA B 160 -5.42 -11.75 13.03
C ALA B 160 -4.94 -12.44 14.31
N CYS B 161 -3.65 -12.73 14.36
CA CYS B 161 -3.01 -13.17 15.60
C CYS B 161 -1.97 -12.14 16.01
N MET B 162 -2.12 -11.60 17.21
CA MET B 162 -1.15 -10.66 17.74
C MET B 162 0.07 -11.41 18.27
N MET B 163 1.23 -10.81 18.12
CA MET B 163 2.49 -11.49 18.38
C MET B 163 3.25 -10.78 19.49
N ASP B 164 3.83 -11.58 20.38
CA ASP B 164 4.71 -11.08 21.43
C ASP B 164 6.13 -11.30 20.94
N LEU B 165 6.76 -10.23 20.46
CA LEU B 165 8.07 -10.30 19.83
C LEU B 165 9.19 -9.92 20.80
N ARG B 166 9.05 -10.24 22.08
CA ARG B 166 10.12 -10.02 23.04
C ARG B 166 11.22 -11.07 22.96
N ARG B 167 11.03 -12.13 22.19
CA ARG B 167 12.06 -13.14 21.96
C ARG B 167 12.37 -13.29 20.48
N TYR B 168 12.20 -12.23 19.71
CA TYR B 168 12.45 -12.27 18.28
C TYR B 168 13.96 -12.32 18.02
N PRO B 169 14.42 -13.10 17.02
CA PRO B 169 13.71 -14.05 16.17
C PRO B 169 13.87 -15.48 16.66
N LEU B 170 14.01 -15.65 17.98
CA LEU B 170 14.20 -16.94 18.61
C LEU B 170 12.92 -17.40 19.32
N ASP B 171 11.78 -16.94 18.83
CA ASP B 171 10.51 -17.02 19.55
C ASP B 171 9.62 -18.15 19.04
N GLU B 172 8.56 -18.40 19.79
CA GLU B 172 7.45 -19.23 19.36
C GLU B 172 6.15 -18.47 19.57
N GLN B 173 5.35 -18.35 18.52
CA GLN B 173 4.05 -17.74 18.59
C GLN B 173 2.98 -18.82 18.55
N ASN B 174 1.73 -18.44 18.82
CA ASN B 174 0.66 -19.28 18.30
C ASN B 174 -0.44 -18.39 17.73
N CYS B 175 -1.18 -18.94 16.78
CA CYS B 175 -2.18 -18.19 16.06
C CYS B 175 -3.45 -19.03 15.96
N THR B 176 -4.59 -18.42 16.27
CA THR B 176 -5.84 -19.12 16.41
C THR B 176 -6.83 -18.73 15.31
N LEU B 177 -7.82 -19.60 15.12
CA LEU B 177 -8.95 -19.32 14.23
C LEU B 177 -10.23 -19.69 14.97
N GLU B 178 -11.10 -18.71 15.18
CA GLU B 178 -12.22 -18.86 16.10
C GLU B 178 -13.52 -19.06 15.31
N ILE B 179 -13.86 -20.32 15.07
CA ILE B 179 -15.10 -20.65 14.39
C ILE B 179 -16.26 -20.49 15.38
N GLU B 180 -17.26 -19.70 15.01
CA GLU B 180 -18.37 -19.41 15.90
C GLU B 180 -19.61 -19.09 15.08
N SER B 181 -20.78 -19.51 15.56
CA SER B 181 -22.03 -19.09 14.95
C SER B 181 -22.38 -17.67 15.37
N TYR B 182 -23.14 -16.98 14.53
CA TYR B 182 -23.46 -15.59 14.80
C TYR B 182 -24.85 -15.40 15.36
N GLY B 183 -25.86 -15.91 14.68
CA GLY B 183 -27.23 -15.58 15.03
C GLY B 183 -27.91 -16.58 15.95
N TYR B 184 -27.33 -17.77 16.09
CA TYR B 184 -27.93 -18.82 16.87
C TYR B 184 -27.09 -19.11 18.11
N THR B 185 -27.75 -19.16 19.26
CA THR B 185 -27.08 -19.35 20.53
C THR B 185 -26.81 -20.83 20.76
N THR B 186 -26.35 -21.18 21.96
CA THR B 186 -26.12 -22.57 22.29
C THR B 186 -27.41 -23.33 22.59
N ASP B 187 -28.55 -22.64 22.67
CA ASP B 187 -29.86 -23.26 22.74
C ASP B 187 -30.49 -23.43 21.37
N ASP B 188 -29.78 -23.08 20.30
CA ASP B 188 -30.24 -23.29 18.93
C ASP B 188 -29.27 -24.10 18.08
N ILE B 189 -27.98 -24.08 18.39
CA ILE B 189 -26.98 -24.76 17.57
C ILE B 189 -25.88 -25.25 18.50
N GLU B 190 -25.27 -26.37 18.10
CA GLU B 190 -24.13 -26.94 18.81
C GLU B 190 -23.04 -27.25 17.81
N PHE B 191 -21.79 -27.03 18.21
CA PHE B 191 -20.67 -27.38 17.35
C PHE B 191 -19.82 -28.46 18.00
N TYR B 192 -19.24 -29.31 17.15
CA TYR B 192 -18.25 -30.29 17.57
C TYR B 192 -17.28 -30.46 16.41
N TRP B 193 -16.12 -31.02 16.72
CA TRP B 193 -15.17 -31.40 15.70
C TRP B 193 -15.40 -32.87 15.36
N ARG B 194 -15.57 -33.17 14.07
CA ARG B 194 -15.80 -34.54 13.65
C ARG B 194 -14.50 -35.33 13.76
N GLY B 195 -14.43 -36.22 14.75
CA GLY B 195 -13.16 -36.84 15.06
C GLY B 195 -12.23 -35.82 15.67
N GLY B 196 -12.50 -35.44 16.92
CA GLY B 196 -11.90 -34.28 17.60
C GLY B 196 -10.39 -34.30 17.72
N ASP B 197 -9.72 -35.39 17.38
CA ASP B 197 -8.28 -35.41 17.20
C ASP B 197 -7.88 -35.31 15.73
N LYS B 198 -8.63 -35.96 14.84
CA LYS B 198 -8.32 -35.98 13.42
C LYS B 198 -9.34 -35.22 12.59
N ALA B 199 -9.87 -34.12 13.14
CA ALA B 199 -10.82 -33.30 12.40
C ALA B 199 -10.09 -32.42 11.39
N VAL B 200 -9.08 -31.69 11.85
CA VAL B 200 -8.28 -30.83 10.98
C VAL B 200 -7.11 -31.64 10.44
N THR B 201 -7.10 -31.84 9.13
CA THR B 201 -6.03 -32.55 8.44
C THR B 201 -5.25 -31.60 7.55
N GLY B 202 -4.08 -32.05 7.12
CA GLY B 202 -3.23 -31.24 6.27
C GLY B 202 -2.35 -30.26 7.00
N VAL B 203 -2.21 -30.38 8.32
CA VAL B 203 -1.35 -29.47 9.07
C VAL B 203 0.12 -29.82 8.87
N GLU B 204 0.43 -31.11 8.85
CA GLU B 204 1.82 -31.54 8.67
C GLU B 204 2.34 -31.31 7.26
N ARG B 205 1.45 -31.14 6.28
CA ARG B 205 1.86 -30.88 4.90
C ARG B 205 1.91 -29.41 4.57
N ILE B 206 2.13 -28.54 5.55
CA ILE B 206 2.23 -27.10 5.34
C ILE B 206 3.71 -26.73 5.37
N GLU B 207 4.18 -26.10 4.30
CA GLU B 207 5.55 -25.61 4.20
C GLU B 207 5.54 -24.11 4.42
N LEU B 208 6.15 -23.68 5.51
CA LEU B 208 6.34 -22.26 5.81
C LEU B 208 7.81 -21.91 5.72
N PRO B 209 8.17 -20.80 5.08
CA PRO B 209 9.60 -20.50 4.89
C PRO B 209 10.30 -20.05 6.16
N GLN B 210 9.61 -19.36 7.06
CA GLN B 210 10.21 -18.92 8.31
C GLN B 210 9.86 -19.80 9.50
N PHE B 211 8.80 -20.59 9.40
CA PHE B 211 8.17 -21.19 10.57
C PHE B 211 8.13 -22.71 10.46
N SER B 212 8.05 -23.34 11.63
CA SER B 212 7.92 -24.79 11.75
C SER B 212 6.77 -25.08 12.69
N ILE B 213 5.72 -25.72 12.20
CA ILE B 213 4.52 -25.98 12.99
C ILE B 213 4.84 -27.11 13.97
N VAL B 214 4.83 -26.78 15.26
CA VAL B 214 5.13 -27.78 16.29
C VAL B 214 3.93 -28.71 16.51
N GLU B 215 2.78 -28.14 16.82
CA GLU B 215 1.56 -28.93 17.02
C GLU B 215 0.36 -28.05 16.77
N HIS B 216 -0.82 -28.69 16.78
CA HIS B 216 -2.09 -28.00 16.68
C HIS B 216 -3.06 -28.57 17.69
N ARG B 217 -3.97 -27.72 18.19
CA ARG B 217 -4.91 -28.10 19.22
C ARG B 217 -6.32 -27.71 18.80
N LEU B 218 -7.29 -28.50 19.23
CA LEU B 218 -8.71 -28.28 18.93
C LEU B 218 -9.46 -28.13 20.24
N VAL B 219 -10.07 -26.96 20.45
CA VAL B 219 -10.75 -26.63 21.69
C VAL B 219 -12.20 -26.31 21.38
N SER B 220 -13.12 -26.98 22.07
CA SER B 220 -14.55 -26.74 21.94
C SER B 220 -15.05 -26.13 23.25
N ARG B 221 -15.59 -24.92 23.18
CA ARG B 221 -16.02 -24.22 24.38
C ARG B 221 -17.19 -23.31 24.03
N ASN B 222 -17.67 -22.58 25.04
CA ASN B 222 -18.77 -21.63 24.88
C ASN B 222 -18.31 -20.25 25.29
N VAL B 223 -18.80 -19.23 24.58
CA VAL B 223 -18.54 -17.84 24.96
C VAL B 223 -19.88 -17.18 25.24
N VAL B 224 -19.83 -16.16 26.09
CA VAL B 224 -21.03 -15.48 26.57
C VAL B 224 -20.90 -14.01 26.24
N PHE B 225 -21.72 -13.54 25.31
CA PHE B 225 -21.82 -12.12 25.01
C PHE B 225 -23.02 -11.52 25.74
N ALA B 226 -23.33 -10.26 25.42
CA ALA B 226 -24.47 -9.60 26.04
C ALA B 226 -25.79 -10.16 25.51
N THR B 227 -25.81 -10.64 24.27
CA THR B 227 -27.04 -11.16 23.70
C THR B 227 -27.33 -12.59 24.14
N GLY B 228 -26.32 -13.44 24.22
CA GLY B 228 -26.55 -14.81 24.61
C GLY B 228 -25.25 -15.57 24.77
N ALA B 229 -25.39 -16.90 24.88
CA ALA B 229 -24.26 -17.80 24.99
C ALA B 229 -24.07 -18.54 23.68
N TYR B 230 -22.89 -18.39 23.08
CA TYR B 230 -22.67 -18.90 21.74
C TYR B 230 -21.61 -19.98 21.71
N PRO B 231 -21.76 -20.98 20.85
CA PRO B 231 -20.76 -22.04 20.78
C PRO B 231 -19.59 -21.63 19.89
N ARG B 232 -18.38 -22.01 20.32
CA ARG B 232 -17.16 -21.57 19.65
C ARG B 232 -16.16 -22.70 19.56
N LEU B 233 -15.58 -22.88 18.38
CA LEU B 233 -14.48 -23.82 18.17
C LEU B 233 -13.25 -23.05 17.77
N SER B 234 -12.09 -23.42 18.29
CA SER B 234 -10.85 -22.73 18.02
C SER B 234 -9.81 -23.69 17.46
N LEU B 235 -9.16 -23.28 16.36
CA LEU B 235 -8.07 -24.00 15.73
C LEU B 235 -6.79 -23.20 15.89
N SER B 236 -5.84 -23.73 16.64
CA SER B 236 -4.64 -22.99 17.03
C SER B 236 -3.39 -23.71 16.57
N PHE B 237 -2.39 -22.94 16.14
CA PHE B 237 -1.16 -23.45 15.55
C PHE B 237 0.02 -22.84 16.28
N ARG B 238 0.78 -23.63 17.02
CA ARG B 238 1.95 -23.12 17.72
C ARG B 238 3.13 -23.13 16.75
N LEU B 239 3.49 -21.93 16.28
CA LEU B 239 4.50 -21.74 15.25
C LEU B 239 5.86 -21.48 15.90
N LYS B 240 6.88 -22.23 15.48
CA LYS B 240 8.24 -22.02 15.94
C LYS B 240 9.05 -21.42 14.81
N ARG B 241 9.76 -20.33 15.09
CA ARG B 241 10.46 -19.60 14.05
C ARG B 241 11.81 -20.26 13.77
N ASN B 242 12.01 -20.69 12.52
CA ASN B 242 13.34 -21.12 12.09
C ASN B 242 14.27 -19.92 12.05
N ILE B 243 15.51 -20.12 12.49
CA ILE B 243 16.44 -19.03 12.74
C ILE B 243 17.59 -19.03 11.75
N GLY B 244 17.52 -19.83 10.69
CA GLY B 244 18.61 -19.87 9.74
C GLY B 244 18.71 -18.64 8.87
N TYR B 245 17.60 -17.93 8.67
CA TYR B 245 17.64 -16.68 7.94
C TYR B 245 18.39 -15.60 8.69
N PHE B 246 18.32 -15.61 10.01
CA PHE B 246 18.80 -14.49 10.80
C PHE B 246 20.26 -14.63 11.20
N ILE B 247 20.77 -15.86 11.27
CA ILE B 247 22.21 -16.08 11.50
C ILE B 247 23.01 -15.53 10.31
N LEU B 248 22.54 -15.80 9.11
CA LEU B 248 23.28 -15.49 7.88
C LEU B 248 23.06 -14.06 7.42
N GLN B 249 22.17 -13.31 8.05
CA GLN B 249 21.83 -11.96 7.58
C GLN B 249 22.02 -10.92 8.68
N THR B 250 21.84 -11.31 9.93
CA THR B 250 21.91 -10.36 11.04
C THR B 250 23.02 -10.70 12.03
N TYR B 251 23.18 -11.97 12.41
CA TYR B 251 24.09 -12.30 13.50
C TYR B 251 25.55 -12.41 13.04
N MET B 252 25.81 -13.24 12.03
CA MET B 252 27.19 -13.39 11.53
C MET B 252 27.83 -12.13 10.96
N PRO B 253 27.13 -11.21 10.28
CA PRO B 253 27.76 -9.90 10.05
C PRO B 253 27.96 -9.09 11.32
N SER B 254 27.08 -9.23 12.32
CA SER B 254 27.29 -8.50 13.56
C SER B 254 28.44 -9.09 14.37
N ILE B 255 28.71 -10.38 14.23
CA ILE B 255 29.87 -10.99 14.86
C ILE B 255 31.15 -10.48 14.21
N LEU B 256 31.22 -10.58 12.88
CA LEU B 256 32.46 -10.31 12.17
C LEU B 256 32.76 -8.82 12.02
N ILE B 257 31.77 -7.95 12.16
CA ILE B 257 32.06 -6.53 12.31
C ILE B 257 32.70 -6.25 13.66
N THR B 258 32.20 -6.88 14.72
CA THR B 258 32.71 -6.66 16.07
C THR B 258 34.12 -7.21 16.24
N ILE B 259 34.44 -8.31 15.55
CA ILE B 259 35.80 -8.84 15.57
C ILE B 259 36.75 -7.92 14.82
N LEU B 260 36.28 -7.30 13.73
CA LEU B 260 37.13 -6.37 13.00
C LEU B 260 37.28 -5.02 13.69
N SER B 261 36.50 -4.75 14.74
CA SER B 261 36.77 -3.59 15.57
C SER B 261 37.99 -3.81 16.46
N TRP B 262 38.42 -5.05 16.61
CA TRP B 262 39.53 -5.40 17.49
C TRP B 262 40.87 -5.40 16.78
N VAL B 263 40.90 -5.07 15.48
CA VAL B 263 42.15 -5.02 14.74
C VAL B 263 42.96 -3.80 15.16
N SER B 264 42.31 -2.78 15.71
CA SER B 264 42.99 -1.57 16.15
C SER B 264 43.59 -1.70 17.56
N PHE B 265 43.82 -2.92 18.03
CA PHE B 265 44.68 -3.14 19.20
C PHE B 265 46.04 -3.68 18.82
N TRP B 266 46.16 -4.31 17.65
CA TRP B 266 47.45 -4.70 17.08
C TRP B 266 48.01 -3.64 16.16
N ILE B 267 47.50 -2.41 16.24
CA ILE B 267 48.00 -1.26 15.49
C ILE B 267 48.62 -0.31 16.50
N ASN B 268 49.78 0.26 16.14
CA ASN B 268 50.51 1.18 17.01
C ASN B 268 49.66 2.40 17.36
N TYR B 269 49.83 2.89 18.59
CA TYR B 269 49.02 4.00 19.09
C TYR B 269 49.36 5.33 18.43
N ASP B 270 50.50 5.43 17.75
CA ASP B 270 50.80 6.64 16.99
C ASP B 270 49.95 6.75 15.74
N ALA B 271 49.41 5.64 15.24
CA ALA B 271 48.57 5.63 14.05
C ALA B 271 47.18 6.16 14.44
N SER B 272 47.08 7.49 14.47
CA SER B 272 45.82 8.12 14.86
C SER B 272 44.78 8.02 13.75
N ALA B 273 45.19 8.18 12.50
CA ALA B 273 44.25 8.10 11.39
C ALA B 273 43.94 6.66 10.98
N ALA B 274 44.48 5.66 11.69
CA ALA B 274 44.19 4.26 11.41
C ALA B 274 43.28 3.64 12.45
N ARG B 275 43.57 3.84 13.73
CA ARG B 275 42.74 3.26 14.79
C ARG B 275 41.41 3.99 14.93
N VAL B 276 41.39 5.29 14.64
CA VAL B 276 40.12 6.03 14.66
C VAL B 276 39.27 5.65 13.45
N ALA B 277 39.87 5.61 12.26
CA ALA B 277 39.15 5.31 11.03
C ALA B 277 38.65 3.86 10.99
N LEU B 278 39.28 2.98 11.76
CA LEU B 278 38.73 1.64 11.90
C LEU B 278 37.50 1.64 12.80
N GLY B 279 37.55 2.36 13.92
CA GLY B 279 36.43 2.39 14.83
C GLY B 279 35.25 3.21 14.32
N ILE B 280 35.54 4.33 13.65
CA ILE B 280 34.50 5.18 13.10
C ILE B 280 33.76 4.46 11.97
N THR B 281 34.48 3.70 11.15
CA THR B 281 33.81 2.87 10.15
C THR B 281 32.99 1.76 10.82
N THR B 282 33.43 1.31 11.99
CA THR B 282 32.73 0.22 12.67
C THR B 282 31.46 0.71 13.37
N VAL B 283 31.44 1.95 13.88
CA VAL B 283 30.20 2.47 14.44
C VAL B 283 29.22 2.87 13.34
N LEU B 284 29.70 3.09 12.11
CA LEU B 284 28.79 3.33 11.00
C LEU B 284 28.05 2.05 10.62
N THR B 285 28.78 0.92 10.61
CA THR B 285 28.20 -0.32 10.13
C THR B 285 27.11 -0.83 11.06
N MET B 286 27.33 -0.71 12.38
CA MET B 286 26.31 -1.11 13.34
C MET B 286 25.09 -0.19 13.29
N THR B 287 25.27 1.05 12.84
CA THR B 287 24.14 1.91 12.59
C THR B 287 23.37 1.46 11.34
N THR B 288 24.09 1.13 10.26
CA THR B 288 23.43 0.76 9.01
C THR B 288 22.84 -0.64 9.04
N ILE B 289 23.30 -1.52 9.94
CA ILE B 289 22.61 -2.78 10.14
C ILE B 289 21.28 -2.55 10.83
N ASN B 290 21.22 -1.58 11.75
CA ASN B 290 19.98 -1.25 12.43
C ASN B 290 18.96 -0.60 11.50
N THR B 291 19.40 0.04 10.42
CA THR B 291 18.48 0.70 9.51
C THR B 291 17.68 -0.30 8.69
N HIS B 292 18.31 -1.40 8.29
CA HIS B 292 17.56 -2.43 7.57
C HIS B 292 16.63 -3.19 8.49
N LEU B 293 16.99 -3.34 9.75
CA LEU B 293 16.21 -4.12 10.71
C LEU B 293 15.16 -3.30 11.43
N ARG B 294 15.02 -2.02 11.12
CA ARG B 294 13.84 -1.26 11.50
C ARG B 294 12.85 -1.11 10.36
N GLU B 295 13.29 -1.38 9.13
CA GLU B 295 12.42 -1.29 7.96
C GLU B 295 11.54 -2.53 7.82
N THR B 296 12.10 -3.70 8.11
CA THR B 296 11.41 -4.98 7.89
C THR B 296 10.55 -5.42 9.07
N LEU B 297 10.48 -4.63 10.13
CA LEU B 297 9.82 -5.04 11.37
C LEU B 297 8.77 -4.02 11.79
N PRO B 298 7.72 -4.45 12.49
CA PRO B 298 6.70 -3.50 12.95
C PRO B 298 7.21 -2.60 14.06
N LYS B 299 6.39 -1.60 14.38
CA LYS B 299 6.75 -0.54 15.30
C LYS B 299 6.20 -0.89 16.69
N ILE B 300 6.99 -1.64 17.45
CA ILE B 300 6.57 -2.13 18.76
C ILE B 300 7.47 -1.53 19.83
N PRO B 301 6.92 -1.12 20.99
CA PRO B 301 7.64 -0.25 21.93
C PRO B 301 8.46 -0.99 22.97
N TYR B 302 9.27 -1.95 22.54
CA TYR B 302 10.15 -2.67 23.45
C TYR B 302 11.35 -3.20 22.69
N VAL B 303 12.26 -3.83 23.43
CA VAL B 303 13.49 -4.35 22.88
C VAL B 303 13.23 -5.77 22.38
N LYS B 304 13.37 -5.96 21.07
CA LYS B 304 12.86 -7.15 20.39
C LYS B 304 13.77 -8.36 20.53
N ALA B 305 14.80 -8.32 21.37
CA ALA B 305 15.79 -9.37 21.65
C ALA B 305 16.69 -9.73 20.47
N ILE B 306 16.48 -9.14 19.30
CA ILE B 306 17.56 -8.96 18.35
C ILE B 306 18.21 -7.60 18.60
N ASP B 307 17.49 -6.69 19.27
CA ASP B 307 18.04 -5.43 19.73
C ASP B 307 18.71 -5.55 21.10
N MET B 308 18.49 -6.64 21.83
CA MET B 308 19.39 -6.96 22.93
C MET B 308 20.78 -7.28 22.41
N TYR B 309 20.85 -7.87 21.22
CA TYR B 309 22.13 -8.27 20.65
C TYR B 309 22.80 -7.11 19.93
N LEU B 310 22.05 -6.38 19.11
CA LEU B 310 22.65 -5.34 18.28
C LEU B 310 23.07 -4.13 19.11
N MET B 311 22.26 -3.74 20.10
CA MET B 311 22.69 -2.71 21.03
C MET B 311 23.83 -3.21 21.91
N GLY B 312 23.86 -4.51 22.20
CA GLY B 312 24.97 -5.07 22.95
C GLY B 312 26.25 -5.12 22.13
N CYS B 313 26.15 -5.51 20.86
CA CYS B 313 27.32 -5.49 19.98
C CYS B 313 27.73 -4.06 19.62
N PHE B 314 26.81 -3.10 19.73
CA PHE B 314 27.18 -1.71 19.55
C PHE B 314 28.04 -1.21 20.70
N VAL B 315 27.88 -1.78 21.89
CA VAL B 315 28.68 -1.38 23.04
C VAL B 315 30.12 -1.87 22.89
N PHE B 316 30.30 -3.12 22.44
CA PHE B 316 31.64 -3.64 22.18
C PHE B 316 32.35 -2.89 21.06
N VAL B 317 31.60 -2.35 20.11
CA VAL B 317 32.18 -1.47 19.11
C VAL B 317 32.51 -0.10 19.70
N PHE B 318 31.58 0.45 20.48
CA PHE B 318 31.76 1.80 21.02
C PHE B 318 32.81 1.83 22.13
N LEU B 319 32.96 0.74 22.88
CA LEU B 319 34.03 0.71 23.88
C LEU B 319 35.40 0.49 23.25
N ALA B 320 35.44 -0.10 22.05
CA ALA B 320 36.71 -0.22 21.35
C ALA B 320 37.18 1.12 20.81
N LEU B 321 36.24 2.02 20.51
CA LEU B 321 36.62 3.37 20.09
C LEU B 321 36.96 4.25 21.29
N LEU B 322 36.29 4.02 22.43
CA LEU B 322 36.68 4.71 23.67
C LEU B 322 38.01 4.22 24.20
N GLU B 323 38.47 3.03 23.78
CA GLU B 323 39.76 2.54 24.23
C GLU B 323 40.90 3.37 23.65
N TYR B 324 40.78 3.79 22.39
CA TYR B 324 41.85 4.58 21.79
C TYR B 324 41.92 5.99 22.37
N ALA B 325 40.76 6.59 22.66
CA ALA B 325 40.77 7.90 23.30
C ALA B 325 41.29 7.82 24.73
N PHE B 326 41.12 6.67 25.37
CA PHE B 326 41.78 6.44 26.66
C PHE B 326 43.28 6.32 26.48
N VAL B 327 43.72 5.72 25.37
CA VAL B 327 45.13 5.67 25.05
C VAL B 327 45.65 7.05 24.65
N ASN B 328 44.89 7.75 23.80
CA ASN B 328 45.35 9.03 23.25
C ASN B 328 45.39 10.13 24.30
N TYR B 329 44.57 10.02 25.35
CA TYR B 329 44.61 11.01 26.42
C TYR B 329 45.72 10.75 27.42
N ILE B 330 46.11 9.48 27.61
CA ILE B 330 47.15 9.18 28.58
C ILE B 330 48.53 9.49 28.02
N PHE B 331 48.79 9.15 26.76
CA PHE B 331 50.13 9.35 26.21
C PHE B 331 50.40 10.82 25.91
N PHE B 332 49.36 11.58 25.51
CA PHE B 332 49.56 12.96 25.08
C PHE B 332 49.02 14.01 26.04
N GLY B 333 48.09 13.67 26.91
CA GLY B 333 47.55 14.65 27.84
C GLY B 333 48.04 14.44 29.26
N ARG B 334 48.16 13.18 29.66
CA ARG B 334 48.77 12.80 30.93
C ARG B 334 50.19 12.30 30.74
N GLY B 335 50.76 12.50 29.57
CA GLY B 335 52.08 12.04 29.24
C GLY B 335 53.23 12.87 29.79
N PRO B 336 53.31 14.16 29.41
CA PRO B 336 54.39 15.01 29.96
C PRO B 336 54.31 15.25 31.45
N GLN B 337 53.15 15.06 32.08
CA GLN B 337 53.03 15.17 33.52
C GLN B 337 53.36 13.88 34.25
N ARG B 338 53.86 12.88 33.52
CA ARG B 338 54.26 11.55 34.02
C ARG B 338 53.15 10.83 34.78
N THR B 443 48.93 3.93 33.46
CA THR B 443 49.97 4.88 33.05
C THR B 443 51.00 4.20 32.15
N ASP B 444 50.62 3.06 31.59
CA ASP B 444 51.46 2.33 30.63
C ASP B 444 50.61 2.09 29.39
N VAL B 445 50.99 2.72 28.28
CA VAL B 445 50.19 2.71 27.07
C VAL B 445 50.13 1.32 26.45
N ASN B 446 51.27 0.62 26.42
CA ASN B 446 51.32 -0.71 25.83
C ASN B 446 50.58 -1.73 26.70
N ALA B 447 50.49 -1.48 28.01
CA ALA B 447 49.76 -2.41 28.89
C ALA B 447 48.26 -2.31 28.69
N ILE B 448 47.74 -1.14 28.32
CA ILE B 448 46.31 -0.99 28.10
C ILE B 448 45.88 -1.74 26.84
N ASP B 449 46.74 -1.73 25.81
CA ASP B 449 46.46 -2.50 24.60
C ASP B 449 46.52 -3.99 24.87
N ARG B 450 47.55 -4.44 25.59
CA ARG B 450 47.69 -5.87 25.90
C ARG B 450 46.59 -6.35 26.83
N TRP B 451 46.02 -5.46 27.63
CA TRP B 451 44.88 -5.83 28.47
C TRP B 451 43.62 -6.02 27.62
N SER B 452 43.41 -5.14 26.64
CA SER B 452 42.17 -5.19 25.86
C SER B 452 42.17 -6.33 24.86
N ARG B 453 43.34 -6.82 24.46
CA ARG B 453 43.41 -7.95 23.54
C ARG B 453 42.95 -9.24 24.22
N ILE B 454 43.05 -9.32 25.54
CA ILE B 454 42.59 -10.48 26.28
C ILE B 454 41.14 -10.31 26.73
N VAL B 455 40.80 -9.12 27.25
CA VAL B 455 39.51 -8.92 27.91
C VAL B 455 38.37 -8.86 26.91
N PHE B 456 38.54 -8.11 25.82
CA PHE B 456 37.44 -7.88 24.89
C PHE B 456 37.03 -9.11 24.07
N PRO B 457 37.92 -10.03 23.67
CA PRO B 457 37.40 -11.33 23.23
C PRO B 457 36.84 -12.18 24.36
N PHE B 458 37.35 -12.03 25.59
CA PHE B 458 36.80 -12.78 26.72
C PHE B 458 35.44 -12.26 27.12
N THR B 459 35.24 -10.94 27.08
CA THR B 459 33.95 -10.38 27.45
C THR B 459 32.90 -10.62 26.37
N PHE B 460 33.31 -10.59 25.09
CA PHE B 460 32.36 -10.85 24.01
C PHE B 460 32.03 -12.34 23.91
N SER B 461 32.92 -13.21 24.39
CA SER B 461 32.58 -14.63 24.49
C SER B 461 31.59 -14.87 25.61
N LEU B 462 31.73 -14.16 26.73
CA LEU B 462 30.75 -14.26 27.81
C LEU B 462 29.42 -13.63 27.42
N PHE B 463 29.44 -12.65 26.51
CA PHE B 463 28.19 -12.05 26.05
C PHE B 463 27.39 -13.04 25.21
N ASN B 464 28.05 -13.78 24.34
CA ASN B 464 27.36 -14.80 23.56
C ASN B 464 27.00 -16.01 24.41
N LEU B 465 27.71 -16.24 25.51
CA LEU B 465 27.35 -17.33 26.41
C LEU B 465 26.06 -17.02 27.15
N VAL B 466 25.89 -15.78 27.62
CA VAL B 466 24.67 -15.39 28.30
C VAL B 466 23.51 -15.27 27.31
N TYR B 467 23.79 -14.75 26.10
CA TYR B 467 22.73 -14.49 25.14
C TYR B 467 22.16 -15.77 24.56
N TRP B 468 23.03 -16.67 24.08
CA TRP B 468 22.55 -17.86 23.40
C TRP B 468 22.13 -18.99 24.33
N LEU B 469 22.26 -18.81 25.64
CA LEU B 469 21.69 -19.75 26.59
C LEU B 469 20.45 -19.21 27.28
N TYR B 470 20.18 -17.91 27.17
CA TYR B 470 18.95 -17.34 27.69
C TYR B 470 17.80 -17.49 26.71
N TYR B 471 18.05 -17.18 25.44
CA TYR B 471 17.00 -17.15 24.43
C TYR B 471 16.88 -18.45 23.64
N VAL B 472 17.69 -19.46 23.95
CA VAL B 472 17.56 -20.75 23.27
C VAL B 472 17.20 -21.84 24.27
N ASP C 65 -37.11 -20.29 -35.24
CA ASP C 65 -36.41 -21.52 -35.62
C ASP C 65 -35.51 -21.98 -34.47
N VAL C 66 -34.51 -21.17 -34.14
CA VAL C 66 -33.57 -21.54 -33.10
C VAL C 66 -34.14 -21.18 -31.72
N THR C 67 -35.01 -20.17 -31.65
CA THR C 67 -35.70 -19.86 -30.40
C THR C 67 -36.63 -20.99 -29.99
N VAL C 68 -37.24 -21.67 -30.96
CA VAL C 68 -38.04 -22.86 -30.68
C VAL C 68 -37.17 -23.98 -30.12
N ILE C 69 -35.94 -24.10 -30.63
CA ILE C 69 -35.05 -25.17 -30.19
C ILE C 69 -34.53 -24.91 -28.79
N LEU C 70 -34.18 -23.65 -28.48
CA LEU C 70 -33.60 -23.33 -27.19
C LEU C 70 -34.62 -23.45 -26.06
N ASN C 71 -35.88 -23.07 -26.32
CA ASN C 71 -36.90 -23.20 -25.30
C ASN C 71 -37.39 -24.64 -25.12
N ASN C 72 -37.12 -25.52 -26.08
CA ASN C 72 -37.42 -26.93 -25.89
C ASN C 72 -36.36 -27.62 -25.06
N LEU C 73 -35.09 -27.20 -25.18
CA LEU C 73 -34.03 -27.83 -24.41
C LEU C 73 -34.12 -27.45 -22.94
N LEU C 74 -34.65 -26.26 -22.63
CA LEU C 74 -34.80 -25.80 -21.27
C LEU C 74 -36.15 -26.15 -20.68
N GLU C 75 -37.05 -26.72 -21.46
CA GLU C 75 -38.35 -27.17 -20.96
C GLU C 75 -38.17 -28.45 -20.16
N GLY C 76 -38.35 -28.35 -18.85
CA GLY C 76 -38.15 -29.50 -17.99
C GLY C 76 -36.70 -29.82 -17.71
N TYR C 77 -35.80 -28.89 -17.98
CA TYR C 77 -34.37 -29.09 -17.72
C TYR C 77 -34.06 -28.62 -16.31
N ASP C 78 -33.40 -29.47 -15.53
CA ASP C 78 -32.97 -29.12 -14.19
C ASP C 78 -31.46 -28.97 -14.20
N ASN C 79 -30.99 -27.74 -13.98
CA ASN C 79 -29.56 -27.46 -14.03
C ASN C 79 -28.82 -27.91 -12.77
N LYS C 80 -29.53 -28.33 -11.74
CA LYS C 80 -28.91 -28.80 -10.52
C LYS C 80 -28.51 -30.28 -10.60
N LEU C 81 -29.05 -31.02 -11.56
CA LEU C 81 -28.80 -32.44 -11.67
C LEU C 81 -27.69 -32.70 -12.68
N ARG C 82 -26.71 -33.50 -12.27
CA ARG C 82 -25.65 -33.91 -13.17
C ARG C 82 -26.22 -34.83 -14.26
N PRO C 83 -25.75 -34.72 -15.50
CA PRO C 83 -26.14 -35.69 -16.53
C PRO C 83 -25.64 -37.08 -16.19
N ASP C 84 -26.52 -38.07 -16.38
CA ASP C 84 -26.33 -39.46 -15.95
C ASP C 84 -26.04 -39.53 -14.46
N ILE C 85 -27.01 -39.03 -13.67
CA ILE C 85 -26.82 -38.95 -12.22
C ILE C 85 -26.93 -40.33 -11.56
N GLY C 86 -27.58 -41.29 -12.21
CA GLY C 86 -27.64 -42.64 -11.67
C GLY C 86 -27.27 -43.68 -12.69
N VAL C 87 -26.42 -43.31 -13.64
CA VAL C 87 -26.05 -44.21 -14.74
C VAL C 87 -24.56 -44.47 -14.74
N LYS C 88 -23.77 -43.41 -14.93
CA LYS C 88 -22.33 -43.52 -15.14
C LYS C 88 -21.69 -42.18 -14.84
N PRO C 89 -20.38 -42.14 -14.55
CA PRO C 89 -19.72 -40.86 -14.34
C PRO C 89 -19.65 -40.02 -15.60
N THR C 90 -19.84 -38.71 -15.43
CA THR C 90 -19.83 -37.77 -16.54
C THR C 90 -18.41 -37.57 -17.05
N LEU C 91 -18.10 -38.10 -18.22
CA LEU C 91 -16.79 -37.95 -18.81
C LEU C 91 -16.64 -36.56 -19.41
N ILE C 92 -15.60 -35.85 -19.02
CA ILE C 92 -15.36 -34.47 -19.43
C ILE C 92 -13.95 -34.38 -20.00
N HIS C 93 -13.86 -33.95 -21.25
CA HIS C 93 -12.57 -33.78 -21.91
C HIS C 93 -12.16 -32.31 -21.77
N THR C 94 -11.01 -32.07 -21.16
CA THR C 94 -10.55 -30.72 -20.90
C THR C 94 -9.43 -30.34 -21.85
N ASP C 95 -9.33 -29.04 -22.13
CA ASP C 95 -8.31 -28.48 -23.00
C ASP C 95 -7.88 -27.15 -22.42
N MET C 96 -6.65 -26.74 -22.73
CA MET C 96 -6.07 -25.57 -22.10
C MET C 96 -5.06 -24.93 -23.03
N TYR C 97 -5.25 -23.65 -23.35
CA TYR C 97 -4.32 -22.90 -24.16
C TYR C 97 -3.68 -21.86 -23.22
N VAL C 98 -2.39 -22.02 -22.96
CA VAL C 98 -1.69 -21.15 -22.03
C VAL C 98 -1.27 -19.91 -22.81
N ASN C 99 -1.92 -18.78 -22.53
CA ASN C 99 -1.64 -17.52 -23.19
C ASN C 99 -0.33 -16.91 -22.71
N SER C 100 -0.17 -16.82 -21.39
CA SER C 100 1.05 -16.27 -20.81
C SER C 100 1.26 -16.82 -19.42
N ILE C 101 2.51 -17.12 -19.10
CA ILE C 101 2.92 -17.43 -17.74
C ILE C 101 3.62 -16.19 -17.21
N GLY C 102 2.96 -15.49 -16.29
CA GLY C 102 3.39 -14.18 -15.87
C GLY C 102 4.54 -14.19 -14.89
N PRO C 103 4.59 -13.20 -14.01
CA PRO C 103 5.74 -13.04 -13.11
C PRO C 103 5.76 -14.13 -12.05
N VAL C 104 6.82 -14.95 -12.08
CA VAL C 104 7.00 -15.97 -11.06
C VAL C 104 7.45 -15.27 -9.79
N ASN C 105 6.50 -15.04 -8.89
CA ASN C 105 6.77 -14.38 -7.62
C ASN C 105 7.60 -15.33 -6.75
N ALA C 106 8.88 -15.04 -6.61
CA ALA C 106 9.75 -15.91 -5.82
C ALA C 106 9.49 -15.76 -4.33
N ILE C 107 9.12 -14.56 -3.88
CA ILE C 107 8.93 -14.31 -2.46
C ILE C 107 7.63 -14.95 -1.96
N ASN C 108 6.53 -14.71 -2.68
CA ASN C 108 5.24 -15.27 -2.29
C ASN C 108 5.05 -16.70 -2.74
N MET C 109 6.02 -17.25 -3.49
CA MET C 109 5.96 -18.59 -4.10
C MET C 109 4.69 -18.77 -4.94
N GLU C 110 4.40 -17.75 -5.74
CA GLU C 110 3.29 -17.77 -6.68
C GLU C 110 3.84 -17.81 -8.11
N TYR C 111 2.91 -17.86 -9.06
CA TYR C 111 3.17 -17.51 -10.45
C TYR C 111 1.82 -17.21 -11.09
N THR C 112 1.77 -16.16 -11.90
CA THR C 112 0.55 -15.79 -12.59
C THR C 112 0.51 -16.49 -13.93
N ILE C 113 -0.66 -17.04 -14.29
CA ILE C 113 -0.81 -17.74 -15.55
C ILE C 113 -2.16 -17.38 -16.16
N ASP C 114 -2.16 -17.11 -17.47
CA ASP C 114 -3.35 -16.76 -18.23
C ASP C 114 -3.64 -17.94 -19.17
N ILE C 115 -4.73 -18.64 -18.92
CA ILE C 115 -5.09 -19.76 -19.75
C ILE C 115 -6.53 -19.68 -20.19
N PHE C 116 -6.82 -20.28 -21.35
CA PHE C 116 -8.17 -20.35 -21.90
C PHE C 116 -8.57 -21.78 -21.62
N PHE C 117 -9.57 -21.96 -20.76
CA PHE C 117 -9.96 -23.30 -20.35
C PHE C 117 -11.18 -23.77 -21.10
N ALA C 118 -11.07 -24.96 -21.70
CA ALA C 118 -12.19 -25.49 -22.45
C ALA C 118 -12.57 -26.87 -21.96
N GLN C 119 -13.87 -27.17 -22.02
CA GLN C 119 -14.42 -28.43 -21.54
C GLN C 119 -15.49 -28.93 -22.51
N THR C 120 -15.45 -30.23 -22.81
CA THR C 120 -16.52 -30.87 -23.57
C THR C 120 -17.11 -32.00 -22.74
N TRP C 121 -18.43 -32.14 -22.78
CA TRP C 121 -19.10 -33.25 -22.13
C TRP C 121 -20.42 -33.53 -22.85
N TYR C 122 -20.80 -34.80 -22.89
CA TYR C 122 -22.08 -35.17 -23.45
C TYR C 122 -23.20 -34.92 -22.45
N ASP C 123 -24.33 -34.44 -22.96
CA ASP C 123 -25.53 -34.21 -22.15
C ASP C 123 -26.73 -34.62 -22.99
N ARG C 124 -27.36 -35.74 -22.62
CA ARG C 124 -28.50 -36.25 -23.38
C ARG C 124 -29.75 -35.42 -23.21
N ARG C 125 -29.81 -34.55 -22.20
CA ARG C 125 -30.94 -33.66 -22.03
C ARG C 125 -30.95 -32.50 -23.00
N LEU C 126 -29.86 -32.30 -23.75
CA LEU C 126 -29.73 -31.20 -24.70
C LEU C 126 -29.66 -31.70 -26.14
N LYS C 127 -30.29 -32.83 -26.42
CA LYS C 127 -30.34 -33.35 -27.78
C LYS C 127 -31.47 -32.69 -28.56
N PHE C 128 -31.23 -32.43 -29.84
CA PHE C 128 -32.26 -31.95 -30.74
C PHE C 128 -32.01 -32.54 -32.13
N ASN C 129 -33.03 -32.47 -32.97
CA ASN C 129 -32.96 -32.94 -34.35
C ASN C 129 -33.47 -31.82 -35.24
N SER C 130 -32.56 -31.11 -35.88
CA SER C 130 -32.93 -29.98 -36.74
C SER C 130 -31.83 -29.78 -37.78
N THR C 131 -32.02 -28.75 -38.60
CA THR C 131 -31.08 -28.40 -39.65
C THR C 131 -29.99 -27.46 -39.14
N ILE C 132 -30.13 -26.96 -37.91
CA ILE C 132 -29.23 -25.93 -37.39
C ILE C 132 -27.86 -26.54 -37.07
N LYS C 133 -27.85 -27.75 -36.47
CA LYS C 133 -26.72 -28.68 -36.35
C LYS C 133 -25.68 -28.22 -35.33
N VAL C 134 -25.78 -26.99 -34.84
CA VAL C 134 -24.90 -26.43 -33.81
C VAL C 134 -25.60 -25.21 -33.25
N LEU C 135 -25.45 -24.99 -31.95
CA LEU C 135 -26.03 -23.83 -31.28
C LEU C 135 -24.90 -23.03 -30.67
N ARG C 136 -24.43 -22.02 -31.39
CA ARG C 136 -23.29 -21.20 -30.96
C ARG C 136 -23.84 -20.03 -30.16
N LEU C 137 -23.55 -20.01 -28.86
CA LEU C 137 -24.26 -19.17 -27.91
C LEU C 137 -23.30 -18.31 -27.10
N ASN C 138 -23.86 -17.29 -26.46
CA ASN C 138 -23.14 -16.42 -25.55
C ASN C 138 -23.01 -17.05 -24.17
N SER C 139 -22.63 -16.24 -23.19
CA SER C 139 -22.60 -16.64 -21.80
C SER C 139 -23.97 -16.57 -21.12
N ASN C 140 -25.02 -16.20 -21.84
CA ASN C 140 -26.35 -16.11 -21.24
C ASN C 140 -26.95 -17.48 -20.99
N MET C 141 -26.53 -18.50 -21.73
CA MET C 141 -27.05 -19.85 -21.57
C MET C 141 -26.27 -20.65 -20.51
N VAL C 142 -25.12 -20.13 -20.07
CA VAL C 142 -24.28 -20.81 -19.09
C VAL C 142 -24.99 -20.91 -17.74
N GLY C 143 -25.75 -19.88 -17.38
CA GLY C 143 -26.54 -19.92 -16.16
C GLY C 143 -27.80 -20.76 -16.22
N LYS C 144 -28.08 -21.42 -17.34
CA LYS C 144 -29.26 -22.26 -17.50
C LYS C 144 -28.91 -23.70 -17.84
N ILE C 145 -27.65 -24.01 -18.04
CA ILE C 145 -27.16 -25.34 -18.38
C ILE C 145 -26.25 -25.79 -17.22
N TRP C 146 -26.26 -27.10 -16.95
CA TRP C 146 -25.32 -27.67 -15.99
C TRP C 146 -23.88 -27.42 -16.43
N ILE C 147 -23.11 -26.77 -15.57
CA ILE C 147 -21.71 -26.47 -15.81
C ILE C 147 -20.93 -27.17 -14.70
N PRO C 148 -19.83 -27.85 -15.00
CA PRO C 148 -19.09 -28.57 -13.96
C PRO C 148 -18.44 -27.61 -12.98
N ASP C 149 -18.26 -28.09 -11.75
CA ASP C 149 -17.67 -27.29 -10.68
C ASP C 149 -16.16 -27.43 -10.63
N THR C 150 -15.51 -27.16 -11.76
CA THR C 150 -14.06 -27.28 -11.86
C THR C 150 -13.39 -26.16 -11.09
N PHE C 151 -12.60 -26.52 -10.09
CA PHE C 151 -11.85 -25.54 -9.32
C PHE C 151 -10.36 -25.83 -9.48
N PHE C 152 -9.57 -24.76 -9.46
CA PHE C 152 -8.12 -24.90 -9.50
C PHE C 152 -7.63 -25.16 -8.09
N ARG C 153 -6.97 -26.31 -7.90
CA ARG C 153 -6.72 -26.80 -6.56
C ARG C 153 -5.61 -26.03 -5.85
N ASN C 154 -4.63 -25.52 -6.59
CA ASN C 154 -3.54 -24.76 -6.01
C ASN C 154 -3.57 -23.28 -6.43
N SER C 155 -4.77 -22.70 -6.51
CA SER C 155 -4.91 -21.30 -6.90
C SER C 155 -5.05 -20.44 -5.66
N LYS C 156 -4.09 -19.53 -5.46
CA LYS C 156 -4.24 -18.54 -4.39
C LYS C 156 -5.21 -17.45 -4.78
N LYS C 157 -5.16 -16.98 -6.03
CA LYS C 157 -6.12 -16.03 -6.56
C LYS C 157 -6.43 -16.41 -8.00
N ALA C 158 -7.71 -16.46 -8.34
CA ALA C 158 -8.13 -16.79 -9.70
C ALA C 158 -9.32 -15.93 -10.04
N ASP C 159 -9.29 -15.30 -11.21
CA ASP C 159 -10.32 -14.37 -11.64
C ASP C 159 -10.75 -14.71 -13.06
N ALA C 160 -12.05 -14.78 -13.28
CA ALA C 160 -12.54 -14.79 -14.64
C ALA C 160 -12.63 -13.35 -15.15
N HIS C 161 -12.66 -13.20 -16.46
CA HIS C 161 -12.71 -11.89 -17.08
C HIS C 161 -14.15 -11.53 -17.43
N TRP C 162 -14.55 -10.32 -17.04
CA TRP C 162 -15.93 -9.88 -17.17
C TRP C 162 -16.06 -8.61 -18.00
N ILE C 163 -15.01 -8.22 -18.71
CA ILE C 163 -14.98 -7.00 -19.51
C ILE C 163 -14.78 -7.42 -20.97
N THR C 164 -15.72 -7.04 -21.85
CA THR C 164 -16.84 -6.16 -21.56
C THR C 164 -18.09 -6.92 -21.13
N THR C 165 -18.32 -8.02 -21.80
CA THR C 165 -19.35 -8.98 -21.43
C THR C 165 -18.65 -10.04 -20.60
N PRO C 166 -19.37 -11.01 -20.01
CA PRO C 166 -18.68 -12.21 -19.51
C PRO C 166 -17.97 -12.95 -20.65
N ASN C 167 -16.71 -13.32 -20.40
CA ASN C 167 -15.92 -13.98 -21.43
C ASN C 167 -16.03 -15.50 -21.30
N ARG C 168 -17.25 -15.96 -21.55
CA ARG C 168 -17.60 -17.37 -21.55
C ARG C 168 -18.24 -17.69 -22.90
N MET C 169 -18.37 -18.99 -23.17
CA MET C 169 -18.67 -19.40 -24.53
C MET C 169 -19.29 -20.79 -24.48
N LEU C 170 -20.31 -21.01 -25.29
CA LEU C 170 -21.08 -22.24 -25.16
C LEU C 170 -21.60 -22.68 -26.53
N ARG C 171 -21.20 -23.87 -26.96
CA ARG C 171 -21.75 -24.52 -28.14
C ARG C 171 -22.54 -25.75 -27.71
N ILE C 172 -23.61 -26.04 -28.43
CA ILE C 172 -24.40 -27.26 -28.23
C ILE C 172 -24.65 -27.88 -29.59
N TRP C 173 -24.16 -29.10 -29.78
CA TRP C 173 -24.44 -29.82 -31.02
C TRP C 173 -25.74 -30.60 -30.90
N ASN C 174 -26.12 -31.27 -31.98
CA ASN C 174 -27.40 -31.99 -32.01
C ASN C 174 -27.35 -33.35 -31.35
N ASP C 175 -26.16 -33.90 -31.10
CA ASP C 175 -26.02 -35.17 -30.40
C ASP C 175 -25.89 -35.00 -28.90
N GLY C 176 -25.93 -33.77 -28.41
CA GLY C 176 -25.84 -33.49 -26.99
C GLY C 176 -24.49 -33.05 -26.50
N ARG C 177 -23.49 -32.94 -27.38
CA ARG C 177 -22.17 -32.54 -26.95
C ARG C 177 -22.13 -31.04 -26.71
N VAL C 178 -21.57 -30.66 -25.57
CA VAL C 178 -21.56 -29.27 -25.11
C VAL C 178 -20.13 -28.82 -24.95
N LEU C 179 -19.75 -27.77 -25.68
CA LEU C 179 -18.44 -27.14 -25.54
C LEU C 179 -18.59 -25.91 -24.66
N TYR C 180 -17.67 -25.74 -23.72
CA TYR C 180 -17.69 -24.61 -22.79
C TYR C 180 -16.27 -24.16 -22.52
N THR C 181 -15.95 -22.94 -22.92
CA THR C 181 -14.63 -22.36 -22.66
C THR C 181 -14.78 -20.99 -22.05
N LEU C 182 -13.80 -20.62 -21.23
CA LEU C 182 -13.81 -19.34 -20.53
C LEU C 182 -12.37 -18.86 -20.35
N ARG C 183 -12.22 -17.55 -20.13
CA ARG C 183 -10.93 -16.91 -19.97
C ARG C 183 -10.61 -16.71 -18.50
N LEU C 184 -9.44 -17.17 -18.07
CA LEU C 184 -9.07 -17.22 -16.65
C LEU C 184 -7.62 -16.81 -16.46
N THR C 185 -7.37 -15.94 -15.47
CA THR C 185 -6.04 -15.68 -14.95
C THR C 185 -5.93 -16.21 -13.54
N ILE C 186 -4.84 -16.90 -13.25
CA ILE C 186 -4.69 -17.67 -12.01
C ILE C 186 -3.37 -17.30 -11.37
N ASP C 187 -3.43 -16.75 -10.16
CA ASP C 187 -2.23 -16.61 -9.32
C ASP C 187 -2.04 -17.93 -8.59
N ALA C 188 -1.47 -18.90 -9.29
CA ALA C 188 -1.35 -20.25 -8.77
C ALA C 188 -0.22 -20.33 -7.75
N GLU C 189 -0.01 -21.53 -7.21
CA GLU C 189 0.91 -21.75 -6.10
C GLU C 189 1.90 -22.84 -6.48
N CYS C 190 3.18 -22.59 -6.22
CA CYS C 190 4.18 -23.64 -6.34
C CYS C 190 5.29 -23.40 -5.33
N GLN C 191 5.60 -24.43 -4.56
CA GLN C 191 6.66 -24.34 -3.56
C GLN C 191 8.02 -24.38 -4.25
N LEU C 192 8.71 -23.24 -4.26
CA LEU C 192 9.99 -23.14 -4.95
C LEU C 192 11.09 -23.67 -4.02
N GLN C 193 11.61 -24.86 -4.34
CA GLN C 193 12.76 -25.40 -3.64
C GLN C 193 13.99 -24.64 -4.11
N LEU C 194 14.40 -23.64 -3.32
CA LEU C 194 15.43 -22.70 -3.75
C LEU C 194 16.83 -23.10 -3.32
N HIS C 195 17.09 -24.40 -3.19
CA HIS C 195 18.47 -24.86 -3.21
C HIS C 195 19.05 -24.59 -4.60
N ASN C 196 20.36 -24.31 -4.62
CA ASN C 196 21.11 -23.96 -5.83
C ASN C 196 20.55 -22.71 -6.50
N PHE C 197 20.29 -21.67 -5.71
CA PHE C 197 19.84 -20.38 -6.21
C PHE C 197 21.03 -19.52 -6.62
N PRO C 198 20.97 -18.81 -7.76
CA PRO C 198 19.93 -18.74 -8.79
C PRO C 198 20.24 -19.63 -10.00
N MET C 199 20.62 -20.88 -9.73
CA MET C 199 21.04 -21.80 -10.78
C MET C 199 20.09 -22.97 -10.90
N ASP C 200 18.92 -22.88 -10.28
CA ASP C 200 18.04 -24.01 -10.06
C ASP C 200 17.05 -24.20 -11.21
N GLU C 201 16.05 -25.04 -11.00
CA GLU C 201 14.97 -25.26 -11.95
C GLU C 201 13.77 -25.75 -11.17
N HIS C 202 12.58 -25.43 -11.67
CA HIS C 202 11.36 -25.79 -10.99
C HIS C 202 10.38 -26.42 -11.96
N SER C 203 9.36 -27.07 -11.41
CA SER C 203 8.22 -27.59 -12.15
C SER C 203 6.98 -27.15 -11.40
N CYS C 204 6.50 -25.94 -11.68
CA CYS C 204 5.36 -25.40 -10.95
C CYS C 204 4.06 -25.98 -11.48
N PRO C 205 3.24 -26.61 -10.65
CA PRO C 205 2.05 -27.30 -11.14
C PRO C 205 0.80 -26.43 -11.20
N LEU C 206 -0.10 -26.82 -12.09
CA LEU C 206 -1.46 -26.28 -12.13
C LEU C 206 -2.41 -27.46 -12.09
N GLU C 207 -3.22 -27.55 -11.03
CA GLU C 207 -4.05 -28.70 -10.76
C GLU C 207 -5.51 -28.30 -10.70
N PHE C 208 -6.39 -29.12 -11.29
CA PHE C 208 -7.82 -28.90 -11.17
C PHE C 208 -8.58 -30.20 -11.08
N SER C 209 -9.74 -30.12 -10.43
CA SER C 209 -10.64 -31.25 -10.28
C SER C 209 -12.05 -30.70 -10.05
N SER C 210 -13.01 -31.61 -10.00
CA SER C 210 -14.36 -31.23 -9.60
C SER C 210 -14.39 -31.01 -8.09
N TYR C 211 -15.30 -30.15 -7.64
CA TYR C 211 -15.31 -29.82 -6.22
C TYR C 211 -16.22 -30.78 -5.44
N GLY C 212 -17.49 -30.88 -5.82
CA GLY C 212 -18.40 -31.73 -5.10
C GLY C 212 -18.59 -33.11 -5.67
N TYR C 213 -18.22 -33.33 -6.93
CA TYR C 213 -18.53 -34.59 -7.60
C TYR C 213 -17.32 -35.51 -7.56
N PRO C 214 -17.44 -36.70 -6.95
CA PRO C 214 -16.27 -37.58 -6.81
C PRO C 214 -15.85 -38.27 -8.09
N ARG C 215 -14.95 -39.26 -7.95
CA ARG C 215 -14.55 -40.09 -9.08
C ARG C 215 -15.72 -40.89 -9.64
N GLU C 216 -16.66 -41.28 -8.79
CA GLU C 216 -17.83 -42.04 -9.24
C GLU C 216 -18.88 -41.18 -9.93
N GLU C 217 -18.66 -39.87 -10.04
CA GLU C 217 -19.66 -39.00 -10.65
C GLU C 217 -19.11 -38.13 -11.78
N ILE C 218 -17.88 -37.64 -11.67
CA ILE C 218 -17.23 -36.91 -12.76
C ILE C 218 -15.81 -37.45 -12.94
N VAL C 219 -15.50 -37.90 -14.15
CA VAL C 219 -14.16 -38.32 -14.53
C VAL C 219 -13.64 -37.37 -15.59
N TYR C 220 -12.49 -36.76 -15.34
CA TYR C 220 -11.80 -35.93 -16.31
C TYR C 220 -10.88 -36.76 -17.20
N GLN C 221 -10.53 -36.19 -18.34
CA GLN C 221 -9.66 -36.85 -19.31
C GLN C 221 -9.08 -35.78 -20.23
N TRP C 222 -7.82 -35.95 -20.62
CA TRP C 222 -7.23 -35.03 -21.58
C TRP C 222 -7.59 -35.42 -23.01
N LYS C 223 -7.58 -34.42 -23.88
CA LYS C 223 -7.81 -34.64 -25.31
C LYS C 223 -6.50 -35.03 -25.98
N ARG C 224 -6.47 -34.98 -27.32
CA ARG C 224 -5.24 -35.22 -28.06
C ARG C 224 -4.22 -34.12 -27.79
N SER C 225 -4.57 -32.88 -28.13
CA SER C 225 -3.76 -31.72 -27.78
C SER C 225 -4.18 -31.27 -26.39
N SER C 226 -3.41 -31.67 -25.38
CA SER C 226 -3.79 -31.41 -24.00
C SER C 226 -3.57 -29.95 -23.62
N VAL C 227 -2.32 -29.50 -23.64
CA VAL C 227 -1.97 -28.13 -23.31
C VAL C 227 -1.26 -27.52 -24.49
N GLU C 228 -1.81 -26.44 -25.04
CA GLU C 228 -1.28 -25.79 -26.21
C GLU C 228 -0.57 -24.51 -25.77
N VAL C 229 0.74 -24.46 -25.99
CA VAL C 229 1.58 -23.36 -25.55
C VAL C 229 1.63 -22.31 -26.65
N GLY C 230 1.56 -21.03 -26.28
CA GLY C 230 1.58 -19.95 -27.22
C GLY C 230 2.93 -19.62 -27.82
N ASP C 231 3.22 -18.32 -27.94
CA ASP C 231 4.41 -17.89 -28.67
C ASP C 231 5.68 -17.91 -27.83
N THR C 232 5.53 -17.78 -26.50
CA THR C 232 6.55 -17.88 -25.44
C THR C 232 7.47 -16.65 -25.43
N ARG C 233 7.34 -15.76 -26.42
CA ARG C 233 8.15 -14.56 -26.49
C ARG C 233 7.45 -13.34 -25.90
N SER C 234 6.13 -13.38 -25.75
CA SER C 234 5.37 -12.28 -25.16
C SER C 234 5.00 -12.57 -23.70
N TRP C 235 5.75 -13.44 -23.04
CA TRP C 235 5.47 -13.81 -21.66
C TRP C 235 6.32 -12.99 -20.71
N ARG C 236 5.86 -12.87 -19.47
CA ARG C 236 6.63 -12.20 -18.43
C ARG C 236 7.46 -13.19 -17.62
N LEU C 237 8.20 -14.05 -18.30
CA LEU C 237 9.21 -14.87 -17.65
C LEU C 237 10.52 -14.12 -17.73
N TYR C 238 10.90 -13.50 -16.62
CA TYR C 238 12.06 -12.62 -16.58
C TYR C 238 13.32 -13.40 -16.22
N GLN C 239 13.31 -14.01 -15.04
CA GLN C 239 14.41 -14.82 -14.55
C GLN C 239 14.26 -16.29 -14.91
N PHE C 240 13.22 -16.65 -15.66
CA PHE C 240 12.88 -18.03 -15.94
C PHE C 240 12.74 -18.24 -17.44
N SER C 241 12.69 -19.49 -17.86
CA SER C 241 12.55 -19.84 -19.27
C SER C 241 11.78 -21.14 -19.39
N PHE C 242 10.72 -21.11 -20.20
CA PHE C 242 9.84 -22.26 -20.39
C PHE C 242 10.56 -23.33 -21.20
N VAL C 243 10.97 -24.41 -20.54
CA VAL C 243 11.73 -25.45 -21.22
C VAL C 243 10.93 -26.72 -21.48
N GLY C 244 9.86 -26.97 -20.74
CA GLY C 244 9.15 -28.22 -20.91
C GLY C 244 7.72 -28.13 -20.43
N LEU C 245 6.99 -29.22 -20.65
CA LEU C 245 5.57 -29.29 -20.36
C LEU C 245 5.18 -30.74 -20.12
N ARG C 246 4.51 -31.00 -19.00
CA ARG C 246 4.19 -32.36 -18.60
C ARG C 246 2.79 -32.39 -17.99
N ASN C 247 2.03 -33.42 -18.33
CA ASN C 247 0.69 -33.61 -17.78
C ASN C 247 0.63 -34.92 -17.01
N THR C 248 -0.37 -35.05 -16.14
CA THR C 248 -0.61 -36.32 -15.46
C THR C 248 -2.07 -36.42 -15.06
N THR C 249 -2.47 -37.65 -14.72
CA THR C 249 -3.78 -37.95 -14.17
C THR C 249 -3.60 -38.72 -12.88
N GLU C 250 -4.13 -38.19 -11.79
CA GLU C 250 -4.05 -38.84 -10.50
C GLU C 250 -5.42 -38.76 -9.81
N VAL C 251 -5.56 -39.53 -8.73
CA VAL C 251 -6.78 -39.57 -7.94
C VAL C 251 -6.39 -39.30 -6.49
N VAL C 252 -6.82 -38.16 -5.96
CA VAL C 252 -6.56 -37.85 -4.57
C VAL C 252 -7.66 -38.47 -3.72
N LYS C 253 -7.37 -38.66 -2.43
CA LYS C 253 -8.32 -39.23 -1.48
C LYS C 253 -8.46 -38.24 -0.32
N THR C 254 -9.40 -37.32 -0.46
CA THR C 254 -9.76 -36.44 0.64
C THR C 254 -10.90 -37.07 1.44
N THR C 255 -11.42 -36.32 2.41
CA THR C 255 -12.44 -36.85 3.30
C THR C 255 -13.76 -37.07 2.56
N SER C 256 -14.10 -36.18 1.63
CA SER C 256 -15.35 -36.30 0.88
C SER C 256 -15.36 -37.51 -0.03
N GLY C 257 -14.25 -37.78 -0.71
CA GLY C 257 -14.17 -38.95 -1.56
C GLY C 257 -12.98 -38.86 -2.49
N ASP C 258 -12.94 -39.80 -3.43
CA ASP C 258 -11.90 -39.83 -4.44
C ASP C 258 -12.23 -38.85 -5.57
N TYR C 259 -11.28 -37.97 -5.89
CA TYR C 259 -11.46 -36.97 -6.93
C TYR C 259 -10.40 -37.13 -8.00
N VAL C 260 -10.83 -37.18 -9.25
CA VAL C 260 -9.89 -37.25 -10.37
C VAL C 260 -9.27 -35.87 -10.56
N VAL C 261 -7.96 -35.78 -10.35
CA VAL C 261 -7.23 -34.52 -10.41
C VAL C 261 -6.37 -34.50 -11.66
N MET C 262 -6.69 -33.58 -12.57
CA MET C 262 -5.78 -33.26 -13.66
C MET C 262 -4.68 -32.34 -13.14
N SER C 263 -3.49 -32.48 -13.72
CA SER C 263 -2.37 -31.65 -13.29
C SER C 263 -1.47 -31.36 -14.48
N VAL C 264 -1.08 -30.09 -14.63
CA VAL C 264 -0.18 -29.65 -15.68
C VAL C 264 1.08 -29.11 -15.01
N TYR C 265 2.24 -29.59 -15.45
CA TYR C 265 3.52 -29.22 -14.86
C TYR C 265 4.30 -28.36 -15.84
N PHE C 266 4.69 -27.16 -15.41
CA PHE C 266 5.43 -26.23 -16.25
C PHE C 266 6.88 -26.21 -15.79
N ASP C 267 7.77 -26.76 -16.61
CA ASP C 267 9.19 -26.81 -16.28
C ASP C 267 9.81 -25.45 -16.57
N LEU C 268 10.44 -24.85 -15.56
CA LEU C 268 11.01 -23.51 -15.68
C LEU C 268 12.46 -23.55 -15.21
N SER C 269 13.40 -23.33 -16.14
CA SER C 269 14.80 -23.19 -15.82
C SER C 269 15.08 -21.73 -15.46
N ARG C 270 16.35 -21.32 -15.43
CA ARG C 270 16.69 -19.95 -15.06
C ARG C 270 17.39 -19.22 -16.18
N ARG C 271 16.90 -18.03 -16.50
CA ARG C 271 17.69 -17.01 -17.19
C ARG C 271 18.55 -16.36 -16.12
N MET C 272 19.81 -16.77 -16.07
CA MET C 272 20.65 -16.48 -14.91
C MET C 272 21.20 -15.06 -14.91
N GLY C 273 21.25 -14.42 -16.07
CA GLY C 273 22.03 -13.21 -16.33
C GLY C 273 21.67 -11.98 -15.49
N TYR C 274 20.56 -12.00 -14.76
CA TYR C 274 20.22 -10.88 -13.89
C TYR C 274 21.14 -10.82 -12.68
N PHE C 275 21.27 -11.94 -11.95
CA PHE C 275 22.03 -11.95 -10.71
C PHE C 275 23.54 -11.90 -10.93
N THR C 276 24.00 -12.06 -12.17
CA THR C 276 25.40 -11.82 -12.46
C THR C 276 25.72 -10.33 -12.35
N ILE C 277 24.90 -9.49 -12.97
CA ILE C 277 25.18 -8.05 -13.06
C ILE C 277 24.61 -7.30 -11.87
N GLN C 278 24.13 -8.02 -10.86
CA GLN C 278 23.59 -7.40 -9.67
C GLN C 278 24.24 -7.86 -8.37
N THR C 279 24.69 -9.09 -8.29
CA THR C 279 25.41 -9.55 -7.12
C THR C 279 26.80 -10.09 -7.42
N TYR C 280 26.95 -10.88 -8.49
CA TYR C 280 28.22 -11.56 -8.75
C TYR C 280 29.29 -10.59 -9.25
N ILE C 281 28.93 -9.72 -10.18
CA ILE C 281 29.87 -8.68 -10.61
C ILE C 281 30.20 -7.66 -9.51
N PRO C 282 29.26 -7.18 -8.68
CA PRO C 282 29.70 -6.34 -7.55
C PRO C 282 30.49 -7.07 -6.48
N CYS C 283 30.21 -8.35 -6.21
CA CYS C 283 30.93 -9.03 -5.14
C CYS C 283 32.35 -9.40 -5.56
N THR C 284 32.54 -9.80 -6.82
CA THR C 284 33.89 -10.14 -7.29
C THR C 284 34.78 -8.91 -7.36
N LEU C 285 34.28 -7.81 -7.93
CA LEU C 285 35.10 -6.63 -8.15
C LEU C 285 35.43 -5.88 -6.87
N ILE C 286 34.74 -6.18 -5.77
CA ILE C 286 35.10 -5.62 -4.48
C ILE C 286 36.02 -6.56 -3.69
N VAL C 287 36.03 -7.86 -4.00
CA VAL C 287 37.11 -8.72 -3.52
C VAL C 287 38.43 -8.34 -4.16
N VAL C 288 38.40 -7.95 -5.45
CA VAL C 288 39.60 -7.47 -6.12
C VAL C 288 40.01 -6.09 -5.57
N LEU C 289 39.04 -5.35 -5.03
CA LEU C 289 39.34 -4.05 -4.41
C LEU C 289 40.21 -4.22 -3.17
N SER C 290 40.01 -5.30 -2.43
CA SER C 290 40.86 -5.56 -1.26
C SER C 290 42.25 -6.02 -1.67
N TRP C 291 42.38 -6.57 -2.88
CA TRP C 291 43.67 -7.04 -3.37
C TRP C 291 44.58 -5.87 -3.76
N VAL C 292 44.03 -4.68 -3.93
CA VAL C 292 44.82 -3.49 -4.25
C VAL C 292 45.75 -3.13 -3.09
N SER C 293 45.34 -3.45 -1.87
CA SER C 293 46.10 -3.06 -0.67
C SER C 293 47.46 -3.75 -0.60
N PHE C 294 47.60 -4.92 -1.22
CA PHE C 294 48.86 -5.64 -1.13
C PHE C 294 49.95 -5.02 -2.00
N TRP C 295 49.58 -4.27 -3.02
CA TRP C 295 50.53 -3.54 -3.84
C TRP C 295 50.75 -2.12 -3.36
N ILE C 296 50.15 -1.75 -2.23
CA ILE C 296 50.28 -0.43 -1.64
C ILE C 296 51.19 -0.56 -0.43
N ASN C 297 52.02 0.48 -0.19
CA ASN C 297 53.18 0.45 0.69
C ASN C 297 52.82 0.03 2.12
N LYS C 298 53.80 -0.58 2.80
CA LYS C 298 53.58 -1.25 4.06
C LYS C 298 53.30 -0.26 5.19
N ASP C 299 54.08 0.83 5.27
CA ASP C 299 53.96 1.80 6.35
C ASP C 299 52.92 2.86 6.08
N ALA C 300 51.97 2.62 5.19
CA ALA C 300 50.83 3.50 4.97
C ALA C 300 49.62 3.00 5.75
N VAL C 301 49.77 2.98 7.06
CA VAL C 301 48.77 2.42 7.98
C VAL C 301 47.42 3.16 8.01
N PRO C 302 47.28 4.47 7.71
CA PRO C 302 45.90 4.96 7.52
C PRO C 302 45.26 4.49 6.23
N ALA C 303 46.04 4.31 5.17
CA ALA C 303 45.47 3.93 3.88
C ALA C 303 45.11 2.45 3.85
N ARG C 304 45.97 1.59 4.42
CA ARG C 304 45.72 0.16 4.41
C ARG C 304 44.53 -0.22 5.29
N THR C 305 44.37 0.49 6.41
CA THR C 305 43.20 0.27 7.26
C THR C 305 41.92 0.74 6.57
N SER C 306 41.98 1.87 5.87
CA SER C 306 40.82 2.37 5.15
C SER C 306 40.48 1.50 3.94
N LEU C 307 41.49 0.85 3.36
CA LEU C 307 41.23 -0.16 2.33
C LEU C 307 40.48 -1.35 2.92
N GLY C 308 40.94 -1.85 4.07
CA GLY C 308 40.35 -3.01 4.69
C GLY C 308 38.93 -2.82 5.20
N ILE C 309 38.73 -1.87 6.13
CA ILE C 309 37.49 -1.80 6.88
C ILE C 309 36.35 -1.23 6.04
N THR C 310 36.65 -0.45 5.00
CA THR C 310 35.59 0.12 4.18
C THR C 310 35.11 -0.90 3.15
N THR C 311 36.00 -1.79 2.70
CA THR C 311 35.62 -2.88 1.83
C THR C 311 34.69 -3.86 2.54
N VAL C 312 34.83 -4.00 3.86
CA VAL C 312 33.92 -4.82 4.65
C VAL C 312 32.53 -4.16 4.70
N LEU C 313 32.49 -2.83 4.75
CA LEU C 313 31.24 -2.09 4.87
C LEU C 313 30.35 -2.28 3.64
N THR C 314 30.94 -2.27 2.44
CA THR C 314 30.15 -2.50 1.23
C THR C 314 29.88 -3.97 0.97
N MET C 315 30.63 -4.87 1.59
CA MET C 315 30.25 -6.29 1.57
C MET C 315 28.99 -6.54 2.39
N THR C 316 28.82 -5.82 3.49
CA THR C 316 27.60 -5.91 4.28
C THR C 316 26.42 -5.32 3.53
N THR C 317 26.65 -4.28 2.72
CA THR C 317 25.60 -3.70 1.89
C THR C 317 25.18 -4.67 0.79
N LEU C 318 26.14 -5.34 0.15
CA LEU C 318 25.80 -6.27 -0.92
C LEU C 318 25.18 -7.56 -0.39
N SER C 319 25.50 -7.93 0.85
CA SER C 319 24.95 -9.16 1.43
C SER C 319 23.45 -9.02 1.69
N THR C 320 23.00 -7.81 2.03
CA THR C 320 21.58 -7.59 2.32
C THR C 320 20.76 -7.63 1.02
N ILE C 321 21.29 -7.07 -0.06
CA ILE C 321 20.53 -6.91 -1.29
C ILE C 321 20.31 -8.25 -1.99
N ALA C 322 21.28 -9.17 -1.87
CA ALA C 322 21.12 -10.50 -2.46
C ALA C 322 20.02 -11.30 -1.77
N ARG C 323 19.90 -11.16 -0.45
CA ARG C 323 18.85 -11.86 0.27
C ARG C 323 17.48 -11.24 0.06
N LYS C 324 17.43 -9.98 -0.39
CA LYS C 324 16.15 -9.29 -0.54
C LYS C 324 15.36 -9.84 -1.72
N SER C 325 16.03 -10.24 -2.80
CA SER C 325 15.35 -10.69 -4.00
C SER C 325 14.66 -12.05 -3.81
N LEU C 326 15.17 -12.87 -2.91
CA LEU C 326 14.64 -14.20 -2.63
C LEU C 326 13.90 -14.17 -1.29
N PRO C 327 12.97 -15.12 -1.04
CA PRO C 327 12.21 -15.07 0.22
C PRO C 327 13.03 -15.40 1.46
N LYS C 328 12.41 -15.34 2.64
CA LYS C 328 13.18 -15.49 3.87
C LYS C 328 13.23 -16.97 4.27
N VAL C 329 13.93 -17.74 3.45
CA VAL C 329 14.21 -19.14 3.79
C VAL C 329 15.36 -19.20 4.78
N SER C 330 15.52 -20.37 5.39
CA SER C 330 16.49 -20.53 6.47
C SER C 330 17.76 -21.26 6.04
N TYR C 331 17.70 -22.08 5.00
CA TYR C 331 18.88 -22.82 4.56
C TYR C 331 19.78 -21.92 3.71
N VAL C 332 20.95 -22.45 3.39
CA VAL C 332 21.98 -21.71 2.66
C VAL C 332 21.89 -22.06 1.19
N THR C 333 21.76 -21.04 0.35
CA THR C 333 21.66 -21.23 -1.09
C THR C 333 23.05 -21.10 -1.73
N ALA C 334 23.10 -21.29 -3.05
CA ALA C 334 24.36 -21.11 -3.75
C ALA C 334 24.72 -19.64 -3.87
N MET C 335 23.71 -18.76 -3.81
CA MET C 335 23.98 -17.33 -3.70
C MET C 335 24.64 -16.99 -2.37
N ASP C 336 24.22 -17.66 -1.30
CA ASP C 336 24.69 -17.32 0.05
C ASP C 336 26.12 -17.77 0.26
N LEU C 337 26.47 -18.95 -0.26
CA LEU C 337 27.84 -19.45 -0.11
C LEU C 337 28.83 -18.58 -0.88
N PHE C 338 28.40 -17.99 -1.99
CA PHE C 338 29.29 -17.12 -2.74
C PHE C 338 29.53 -15.81 -1.99
N VAL C 339 28.47 -15.20 -1.48
CA VAL C 339 28.58 -13.90 -0.80
C VAL C 339 29.34 -14.05 0.52
N SER C 340 29.15 -15.18 1.21
CA SER C 340 29.80 -15.36 2.50
C SER C 340 31.30 -15.62 2.34
N VAL C 341 31.70 -16.41 1.33
CA VAL C 341 33.12 -16.64 1.11
C VAL C 341 33.79 -15.40 0.54
N CYS C 342 33.08 -14.63 -0.31
CA CYS C 342 33.58 -13.33 -0.72
C CYS C 342 33.66 -12.36 0.45
N PHE C 343 32.82 -12.55 1.47
CA PHE C 343 32.97 -11.77 2.69
C PHE C 343 34.18 -12.23 3.50
N ILE C 344 34.51 -13.53 3.42
CA ILE C 344 35.66 -14.07 4.17
C ILE C 344 36.97 -13.54 3.60
N PHE C 345 37.08 -13.47 2.27
CA PHE C 345 38.30 -12.95 1.64
C PHE C 345 38.49 -11.47 1.88
N VAL C 346 37.40 -10.74 2.08
CA VAL C 346 37.49 -9.34 2.52
C VAL C 346 37.80 -9.28 4.02
N PHE C 347 37.23 -10.21 4.80
CA PHE C 347 37.56 -10.34 6.21
C PHE C 347 39.02 -10.74 6.41
N SER C 348 39.53 -11.64 5.56
CA SER C 348 40.90 -12.12 5.73
C SER C 348 41.92 -11.08 5.32
N ALA C 349 41.55 -10.13 4.45
CA ALA C 349 42.51 -9.15 3.97
C ALA C 349 42.89 -8.15 5.06
N LEU C 350 41.93 -7.74 5.88
CA LEU C 350 42.24 -6.79 6.96
C LEU C 350 42.97 -7.48 8.10
N VAL C 351 42.65 -8.74 8.37
CA VAL C 351 43.35 -9.50 9.40
C VAL C 351 44.77 -9.83 8.95
N GLU C 352 45.00 -9.90 7.63
CA GLU C 352 46.34 -10.09 7.10
C GLU C 352 47.24 -8.90 7.41
N TYR C 353 46.70 -7.68 7.24
CA TYR C 353 47.50 -6.50 7.55
C TYR C 353 47.64 -6.28 9.05
N GLY C 354 46.66 -6.74 9.83
CA GLY C 354 46.76 -6.64 11.28
C GLY C 354 47.89 -7.46 11.85
N THR C 355 48.10 -8.66 11.30
CA THR C 355 49.27 -9.46 11.68
C THR C 355 50.55 -8.90 11.09
N LEU C 356 50.46 -8.28 9.90
CA LEU C 356 51.67 -7.76 9.25
C LEU C 356 52.15 -6.48 9.91
N HIS C 357 51.21 -5.61 10.33
CA HIS C 357 51.62 -4.38 11.00
C HIS C 357 52.10 -4.64 12.42
N TYR C 358 51.56 -5.65 13.09
CA TYR C 358 51.96 -5.91 14.48
C TYR C 358 53.31 -6.60 14.56
N PHE C 359 53.56 -7.59 13.70
CA PHE C 359 54.80 -8.35 13.79
C PHE C 359 56.00 -7.54 13.31
N VAL C 360 55.80 -6.64 12.35
CA VAL C 360 56.93 -5.87 11.81
C VAL C 360 57.17 -4.62 12.64
N SER C 361 56.15 -3.77 12.77
CA SER C 361 56.35 -2.48 13.42
C SER C 361 56.35 -2.61 14.94
N ASN C 362 55.32 -3.24 15.50
CA ASN C 362 55.16 -3.34 16.94
C ASN C 362 55.89 -4.54 17.52
N ARG C 363 56.55 -5.33 16.66
CA ARG C 363 57.38 -6.49 17.02
C ARG C 363 56.66 -7.54 17.86
N ARG C 445 58.04 -16.12 5.82
CA ARG C 445 58.26 -15.18 6.90
C ARG C 445 57.13 -14.16 7.00
N ILE C 446 57.41 -13.04 7.66
CA ILE C 446 56.46 -11.95 7.80
C ILE C 446 56.80 -10.79 6.88
N ALA C 447 58.10 -10.50 6.70
CA ALA C 447 58.52 -9.40 5.85
C ALA C 447 58.28 -9.66 4.37
N LYS C 448 57.98 -10.90 3.98
CA LYS C 448 57.61 -11.24 2.62
C LYS C 448 56.15 -11.65 2.50
N MET C 449 55.35 -11.42 3.55
CA MET C 449 53.97 -11.89 3.57
C MET C 449 53.07 -11.06 2.65
N ASP C 450 53.47 -9.83 2.33
CA ASP C 450 52.82 -9.11 1.24
C ASP C 450 53.07 -9.80 -0.10
N SER C 451 54.31 -10.25 -0.32
CA SER C 451 54.64 -10.92 -1.59
C SER C 451 53.96 -12.28 -1.70
N TYR C 452 53.66 -12.93 -0.58
CA TYR C 452 52.94 -14.19 -0.61
C TYR C 452 51.45 -13.96 -0.84
N ALA C 453 50.90 -12.88 -0.28
CA ALA C 453 49.47 -12.64 -0.39
C ALA C 453 49.07 -12.10 -1.76
N ARG C 454 50.03 -11.53 -2.50
CA ARG C 454 49.75 -11.08 -3.86
C ARG C 454 49.51 -12.25 -4.81
N ILE C 455 50.04 -13.43 -4.48
CA ILE C 455 49.88 -14.60 -5.32
C ILE C 455 48.80 -15.54 -4.78
N PHE C 456 48.76 -15.72 -3.45
CA PHE C 456 47.89 -16.75 -2.88
C PHE C 456 46.43 -16.34 -2.88
N PHE C 457 46.12 -15.08 -2.59
CA PHE C 457 44.73 -14.66 -2.53
C PHE C 457 44.03 -14.55 -3.89
N PRO C 458 44.68 -14.13 -4.99
CA PRO C 458 44.07 -14.39 -6.30
C PRO C 458 44.00 -15.86 -6.66
N THR C 459 44.91 -16.69 -6.15
CA THR C 459 44.86 -18.12 -6.42
C THR C 459 43.71 -18.77 -5.68
N ALA C 460 43.54 -18.43 -4.39
CA ALA C 460 42.51 -19.05 -3.56
C ALA C 460 41.11 -18.63 -3.98
N PHE C 461 40.96 -17.45 -4.57
CA PHE C 461 39.65 -17.02 -5.06
C PHE C 461 39.32 -17.64 -6.40
N CYS C 462 40.32 -17.79 -7.28
CA CYS C 462 40.08 -18.42 -8.57
C CYS C 462 39.92 -19.94 -8.45
N LEU C 463 40.63 -20.57 -7.52
CA LEU C 463 40.39 -21.99 -7.26
C LEU C 463 39.06 -22.22 -6.57
N PHE C 464 38.58 -21.24 -5.80
CA PHE C 464 37.23 -21.34 -5.25
C PHE C 464 36.19 -21.23 -6.34
N ASN C 465 36.43 -20.40 -7.35
CA ASN C 465 35.50 -20.29 -8.47
C ASN C 465 35.50 -21.54 -9.33
N LEU C 466 36.62 -22.25 -9.40
CA LEU C 466 36.64 -23.52 -10.10
C LEU C 466 35.80 -24.56 -9.36
N VAL C 467 35.83 -24.53 -8.03
CA VAL C 467 34.98 -25.43 -7.25
C VAL C 467 33.52 -25.00 -7.33
N TYR C 468 33.27 -23.68 -7.27
CA TYR C 468 31.91 -23.17 -7.19
C TYR C 468 31.18 -23.31 -8.53
N TRP C 469 31.77 -22.78 -9.60
CA TRP C 469 31.03 -22.65 -10.86
C TRP C 469 30.88 -24.00 -11.58
N VAL C 470 31.77 -24.95 -11.31
CA VAL C 470 31.63 -26.27 -11.94
C VAL C 470 30.60 -27.12 -11.22
N SER C 471 30.70 -27.22 -9.90
CA SER C 471 29.88 -28.15 -9.13
C SER C 471 28.44 -27.69 -8.96
N TYR C 472 28.15 -26.41 -9.11
CA TYR C 472 26.78 -25.92 -8.96
C TYR C 472 26.04 -25.74 -10.28
N LEU C 473 26.75 -25.49 -11.38
CA LEU C 473 26.10 -25.47 -12.70
C LEU C 473 26.04 -26.86 -13.32
N TYR C 474 27.20 -27.49 -13.46
CA TYR C 474 27.32 -28.71 -14.26
C TYR C 474 27.00 -29.97 -13.46
N LEU C 475 27.48 -30.05 -12.23
CA LEU C 475 27.34 -31.27 -11.43
C LEU C 475 26.46 -31.04 -10.22
N THR D 48 -46.24 7.02 -21.49
CA THR D 48 -47.31 6.09 -21.82
C THR D 48 -47.12 5.56 -23.24
N VAL D 49 -46.86 6.47 -24.18
CA VAL D 49 -46.66 6.09 -25.57
C VAL D 49 -45.34 5.33 -25.73
N PHE D 50 -44.26 5.87 -25.17
CA PHE D 50 -42.96 5.25 -25.33
C PHE D 50 -42.79 4.00 -24.47
N THR D 51 -43.59 3.86 -23.41
CA THR D 51 -43.63 2.59 -22.68
C THR D 51 -44.20 1.49 -23.55
N ARG D 52 -45.24 1.79 -24.32
CA ARG D 52 -45.84 0.80 -25.21
C ARG D 52 -44.95 0.52 -26.42
N ILE D 53 -44.07 1.46 -26.77
CA ILE D 53 -43.11 1.20 -27.84
C ILE D 53 -42.04 0.21 -27.38
N LEU D 54 -41.45 0.47 -26.21
CA LEU D 54 -40.34 -0.34 -25.71
C LEU D 54 -40.78 -1.75 -25.32
N ASP D 55 -42.05 -1.92 -24.99
CA ASP D 55 -42.56 -3.26 -24.72
C ASP D 55 -42.71 -4.07 -26.00
N ARG D 56 -43.06 -3.42 -27.11
CA ARG D 56 -43.18 -4.11 -28.38
C ARG D 56 -41.82 -4.55 -28.92
N LEU D 57 -40.76 -3.81 -28.60
CA LEU D 57 -39.41 -4.22 -29.00
C LEU D 57 -38.95 -5.44 -28.21
N LEU D 58 -39.48 -5.65 -27.01
CA LEU D 58 -39.05 -6.76 -26.17
C LEU D 58 -40.10 -7.87 -26.07
N ASP D 59 -41.14 -7.85 -26.91
CA ASP D 59 -42.04 -8.97 -27.04
C ASP D 59 -41.57 -9.87 -28.17
N GLY D 60 -41.36 -11.14 -27.86
CA GLY D 60 -40.82 -12.05 -28.85
C GLY D 60 -39.36 -11.82 -29.17
N TYR D 61 -38.65 -11.07 -28.34
CA TYR D 61 -37.24 -10.81 -28.55
C TYR D 61 -36.42 -11.85 -27.81
N ASP D 62 -35.31 -12.27 -28.41
CA ASP D 62 -34.43 -13.28 -27.84
C ASP D 62 -33.04 -12.70 -27.79
N ASN D 63 -32.57 -12.37 -26.58
CA ASN D 63 -31.27 -11.76 -26.38
C ASN D 63 -30.12 -12.75 -26.39
N ARG D 64 -30.36 -13.99 -26.81
CA ARG D 64 -29.35 -15.03 -26.86
C ARG D 64 -28.96 -15.39 -28.27
N LEU D 65 -29.60 -14.80 -29.28
CA LEU D 65 -29.35 -15.12 -30.67
C LEU D 65 -28.85 -13.89 -31.42
N ARG D 66 -27.97 -14.14 -32.37
CA ARG D 66 -27.32 -13.07 -33.12
C ARG D 66 -28.31 -12.47 -34.12
N PRO D 67 -28.24 -11.16 -34.38
CA PRO D 67 -29.09 -10.56 -35.42
C PRO D 67 -28.68 -11.04 -36.80
N GLY D 68 -29.64 -11.58 -37.54
CA GLY D 68 -29.33 -12.26 -38.78
C GLY D 68 -28.57 -13.53 -38.49
N LEU D 69 -29.23 -14.49 -37.85
CA LEU D 69 -28.53 -15.66 -37.34
C LEU D 69 -28.16 -16.63 -38.46
N GLY D 70 -29.07 -16.87 -39.40
CA GLY D 70 -28.77 -17.70 -40.54
C GLY D 70 -28.69 -16.91 -41.83
N GLU D 71 -29.19 -15.67 -41.78
CA GLU D 71 -29.26 -14.85 -42.98
C GLU D 71 -27.90 -14.27 -43.35
N ARG D 72 -27.33 -13.45 -42.47
CA ARG D 72 -26.18 -12.63 -42.82
C ARG D 72 -25.14 -12.73 -41.71
N VAL D 73 -24.10 -11.90 -41.83
CA VAL D 73 -23.03 -11.79 -40.86
C VAL D 73 -23.16 -10.43 -40.18
N THR D 74 -23.12 -10.41 -38.86
CA THR D 74 -23.23 -9.16 -38.11
C THR D 74 -21.99 -8.30 -38.32
N GLU D 75 -22.21 -7.02 -38.63
CA GLU D 75 -21.15 -6.08 -38.97
C GLU D 75 -21.11 -5.01 -37.88
N VAL D 76 -20.23 -5.21 -36.90
CA VAL D 76 -20.14 -4.31 -35.76
C VAL D 76 -19.07 -3.26 -36.06
N LYS D 77 -19.48 -2.00 -36.20
CA LYS D 77 -18.55 -0.91 -36.47
C LYS D 77 -18.11 -0.30 -35.14
N THR D 78 -16.79 -0.26 -34.92
CA THR D 78 -16.23 0.16 -33.64
C THR D 78 -15.55 1.52 -33.73
N ASP D 79 -15.39 2.14 -32.57
CA ASP D 79 -14.81 3.46 -32.43
C ASP D 79 -14.32 3.59 -30.99
N ILE D 80 -13.19 4.26 -30.80
CA ILE D 80 -12.57 4.41 -29.49
C ILE D 80 -12.15 5.87 -29.33
N PHE D 81 -12.60 6.52 -28.25
CA PHE D 81 -12.15 7.84 -27.88
C PHE D 81 -11.34 7.72 -26.60
N VAL D 82 -10.02 7.83 -26.72
CA VAL D 82 -9.13 7.66 -25.57
C VAL D 82 -9.11 8.97 -24.79
N THR D 83 -9.56 8.92 -23.54
CA THR D 83 -9.59 10.11 -22.70
C THR D 83 -8.24 10.39 -22.07
N SER D 84 -7.57 9.37 -21.54
CA SER D 84 -6.29 9.56 -20.88
C SER D 84 -5.46 8.30 -21.05
N PHE D 85 -4.38 8.41 -21.84
CA PHE D 85 -3.48 7.28 -22.04
C PHE D 85 -2.58 7.18 -20.81
N GLY D 86 -3.06 6.44 -19.80
CA GLY D 86 -2.53 6.49 -18.47
C GLY D 86 -1.12 5.93 -18.28
N PRO D 87 -0.68 5.83 -17.03
CA PRO D 87 0.74 5.60 -16.74
C PRO D 87 1.19 4.20 -17.11
N VAL D 88 2.20 4.14 -17.98
CA VAL D 88 2.76 2.86 -18.42
C VAL D 88 3.62 2.30 -17.29
N SER D 89 3.28 1.10 -16.84
CA SER D 89 4.03 0.43 -15.78
C SER D 89 5.16 -0.36 -16.41
N ASP D 90 6.39 -0.04 -16.02
CA ASP D 90 7.56 -0.70 -16.59
C ASP D 90 7.83 -2.04 -15.92
N HIS D 91 7.61 -2.12 -14.61
CA HIS D 91 7.88 -3.36 -13.88
C HIS D 91 6.86 -4.44 -14.21
N ASP D 92 5.62 -4.05 -14.48
CA ASP D 92 4.56 -5.00 -14.81
C ASP D 92 4.38 -5.19 -16.31
N MET D 93 5.05 -4.36 -17.13
CA MET D 93 4.95 -4.37 -18.60
C MET D 93 3.51 -4.25 -19.07
N GLU D 94 2.77 -3.34 -18.46
CA GLU D 94 1.40 -3.04 -18.81
C GLU D 94 1.27 -1.55 -19.05
N TYR D 95 0.07 -1.12 -19.42
CA TYR D 95 -0.23 0.29 -19.55
C TYR D 95 -1.72 0.48 -19.33
N THR D 96 -2.08 1.54 -18.61
CA THR D 96 -3.47 1.88 -18.37
C THR D 96 -3.96 2.77 -19.50
N ILE D 97 -5.17 2.51 -19.99
CA ILE D 97 -5.80 3.37 -20.98
C ILE D 97 -7.28 3.51 -20.63
N ASP D 98 -7.77 4.75 -20.65
CA ASP D 98 -9.14 5.08 -20.27
C ASP D 98 -9.86 5.57 -21.52
N VAL D 99 -10.92 4.85 -21.92
CA VAL D 99 -11.52 5.05 -23.23
C VAL D 99 -13.02 5.29 -23.12
N PHE D 100 -13.68 5.50 -24.27
CA PHE D 100 -15.12 5.35 -24.45
C PHE D 100 -15.25 4.35 -25.59
N PHE D 101 -15.29 3.07 -25.26
CA PHE D 101 -15.39 2.04 -26.28
C PHE D 101 -16.78 2.06 -26.91
N ARG D 102 -16.83 2.35 -28.21
CA ARG D 102 -18.08 2.54 -28.93
C ARG D 102 -18.20 1.44 -29.97
N GLN D 103 -19.36 0.80 -30.03
CA GLN D 103 -19.60 -0.24 -31.03
C GLN D 103 -21.03 -0.13 -31.53
N SER D 104 -21.19 -0.01 -32.84
CA SER D 104 -22.48 0.19 -33.48
C SER D 104 -22.78 -0.96 -34.43
N TRP D 105 -24.01 -1.45 -34.41
CA TRP D 105 -24.43 -2.52 -35.30
C TRP D 105 -25.91 -2.34 -35.58
N LYS D 106 -26.46 -3.20 -36.44
CA LYS D 106 -27.84 -3.09 -36.88
C LYS D 106 -28.61 -4.33 -36.49
N ASP D 107 -29.65 -4.16 -35.68
CA ASP D 107 -30.52 -5.25 -35.26
C ASP D 107 -31.86 -5.05 -35.95
N GLU D 108 -32.26 -6.04 -36.75
CA GLU D 108 -33.48 -5.94 -37.54
C GLU D 108 -34.73 -6.03 -36.67
N ARG D 109 -34.63 -6.72 -35.53
CA ARG D 109 -35.77 -6.96 -34.66
C ARG D 109 -36.19 -5.73 -33.86
N LEU D 110 -35.35 -4.70 -33.79
CA LEU D 110 -35.61 -3.52 -32.96
C LEU D 110 -36.06 -2.32 -33.77
N LYS D 111 -36.82 -2.54 -34.84
CA LYS D 111 -37.39 -1.44 -35.59
C LYS D 111 -38.63 -0.91 -34.89
N PHE D 112 -38.92 0.36 -35.12
CA PHE D 112 -40.10 1.00 -34.55
C PHE D 112 -40.44 2.22 -35.39
N LYS D 113 -41.67 2.70 -35.21
CA LYS D 113 -42.10 3.99 -35.73
C LYS D 113 -42.85 4.72 -34.62
N GLY D 114 -42.35 5.89 -34.25
CA GLY D 114 -42.93 6.63 -33.15
C GLY D 114 -42.75 8.12 -33.28
N PRO D 115 -42.94 8.85 -32.17
CA PRO D 115 -42.75 10.30 -32.22
C PRO D 115 -41.30 10.73 -32.37
N MET D 116 -40.35 9.89 -31.94
CA MET D 116 -38.93 10.22 -31.98
C MET D 116 -38.21 9.30 -32.95
N THR D 117 -37.24 9.86 -33.68
CA THR D 117 -36.41 9.05 -34.56
C THR D 117 -35.40 8.23 -33.77
N VAL D 118 -34.62 8.90 -32.92
CA VAL D 118 -33.61 8.26 -32.08
C VAL D 118 -34.00 8.52 -30.64
N LEU D 119 -34.42 7.46 -29.93
CA LEU D 119 -34.77 7.56 -28.52
C LEU D 119 -33.59 7.13 -27.66
N ARG D 120 -33.10 8.06 -26.84
CA ARG D 120 -32.05 7.77 -25.89
C ARG D 120 -32.61 6.98 -24.73
N LEU D 121 -31.85 6.03 -24.23
CA LEU D 121 -32.36 5.12 -23.23
C LEU D 121 -31.45 5.04 -22.02
N ASN D 122 -32.08 4.74 -20.87
CA ASN D 122 -31.34 4.24 -19.73
C ASN D 122 -30.80 2.85 -20.07
N ASN D 123 -29.68 2.49 -19.44
CA ASN D 123 -28.99 1.26 -19.77
C ASN D 123 -29.53 0.03 -19.03
N LEU D 124 -30.76 0.10 -18.53
CA LEU D 124 -31.45 -1.12 -18.10
C LEU D 124 -31.73 -2.02 -19.28
N MET D 125 -32.18 -1.44 -20.39
CA MET D 125 -32.56 -2.20 -21.58
C MET D 125 -31.35 -2.70 -22.37
N ALA D 126 -30.15 -2.19 -22.07
CA ALA D 126 -28.94 -2.70 -22.68
C ALA D 126 -28.62 -4.13 -22.24
N SER D 127 -29.16 -4.57 -21.10
CA SER D 127 -28.99 -5.94 -20.65
C SER D 127 -30.12 -6.85 -21.12
N LYS D 128 -31.17 -6.30 -21.73
CA LYS D 128 -32.25 -7.09 -22.30
C LYS D 128 -32.14 -7.21 -23.82
N ILE D 129 -31.03 -6.75 -24.38
CA ILE D 129 -30.79 -6.72 -25.82
C ILE D 129 -29.42 -7.32 -26.07
N TRP D 130 -29.30 -8.11 -27.15
CA TRP D 130 -28.02 -8.66 -27.60
C TRP D 130 -27.00 -7.56 -27.83
N THR D 131 -25.86 -7.69 -27.15
CA THR D 131 -24.69 -6.87 -27.37
C THR D 131 -23.50 -7.76 -27.73
N PRO D 132 -22.63 -7.34 -28.65
CA PRO D 132 -21.53 -8.22 -29.06
C PRO D 132 -20.51 -8.38 -27.94
N ASP D 133 -19.99 -9.61 -27.82
CA ASP D 133 -19.16 -9.99 -26.69
C ASP D 133 -17.68 -9.62 -26.89
N THR D 134 -17.45 -8.32 -27.07
CA THR D 134 -16.11 -7.84 -27.35
C THR D 134 -15.25 -7.91 -26.11
N PHE D 135 -14.11 -8.57 -26.23
CA PHE D 135 -13.16 -8.69 -25.12
C PHE D 135 -11.80 -8.25 -25.63
N PHE D 136 -10.93 -7.80 -24.73
CA PHE D 136 -9.60 -7.34 -25.10
C PHE D 136 -8.65 -8.52 -25.01
N HIS D 137 -7.95 -8.78 -26.13
CA HIS D 137 -7.02 -9.90 -26.24
C HIS D 137 -5.82 -9.85 -25.32
N ASN D 138 -5.41 -8.63 -24.96
CA ASN D 138 -4.25 -8.46 -24.09
C ASN D 138 -4.60 -7.68 -22.82
N GLY D 139 -5.88 -7.56 -22.49
CA GLY D 139 -6.26 -6.92 -21.25
C GLY D 139 -6.01 -7.84 -20.07
N LYS D 140 -5.45 -7.27 -19.00
CA LYS D 140 -5.15 -8.06 -17.81
C LYS D 140 -6.30 -8.03 -16.82
N LYS D 141 -6.61 -6.84 -16.29
CA LYS D 141 -7.65 -6.68 -15.29
C LYS D 141 -8.19 -5.27 -15.47
N SER D 142 -9.30 -5.16 -16.20
CA SER D 142 -9.87 -3.87 -16.56
C SER D 142 -11.19 -3.66 -15.84
N VAL D 143 -11.62 -2.41 -15.79
CA VAL D 143 -12.74 -1.98 -14.97
C VAL D 143 -13.78 -1.32 -15.84
N ALA D 144 -15.02 -1.79 -15.75
CA ALA D 144 -16.17 -1.04 -16.22
C ALA D 144 -16.68 -0.20 -15.06
N HIS D 145 -16.72 1.11 -15.25
CA HIS D 145 -17.05 2.02 -14.15
C HIS D 145 -18.53 1.96 -13.83
N ASN D 146 -18.84 2.01 -12.53
CA ASN D 146 -20.21 1.90 -12.04
C ASN D 146 -20.51 3.04 -11.08
N MET D 147 -20.19 4.26 -11.50
CA MET D 147 -20.39 5.45 -10.69
C MET D 147 -21.00 6.54 -11.57
N THR D 148 -22.20 7.01 -11.21
CA THR D 148 -22.97 6.55 -10.06
C THR D 148 -23.93 5.46 -10.49
N MET D 149 -24.00 5.27 -11.79
CA MET D 149 -24.77 4.23 -12.47
C MET D 149 -23.78 3.46 -13.34
N PRO D 150 -24.20 2.37 -14.00
CA PRO D 150 -23.35 1.81 -15.05
C PRO D 150 -23.18 2.80 -16.18
N ASN D 151 -21.92 3.14 -16.49
CA ASN D 151 -21.63 4.18 -17.46
C ASN D 151 -21.73 3.60 -18.86
N LYS D 152 -22.98 3.43 -19.30
CA LYS D 152 -23.31 2.87 -20.59
C LYS D 152 -24.45 3.69 -21.19
N LEU D 153 -24.58 3.66 -22.51
CA LEU D 153 -25.71 4.30 -23.17
C LEU D 153 -26.14 3.45 -24.35
N LEU D 154 -27.44 3.24 -24.49
CA LEU D 154 -28.01 2.50 -25.60
C LEU D 154 -28.95 3.43 -26.35
N ARG D 155 -28.66 3.65 -27.63
CA ARG D 155 -29.48 4.51 -28.48
C ARG D 155 -29.97 3.71 -29.66
N ILE D 156 -31.28 3.71 -29.88
CA ILE D 156 -31.91 2.94 -30.95
C ILE D 156 -32.44 3.93 -31.98
N THR D 157 -32.10 3.72 -33.25
CA THR D 157 -32.69 4.47 -34.33
C THR D 157 -33.87 3.69 -34.90
N GLU D 158 -34.65 4.35 -35.76
CA GLU D 158 -35.86 3.74 -36.26
C GLU D 158 -35.62 2.73 -37.37
N ASP D 159 -34.39 2.59 -37.86
CA ASP D 159 -34.05 1.52 -38.79
C ASP D 159 -33.36 0.35 -38.12
N GLY D 160 -33.26 0.36 -36.79
CA GLY D 160 -32.68 -0.73 -36.05
C GLY D 160 -31.21 -0.61 -35.74
N THR D 161 -30.56 0.50 -36.10
CA THR D 161 -29.14 0.68 -35.84
C THR D 161 -28.94 1.02 -34.37
N LEU D 162 -28.11 0.24 -33.69
CA LEU D 162 -27.89 0.38 -32.25
C LEU D 162 -26.57 1.10 -32.00
N LEU D 163 -26.58 2.02 -31.05
CA LEU D 163 -25.37 2.71 -30.60
C LEU D 163 -25.18 2.37 -29.13
N TYR D 164 -24.08 1.68 -28.83
CA TYR D 164 -23.80 1.18 -27.48
C TYR D 164 -22.37 1.52 -27.11
N THR D 165 -22.19 2.46 -26.19
CA THR D 165 -20.87 2.87 -25.73
C THR D 165 -20.75 2.60 -24.24
N MET D 166 -19.51 2.55 -23.76
CA MET D 166 -19.23 2.24 -22.37
C MET D 166 -17.82 2.71 -22.02
N ARG D 167 -17.68 3.26 -20.82
CA ARG D 167 -16.42 3.84 -20.36
C ARG D 167 -15.64 2.79 -19.59
N LEU D 168 -14.45 2.47 -20.08
CA LEU D 168 -13.64 1.38 -19.57
C LEU D 168 -12.28 1.91 -19.18
N THR D 169 -11.65 1.23 -18.23
CA THR D 169 -10.26 1.51 -17.84
C THR D 169 -9.49 0.24 -18.14
N VAL D 170 -8.95 0.16 -19.35
CA VAL D 170 -8.30 -1.06 -19.82
C VAL D 170 -6.86 -1.05 -19.35
N ARG D 171 -6.47 -2.10 -18.61
CA ARG D 171 -5.08 -2.30 -18.22
C ARG D 171 -4.51 -3.41 -19.09
N ALA D 172 -4.10 -3.02 -20.30
CA ALA D 172 -3.67 -3.96 -21.30
C ALA D 172 -2.19 -4.31 -21.14
N GLU D 173 -1.75 -5.33 -21.85
CA GLU D 173 -0.39 -5.86 -21.73
C GLU D 173 0.45 -5.35 -22.88
N CYS D 174 1.58 -4.74 -22.56
CA CYS D 174 2.52 -4.21 -23.55
C CYS D 174 3.85 -4.92 -23.45
N PRO D 175 4.19 -5.83 -24.37
CA PRO D 175 5.51 -6.47 -24.34
C PRO D 175 6.60 -5.50 -24.77
N MET D 176 7.51 -5.20 -23.85
CA MET D 176 8.57 -4.22 -24.06
C MET D 176 9.92 -4.93 -24.08
N HIS D 177 10.68 -4.72 -25.15
CA HIS D 177 12.05 -5.21 -25.26
C HIS D 177 12.98 -4.10 -24.80
N LEU D 178 13.56 -4.26 -23.61
CA LEU D 178 14.29 -3.19 -22.94
C LEU D 178 15.79 -3.24 -23.20
N GLU D 179 16.20 -3.68 -24.39
CA GLU D 179 17.62 -3.78 -24.69
C GLU D 179 18.27 -2.42 -24.88
N ASP D 180 17.49 -1.42 -25.32
CA ASP D 180 17.99 -0.06 -25.50
C ASP D 180 17.51 0.87 -24.39
N PHE D 181 17.39 0.37 -23.17
CA PHE D 181 16.92 1.17 -22.05
C PHE D 181 17.97 2.21 -21.67
N PRO D 182 17.60 3.48 -21.48
CA PRO D 182 16.26 4.07 -21.65
C PRO D 182 16.01 4.78 -22.98
N MET D 183 16.88 4.62 -23.97
CA MET D 183 16.70 5.28 -25.26
C MET D 183 15.95 4.38 -26.23
N ASP D 184 14.79 3.86 -25.81
CA ASP D 184 14.08 2.85 -26.57
C ASP D 184 12.66 3.29 -26.88
N ALA D 185 12.13 2.76 -27.97
CA ALA D 185 10.76 3.00 -28.40
C ALA D 185 9.97 1.71 -28.37
N HIS D 186 8.68 1.81 -28.08
CA HIS D 186 7.81 0.66 -27.95
C HIS D 186 6.51 0.92 -28.69
N ALA D 187 5.75 -0.16 -28.90
CA ALA D 187 4.47 -0.12 -29.61
C ALA D 187 3.47 -0.96 -28.80
N CYS D 188 2.74 -0.30 -27.92
CA CYS D 188 1.85 -1.01 -27.00
C CYS D 188 0.51 -1.29 -27.66
N PRO D 189 0.09 -2.54 -27.77
CA PRO D 189 -1.13 -2.86 -28.54
C PRO D 189 -2.41 -2.94 -27.73
N LEU D 190 -3.50 -2.46 -28.33
CA LEU D 190 -4.85 -2.85 -27.97
C LEU D 190 -5.39 -3.80 -29.03
N LYS D 191 -5.71 -5.02 -28.63
CA LYS D 191 -6.32 -6.00 -29.52
C LYS D 191 -7.66 -6.39 -28.93
N PHE D 192 -8.74 -6.14 -29.66
CA PHE D 192 -10.05 -6.57 -29.23
C PHE D 192 -10.80 -7.26 -30.36
N GLY D 193 -11.56 -8.29 -30.00
CA GLY D 193 -12.40 -9.00 -30.94
C GLY D 193 -13.53 -9.68 -30.19
N SER D 194 -14.28 -10.54 -30.87
CA SER D 194 -15.38 -11.22 -30.23
C SER D 194 -14.82 -12.41 -29.46
N TYR D 195 -15.68 -13.09 -28.71
CA TYR D 195 -15.22 -14.24 -27.96
C TYR D 195 -15.91 -15.53 -28.38
N ALA D 196 -17.22 -15.47 -28.57
CA ALA D 196 -17.98 -16.65 -28.96
C ALA D 196 -18.24 -16.76 -30.44
N TYR D 197 -18.34 -15.64 -31.15
CA TYR D 197 -18.74 -15.65 -32.55
C TYR D 197 -17.51 -15.54 -33.42
N THR D 198 -17.44 -16.39 -34.44
CA THR D 198 -16.24 -16.50 -35.28
C THR D 198 -16.26 -15.43 -36.37
N ARG D 199 -15.38 -15.60 -37.37
CA ARG D 199 -15.35 -14.68 -38.50
C ARG D 199 -16.60 -14.80 -39.35
N ALA D 200 -17.13 -16.01 -39.49
CA ALA D 200 -18.30 -16.26 -40.31
C ALA D 200 -19.60 -15.80 -39.66
N GLU D 201 -19.56 -15.25 -38.47
CA GLU D 201 -20.77 -14.82 -37.79
C GLU D 201 -20.76 -13.36 -37.37
N VAL D 202 -19.63 -12.83 -36.92
CA VAL D 202 -19.52 -11.40 -36.64
C VAL D 202 -18.24 -10.89 -37.31
N VAL D 203 -18.29 -9.65 -37.79
CA VAL D 203 -17.16 -8.98 -38.41
C VAL D 203 -17.05 -7.60 -37.80
N TYR D 204 -15.90 -7.29 -37.22
CA TYR D 204 -15.66 -5.97 -36.67
C TYR D 204 -15.09 -5.04 -37.74
N GLU D 205 -15.50 -3.78 -37.70
CA GLU D 205 -14.96 -2.75 -38.56
C GLU D 205 -14.78 -1.48 -37.75
N TRP D 206 -14.24 -0.45 -38.39
CA TRP D 206 -14.18 0.87 -37.80
C TRP D 206 -15.25 1.74 -38.43
N THR D 207 -15.79 2.67 -37.63
CA THR D 207 -16.92 3.49 -38.08
C THR D 207 -16.52 4.47 -39.18
N ARG D 208 -15.27 4.90 -39.17
CA ARG D 208 -14.73 5.85 -40.12
C ARG D 208 -13.58 5.21 -40.87
N GLU D 209 -12.81 6.03 -41.58
CA GLU D 209 -11.48 5.64 -41.99
C GLU D 209 -10.68 5.20 -40.75
N PRO D 210 -9.88 4.13 -40.86
CA PRO D 210 -9.38 3.46 -39.64
C PRO D 210 -8.41 4.29 -38.82
N ALA D 211 -7.53 5.07 -39.44
CA ALA D 211 -6.60 5.89 -38.68
C ALA D 211 -7.28 7.05 -37.98
N ARG D 212 -8.47 7.44 -38.42
CA ARG D 212 -9.23 8.51 -37.80
C ARG D 212 -10.18 8.02 -36.72
N SER D 213 -10.29 6.71 -36.52
CA SER D 213 -11.24 6.18 -35.54
C SER D 213 -10.71 6.29 -34.12
N VAL D 214 -9.56 5.66 -33.85
CA VAL D 214 -8.94 5.74 -32.53
C VAL D 214 -8.34 7.12 -32.37
N VAL D 215 -8.99 7.97 -31.58
CA VAL D 215 -8.57 9.35 -31.40
C VAL D 215 -8.34 9.60 -29.91
N VAL D 216 -7.21 10.23 -29.58
CA VAL D 216 -6.87 10.53 -28.20
C VAL D 216 -7.23 11.98 -27.91
N ALA D 217 -7.36 12.29 -26.63
CA ALA D 217 -7.69 13.65 -26.22
C ALA D 217 -6.46 14.56 -26.35
N GLU D 218 -6.72 15.86 -26.44
CA GLU D 218 -5.65 16.83 -26.60
C GLU D 218 -5.04 17.29 -25.27
N ASP D 219 -5.77 17.11 -24.16
CA ASP D 219 -5.26 17.48 -22.85
C ASP D 219 -5.08 16.30 -21.91
N GLY D 220 -5.78 15.20 -22.14
CA GLY D 220 -5.64 14.02 -21.32
C GLY D 220 -4.47 13.16 -21.74
N SER D 221 -3.25 13.60 -21.43
CA SER D 221 -2.08 12.78 -21.72
C SER D 221 -1.88 11.71 -20.66
N ARG D 222 -1.65 12.16 -19.42
CA ARG D 222 -1.42 11.31 -18.22
C ARG D 222 -0.26 10.33 -18.46
N LEU D 223 0.90 10.90 -18.72
CA LEU D 223 2.13 10.15 -18.91
C LEU D 223 3.27 10.88 -18.21
N ASN D 224 4.17 10.11 -17.60
CA ASN D 224 5.35 10.68 -16.97
C ASN D 224 6.58 10.51 -17.84
N GLN D 225 6.89 9.29 -18.26
CA GLN D 225 8.14 9.01 -18.96
C GLN D 225 8.01 8.96 -20.48
N TYR D 226 6.80 8.89 -21.04
CA TYR D 226 6.64 8.45 -22.41
C TYR D 226 6.03 9.53 -23.30
N ASP D 227 6.52 9.60 -24.53
CA ASP D 227 5.90 10.38 -25.60
C ASP D 227 4.91 9.50 -26.35
N LEU D 228 3.64 9.90 -26.37
CA LEU D 228 2.67 9.23 -27.23
C LEU D 228 2.82 9.82 -28.63
N LEU D 229 3.59 9.13 -29.47
CA LEU D 229 3.88 9.60 -30.82
C LEU D 229 2.87 9.07 -31.83
N GLY D 230 1.59 9.26 -31.55
CA GLY D 230 0.55 8.75 -32.43
C GLY D 230 0.33 7.26 -32.26
N GLN D 231 -0.43 6.70 -33.19
CA GLN D 231 -0.72 5.27 -33.16
C GLN D 231 -0.86 4.75 -34.59
N THR D 232 -1.05 3.44 -34.69
CA THR D 232 -1.23 2.77 -35.97
C THR D 232 -2.22 1.62 -35.78
N VAL D 233 -3.35 1.69 -36.47
CA VAL D 233 -4.39 0.67 -36.34
C VAL D 233 -4.29 -0.29 -37.52
N ASP D 234 -4.87 -1.48 -37.33
CA ASP D 234 -4.79 -2.56 -38.31
C ASP D 234 -5.83 -3.60 -37.93
N SER D 235 -6.39 -4.26 -38.95
CA SER D 235 -7.33 -5.35 -38.76
C SER D 235 -6.63 -6.67 -38.98
N GLY D 236 -7.13 -7.72 -38.32
CA GLY D 236 -6.50 -9.03 -38.43
C GLY D 236 -7.46 -10.13 -38.09
N ILE D 237 -6.99 -11.36 -38.32
CA ILE D 237 -7.77 -12.57 -38.09
C ILE D 237 -6.92 -13.55 -37.30
N VAL D 238 -7.38 -13.88 -36.10
CA VAL D 238 -6.68 -14.78 -35.19
C VAL D 238 -7.30 -16.17 -35.15
N GLN D 239 -6.71 -17.11 -35.89
CA GLN D 239 -7.23 -18.47 -35.93
C GLN D 239 -7.06 -19.14 -34.56
N SER D 240 -8.06 -19.92 -34.18
CA SER D 240 -8.05 -20.62 -32.89
C SER D 240 -8.62 -22.02 -33.01
N SER D 241 -8.27 -22.89 -32.07
CA SER D 241 -8.74 -24.27 -32.07
C SER D 241 -10.26 -24.36 -32.20
N THR D 242 -10.96 -23.28 -31.87
CA THR D 242 -12.41 -23.23 -31.97
C THR D 242 -12.90 -22.54 -33.23
N GLY D 243 -12.07 -21.76 -33.90
CA GLY D 243 -12.47 -21.08 -35.10
C GLY D 243 -11.56 -19.91 -35.38
N GLU D 244 -11.97 -19.10 -36.35
CA GLU D 244 -11.22 -17.92 -36.79
C GLU D 244 -11.98 -16.67 -36.38
N TYR D 245 -11.31 -15.77 -35.68
CA TYR D 245 -11.96 -14.58 -35.17
C TYR D 245 -11.39 -13.30 -35.73
N VAL D 246 -12.25 -12.29 -35.82
CA VAL D 246 -11.84 -10.99 -36.33
C VAL D 246 -11.26 -10.16 -35.19
N VAL D 247 -10.07 -9.61 -35.39
CA VAL D 247 -9.32 -8.91 -34.35
C VAL D 247 -8.97 -7.51 -34.83
N MET D 248 -9.43 -6.51 -34.10
CA MET D 248 -9.06 -5.12 -34.33
C MET D 248 -7.83 -4.79 -33.48
N THR D 249 -6.73 -4.43 -34.14
CA THR D 249 -5.50 -4.10 -33.44
C THR D 249 -5.26 -2.60 -33.49
N THR D 250 -4.53 -2.10 -32.49
CA THR D 250 -4.18 -0.69 -32.40
C THR D 250 -2.88 -0.59 -31.62
N HIS D 251 -1.80 -0.19 -32.29
CA HIS D 251 -0.49 -0.10 -31.69
C HIS D 251 -0.19 1.35 -31.36
N PHE D 252 -0.15 1.67 -30.06
CA PHE D 252 0.26 3.01 -29.63
C PHE D 252 1.77 3.07 -29.56
N HIS D 253 2.37 3.94 -30.37
CA HIS D 253 3.82 4.04 -30.46
C HIS D 253 4.32 4.99 -29.38
N LEU D 254 5.18 4.48 -28.50
CA LEU D 254 5.68 5.22 -27.36
C LEU D 254 7.20 5.39 -27.46
N LYS D 255 7.70 6.44 -26.83
CA LYS D 255 9.14 6.70 -26.74
C LYS D 255 9.44 7.31 -25.37
N ARG D 256 10.42 6.74 -24.68
CA ARG D 256 10.72 7.15 -23.31
C ARG D 256 11.50 8.45 -23.29
N LYS D 257 11.06 9.41 -22.47
CA LYS D 257 11.83 10.62 -22.22
C LYS D 257 13.05 10.30 -21.36
N ILE D 258 14.18 10.93 -21.69
CA ILE D 258 15.45 10.56 -21.09
C ILE D 258 15.78 11.36 -19.83
N GLY D 259 15.11 12.49 -19.61
CA GLY D 259 15.60 13.52 -18.70
C GLY D 259 15.60 13.16 -17.23
N TYR D 260 14.85 12.13 -16.83
CA TYR D 260 14.92 11.70 -15.43
C TYR D 260 16.21 10.94 -15.17
N PHE D 261 16.54 10.00 -16.05
CA PHE D 261 17.67 9.12 -15.85
C PHE D 261 19.00 9.84 -16.05
N VAL D 262 18.99 10.97 -16.76
CA VAL D 262 20.18 11.80 -16.88
C VAL D 262 20.54 12.40 -15.52
N ILE D 263 19.58 13.08 -14.89
CA ILE D 263 19.86 13.77 -13.64
C ILE D 263 19.92 12.86 -12.42
N GLN D 264 19.53 11.60 -12.56
CA GLN D 264 19.54 10.68 -11.44
C GLN D 264 20.56 9.55 -11.57
N THR D 265 20.92 9.16 -12.79
CA THR D 265 21.90 8.11 -12.98
C THR D 265 23.13 8.58 -13.75
N TYR D 266 22.94 9.23 -14.90
CA TYR D 266 24.09 9.56 -15.76
C TYR D 266 24.92 10.68 -15.16
N LEU D 267 24.29 11.75 -14.69
CA LEU D 267 25.03 12.83 -14.05
C LEU D 267 25.67 12.47 -12.71
N PRO D 268 25.09 11.62 -11.84
CA PRO D 268 25.90 11.14 -10.71
C PRO D 268 27.02 10.19 -11.10
N CYS D 269 26.88 9.41 -12.17
CA CYS D 269 27.94 8.49 -12.54
C CYS D 269 29.08 9.19 -13.28
N ILE D 270 28.77 10.19 -14.10
CA ILE D 270 29.83 10.92 -14.79
C ILE D 270 30.63 11.76 -13.81
N MET D 271 29.95 12.44 -12.88
CA MET D 271 30.65 13.24 -11.88
C MET D 271 31.33 12.40 -10.81
N THR D 272 31.08 11.10 -10.77
CA THR D 272 31.86 10.19 -9.93
C THR D 272 33.16 9.78 -10.62
N VAL D 273 33.11 9.56 -11.94
CA VAL D 273 34.31 9.24 -12.70
C VAL D 273 35.25 10.44 -12.74
N ILE D 274 34.70 11.65 -12.84
CA ILE D 274 35.51 12.86 -12.74
C ILE D 274 36.08 13.00 -11.33
N LEU D 275 35.32 12.59 -10.32
CA LEU D 275 35.78 12.65 -8.93
C LEU D 275 36.94 11.71 -8.66
N SER D 276 36.95 10.54 -9.30
CA SER D 276 38.09 9.65 -9.16
C SER D 276 39.30 10.18 -9.91
N GLN D 277 39.08 10.98 -10.94
CA GLN D 277 40.16 11.59 -11.71
C GLN D 277 40.59 12.94 -11.16
N VAL D 278 39.98 13.39 -10.05
CA VAL D 278 40.53 14.52 -9.31
C VAL D 278 41.87 14.15 -8.71
N SER D 279 42.02 12.89 -8.29
CA SER D 279 43.17 12.42 -7.54
C SER D 279 44.47 12.41 -8.34
N PHE D 280 44.41 12.50 -9.67
CA PHE D 280 45.66 12.52 -10.44
C PHE D 280 46.39 13.85 -10.34
N TRP D 281 45.74 14.89 -9.84
CA TRP D 281 46.33 16.22 -9.74
C TRP D 281 46.87 16.49 -8.34
N LEU D 282 46.99 15.46 -7.50
CA LEU D 282 47.59 15.60 -6.19
C LEU D 282 49.08 15.28 -6.32
N ASN D 283 49.79 15.14 -5.19
CA ASN D 283 51.13 14.62 -5.23
C ASN D 283 51.06 13.10 -5.15
N ARG D 284 52.21 12.43 -5.08
CA ARG D 284 52.25 10.98 -5.07
C ARG D 284 52.50 10.40 -3.68
N GLU D 285 52.83 11.24 -2.70
CA GLU D 285 53.18 10.77 -1.37
C GLU D 285 52.01 10.80 -0.39
N SER D 286 50.95 11.56 -0.70
CA SER D 286 49.76 11.61 0.16
C SER D 286 48.94 10.36 -0.10
N VAL D 287 49.42 9.25 0.46
CA VAL D 287 48.82 7.92 0.28
C VAL D 287 47.46 7.81 0.96
N PRO D 288 47.20 8.31 2.20
CA PRO D 288 45.81 8.31 2.68
C PRO D 288 44.89 9.25 1.93
N ALA D 289 45.40 10.28 1.24
CA ALA D 289 44.53 11.18 0.50
C ALA D 289 44.03 10.52 -0.78
N ARG D 290 44.94 9.94 -1.56
CA ARG D 290 44.57 9.34 -2.84
C ARG D 290 43.88 8.00 -2.69
N THR D 291 44.04 7.32 -1.55
CA THR D 291 43.30 6.08 -1.32
C THR D 291 41.83 6.37 -1.06
N VAL D 292 41.53 7.44 -0.32
CA VAL D 292 40.15 7.82 -0.03
C VAL D 292 39.42 8.26 -1.31
N PHE D 293 40.14 8.87 -2.26
CA PHE D 293 39.56 9.03 -3.60
C PHE D 293 39.33 7.68 -4.27
N GLY D 294 40.24 6.72 -4.05
CA GLY D 294 40.14 5.45 -4.75
C GLY D 294 39.01 4.58 -4.24
N VAL D 295 38.86 4.48 -2.92
CA VAL D 295 37.90 3.56 -2.34
C VAL D 295 36.48 4.09 -2.46
N THR D 296 36.30 5.40 -2.25
CA THR D 296 34.97 5.99 -2.20
C THR D 296 34.27 5.98 -3.55
N THR D 297 35.00 6.31 -4.62
CA THR D 297 34.41 6.27 -5.94
C THR D 297 34.06 4.86 -6.40
N VAL D 298 34.69 3.83 -5.82
CA VAL D 298 34.26 2.46 -6.03
C VAL D 298 32.97 2.20 -5.25
N LEU D 299 32.86 2.76 -4.03
CA LEU D 299 31.64 2.62 -3.24
C LEU D 299 30.46 3.30 -3.91
N THR D 300 30.68 4.50 -4.45
CA THR D 300 29.60 5.26 -5.07
C THR D 300 29.13 4.59 -6.36
N MET D 301 30.06 4.11 -7.18
CA MET D 301 29.67 3.41 -8.40
C MET D 301 29.06 2.05 -8.11
N THR D 302 29.39 1.46 -6.96
CA THR D 302 28.65 0.28 -6.52
C THR D 302 27.24 0.67 -6.08
N THR D 303 27.12 1.79 -5.38
CA THR D 303 25.80 2.26 -4.93
C THR D 303 24.93 2.72 -6.10
N LEU D 304 25.53 3.43 -7.07
CA LEU D 304 24.76 3.93 -8.20
C LEU D 304 24.38 2.81 -9.17
N SER D 305 25.14 1.71 -9.20
CA SER D 305 24.75 0.58 -10.03
C SER D 305 23.53 -0.12 -9.48
N ILE D 306 23.42 -0.20 -8.16
CA ILE D 306 22.27 -0.84 -7.53
C ILE D 306 21.04 0.05 -7.62
N SER D 307 21.22 1.35 -7.40
CA SER D 307 20.10 2.28 -7.43
C SER D 307 19.56 2.54 -8.83
N ALA D 308 20.30 2.15 -9.88
CA ALA D 308 19.85 2.37 -11.25
C ALA D 308 19.06 1.19 -11.81
N ARG D 309 19.25 -0.01 -11.27
CA ARG D 309 18.45 -1.14 -11.72
C ARG D 309 17.03 -1.08 -11.17
N ASN D 310 16.85 -0.41 -10.02
CA ASN D 310 15.60 -0.39 -9.28
C ASN D 310 14.48 0.36 -9.98
N SER D 311 14.75 1.05 -11.09
CA SER D 311 13.71 1.69 -11.89
C SER D 311 13.32 0.85 -13.10
N LEU D 312 13.34 -0.48 -12.97
CA LEU D 312 13.30 -1.37 -14.11
C LEU D 312 12.92 -2.76 -13.61
N PRO D 313 12.24 -3.56 -14.42
CA PRO D 313 12.00 -4.96 -14.05
C PRO D 313 13.27 -5.79 -14.09
N LYS D 314 13.16 -7.01 -13.60
CA LYS D 314 14.31 -7.90 -13.40
C LYS D 314 14.56 -8.79 -14.61
N VAL D 315 14.69 -8.20 -15.79
CA VAL D 315 15.02 -8.99 -16.97
C VAL D 315 16.49 -9.38 -16.94
N ALA D 316 16.79 -10.55 -17.48
CA ALA D 316 18.12 -11.15 -17.33
C ALA D 316 19.00 -10.89 -18.55
N TYR D 317 19.25 -9.62 -18.81
CA TYR D 317 20.23 -9.19 -19.79
C TYR D 317 20.69 -7.79 -19.43
N ALA D 318 21.60 -7.24 -20.24
CA ALA D 318 22.24 -5.97 -19.95
C ALA D 318 21.61 -4.87 -20.79
N THR D 319 20.97 -3.92 -20.12
CA THR D 319 20.42 -2.75 -20.78
C THR D 319 21.55 -1.78 -21.14
N ALA D 320 21.21 -0.78 -21.94
CA ALA D 320 22.19 0.21 -22.36
C ALA D 320 22.64 1.11 -21.21
N MET D 321 21.83 1.25 -20.16
CA MET D 321 22.29 1.92 -18.95
C MET D 321 23.32 1.07 -18.22
N ASP D 322 23.13 -0.25 -18.23
CA ASP D 322 24.06 -1.15 -17.55
C ASP D 322 25.39 -1.22 -18.26
N TRP D 323 25.42 -1.05 -19.58
CA TRP D 323 26.70 -0.93 -20.27
C TRP D 323 27.40 0.38 -19.96
N PHE D 324 26.63 1.42 -19.63
CA PHE D 324 27.24 2.70 -19.28
C PHE D 324 27.93 2.63 -17.92
N ILE D 325 27.24 2.04 -16.94
CA ILE D 325 27.77 1.97 -15.58
C ILE D 325 28.97 1.02 -15.51
N ALA D 326 28.93 -0.06 -16.28
CA ALA D 326 30.03 -1.03 -16.27
C ALA D 326 31.31 -0.44 -16.86
N VAL D 327 31.18 0.41 -17.87
CA VAL D 327 32.36 1.07 -18.42
C VAL D 327 32.78 2.22 -17.52
N CYS D 328 31.82 2.94 -16.92
CA CYS D 328 32.16 3.99 -15.96
C CYS D 328 32.75 3.42 -14.69
N TYR D 329 32.41 2.17 -14.34
CA TYR D 329 33.08 1.52 -13.23
C TYR D 329 34.52 1.15 -13.59
N ALA D 330 34.77 0.90 -14.88
CA ALA D 330 36.13 0.55 -15.31
C ALA D 330 37.07 1.74 -15.23
N PHE D 331 36.59 2.94 -15.55
CA PHE D 331 37.43 4.12 -15.40
C PHE D 331 37.67 4.47 -13.94
N VAL D 332 36.68 4.17 -13.08
CA VAL D 332 36.85 4.40 -11.65
C VAL D 332 37.85 3.40 -11.06
N PHE D 333 37.67 2.12 -11.38
CA PHE D 333 38.53 1.08 -10.81
C PHE D 333 39.95 1.16 -11.34
N SER D 334 40.14 1.66 -12.56
CA SER D 334 41.50 1.80 -13.10
C SER D 334 42.24 2.97 -12.48
N ALA D 335 41.54 3.92 -11.88
CA ALA D 335 42.21 5.03 -11.20
C ALA D 335 42.91 4.57 -9.94
N LEU D 336 42.37 3.55 -9.26
CA LEU D 336 43.02 3.03 -8.06
C LEU D 336 44.12 2.05 -8.38
N ILE D 337 43.98 1.30 -9.48
CA ILE D 337 45.07 0.47 -9.98
C ILE D 337 46.23 1.36 -10.47
N GLU D 338 45.91 2.56 -10.95
CA GLU D 338 46.95 3.54 -11.27
C GLU D 338 47.68 3.97 -10.00
N PHE D 339 46.96 4.18 -8.91
CA PHE D 339 47.59 4.56 -7.65
C PHE D 339 48.36 3.41 -7.02
N ALA D 340 47.90 2.17 -7.22
CA ALA D 340 48.67 1.01 -6.76
C ALA D 340 49.96 0.86 -7.56
N THR D 341 49.96 1.32 -8.82
CA THR D 341 51.18 1.33 -9.60
C THR D 341 52.14 2.43 -9.13
N VAL D 342 51.59 3.61 -8.80
CA VAL D 342 52.42 4.73 -8.35
C VAL D 342 53.03 4.44 -6.99
N ASN D 343 52.26 3.85 -6.08
CA ASN D 343 52.76 3.53 -4.74
C ASN D 343 53.73 2.35 -4.75
N TYR D 344 53.80 1.59 -5.84
CA TYR D 344 54.81 0.56 -6.02
C TYR D 344 56.13 1.15 -6.53
N PHE D 345 56.15 2.46 -6.82
CA PHE D 345 57.30 3.12 -7.43
C PHE D 345 57.74 4.37 -6.66
N THR D 346 57.19 4.60 -5.46
CA THR D 346 57.34 5.90 -4.80
C THR D 346 58.72 6.06 -4.16
N LYS D 347 59.15 5.06 -3.38
CA LYS D 347 60.51 4.86 -2.86
C LYS D 347 60.86 5.83 -1.74
N ARG D 348 59.99 6.81 -1.46
CA ARG D 348 60.22 7.79 -0.40
C ARG D 348 58.93 8.00 0.38
N GLY D 349 59.08 8.35 1.65
CA GLY D 349 57.92 8.55 2.50
C GLY D 349 57.58 10.01 2.72
N TYR D 350 58.58 10.88 2.60
CA TYR D 350 58.39 12.31 2.84
C TYR D 350 58.05 13.02 1.54
N ALA D 351 57.29 14.11 1.69
CA ALA D 351 56.85 14.90 0.55
C ALA D 351 57.88 15.98 0.23
N TRP D 352 57.52 16.92 -0.64
CA TRP D 352 58.43 17.97 -1.07
C TRP D 352 58.27 19.18 -0.15
N ASP D 353 59.35 19.60 0.48
CA ASP D 353 59.31 20.76 1.35
C ASP D 353 59.28 22.05 0.53
N GLY D 354 58.76 23.10 1.15
CA GLY D 354 58.70 24.40 0.49
C GLY D 354 60.07 25.03 0.29
N LYS D 355 61.04 24.69 1.13
CA LYS D 355 62.39 25.20 1.00
C LYS D 355 63.18 24.45 -0.07
N LYS D 419 68.77 17.31 1.11
CA LYS D 419 68.38 15.95 0.78
C LYS D 419 67.66 15.89 -0.56
N THR D 420 67.64 14.70 -1.16
CA THR D 420 66.92 14.50 -2.40
C THR D 420 65.44 14.25 -2.14
N PHE D 421 64.61 14.68 -3.07
CA PHE D 421 63.16 14.57 -2.97
C PHE D 421 62.67 13.62 -4.06
N ASN D 422 61.34 13.54 -4.19
CA ASN D 422 60.72 12.59 -5.09
C ASN D 422 60.04 13.35 -6.23
N SER D 423 60.05 12.76 -7.42
CA SER D 423 59.59 13.44 -8.63
C SER D 423 58.07 13.39 -8.72
N VAL D 424 57.54 13.79 -9.87
CA VAL D 424 56.11 13.99 -10.04
C VAL D 424 55.50 12.81 -10.81
N SER D 425 56.20 11.67 -10.82
CA SER D 425 55.66 10.34 -11.16
C SER D 425 55.10 10.28 -12.58
N LYS D 426 56.02 10.29 -13.57
CA LYS D 426 55.75 10.47 -15.00
C LYS D 426 54.54 9.74 -15.60
N ILE D 427 54.13 8.61 -15.00
CA ILE D 427 52.87 7.97 -15.39
C ILE D 427 51.64 8.68 -14.85
N ASP D 428 51.79 9.59 -13.88
CA ASP D 428 50.65 10.40 -13.46
C ASP D 428 50.35 11.46 -14.51
N ARG D 429 51.38 11.97 -15.19
CA ARG D 429 51.17 12.94 -16.26
C ARG D 429 50.47 12.31 -17.46
N LEU D 430 50.76 11.05 -17.75
CA LEU D 430 50.05 10.38 -18.84
C LEU D 430 48.61 10.07 -18.48
N SER D 431 48.33 9.80 -17.20
CA SER D 431 46.97 9.52 -16.79
C SER D 431 46.11 10.78 -16.73
N ARG D 432 46.74 11.93 -16.47
CA ARG D 432 46.01 13.21 -16.53
C ARG D 432 45.57 13.54 -17.95
N ILE D 433 46.34 13.09 -18.95
CA ILE D 433 45.97 13.34 -20.34
C ILE D 433 45.01 12.28 -20.85
N ALA D 434 45.33 11.00 -20.61
CA ALA D 434 44.64 9.92 -21.31
C ALA D 434 43.26 9.62 -20.72
N PHE D 435 43.14 9.62 -19.39
CA PHE D 435 41.89 9.19 -18.76
C PHE D 435 40.73 10.17 -18.89
N PRO D 436 40.92 11.50 -18.85
CA PRO D 436 39.82 12.36 -19.31
C PRO D 436 39.58 12.30 -20.81
N LEU D 437 40.60 11.91 -21.59
CA LEU D 437 40.42 11.81 -23.03
C LEU D 437 39.63 10.57 -23.39
N LEU D 438 40.01 9.41 -22.82
CA LEU D 438 39.33 8.17 -23.16
C LEU D 438 37.91 8.11 -22.59
N PHE D 439 37.65 8.85 -21.51
CA PHE D 439 36.28 8.97 -21.03
C PHE D 439 35.49 9.95 -21.88
N GLY D 440 36.16 10.95 -22.45
CA GLY D 440 35.48 11.86 -23.37
C GLY D 440 35.22 11.24 -24.72
N ILE D 441 36.12 10.37 -25.18
CA ILE D 441 35.89 9.64 -26.42
C ILE D 441 34.75 8.64 -26.27
N PHE D 442 34.67 7.99 -25.10
CA PHE D 442 33.59 7.02 -24.86
C PHE D 442 32.22 7.69 -24.80
N ASN D 443 32.14 8.92 -24.26
CA ASN D 443 30.87 9.63 -24.26
C ASN D 443 30.46 10.05 -25.67
N LEU D 444 31.42 10.27 -26.56
CA LEU D 444 31.08 10.52 -27.96
C LEU D 444 30.54 9.26 -28.63
N VAL D 445 31.12 8.10 -28.32
CA VAL D 445 30.67 6.86 -28.93
C VAL D 445 29.33 6.42 -28.33
N TYR D 446 29.17 6.58 -27.02
CA TYR D 446 27.95 6.13 -26.35
C TYR D 446 26.75 6.99 -26.75
N TRP D 447 26.86 8.30 -26.65
CA TRP D 447 25.71 9.17 -26.87
C TRP D 447 25.39 9.40 -28.33
N ALA D 448 26.22 8.94 -29.27
CA ALA D 448 25.87 8.98 -30.67
C ALA D 448 25.32 7.66 -31.19
N THR D 449 25.69 6.55 -30.55
CA THR D 449 25.16 5.25 -30.96
C THR D 449 23.72 5.08 -30.50
N TYR D 450 23.44 5.41 -29.24
CA TYR D 450 22.16 5.11 -28.63
C TYR D 450 21.13 6.23 -28.77
N LEU D 451 21.52 7.43 -29.20
CA LEU D 451 20.56 8.47 -29.53
C LEU D 451 20.17 8.46 -31.00
N ASN D 452 20.22 7.30 -31.64
CA ASN D 452 19.71 7.08 -32.98
C ASN D 452 18.69 5.95 -33.04
N ARG D 453 18.84 4.94 -32.19
CA ARG D 453 17.92 3.80 -32.15
C ARG D 453 16.55 4.20 -31.59
N ASN E 33 -53.40 7.29 8.51
CA ASN E 33 -52.22 7.81 9.19
C ASN E 33 -50.95 7.23 8.58
N MET E 34 -50.92 5.92 8.45
CA MET E 34 -49.74 5.20 7.98
C MET E 34 -50.02 4.30 6.80
N SER E 35 -51.18 3.63 6.78
CA SER E 35 -51.51 2.74 5.67
C SER E 35 -51.94 3.50 4.43
N PHE E 36 -52.40 4.74 4.58
CA PHE E 36 -52.65 5.60 3.42
C PHE E 36 -51.34 6.01 2.76
N VAL E 37 -50.28 6.16 3.54
CA VAL E 37 -48.97 6.52 3.00
C VAL E 37 -48.38 5.34 2.22
N LYS E 38 -48.60 4.12 2.70
CA LYS E 38 -48.22 2.93 1.93
C LYS E 38 -49.01 2.83 0.64
N GLU E 39 -50.30 3.16 0.69
CA GLU E 39 -51.15 3.10 -0.50
C GLU E 39 -50.76 4.15 -1.52
N THR E 40 -50.26 5.31 -1.06
CA THR E 40 -49.81 6.36 -1.97
C THR E 40 -48.55 5.93 -2.72
N VAL E 41 -47.56 5.41 -2.00
CA VAL E 41 -46.27 5.05 -2.60
C VAL E 41 -46.42 3.83 -3.51
N ASP E 42 -47.32 2.90 -3.18
CA ASP E 42 -47.51 1.71 -4.01
C ASP E 42 -48.14 2.04 -5.36
N LYS E 43 -48.87 3.15 -5.47
CA LYS E 43 -49.44 3.55 -6.74
C LYS E 43 -48.69 4.71 -7.39
N LEU E 44 -47.60 5.19 -6.77
CA LEU E 44 -46.68 6.05 -7.52
C LEU E 44 -45.85 5.22 -8.49
N LEU E 45 -45.45 4.02 -8.08
CA LEU E 45 -44.65 3.14 -8.90
C LEU E 45 -45.49 2.13 -9.68
N LYS E 46 -46.81 2.20 -9.59
CA LYS E 46 -47.69 1.34 -10.36
C LYS E 46 -47.72 1.85 -11.80
N GLY E 47 -47.02 1.15 -12.68
CA GLY E 47 -46.88 1.61 -14.05
C GLY E 47 -45.75 2.59 -14.26
N TYR E 48 -44.68 2.48 -13.48
CA TYR E 48 -43.54 3.39 -13.58
C TYR E 48 -42.45 2.73 -14.42
N ASP E 49 -41.92 3.46 -15.39
CA ASP E 49 -40.89 2.96 -16.28
C ASP E 49 -39.60 3.68 -15.96
N ILE E 50 -38.59 2.93 -15.49
CA ILE E 50 -37.32 3.52 -15.11
C ILE E 50 -36.37 3.65 -16.28
N ARG E 51 -36.81 3.32 -17.49
CA ARG E 51 -36.02 3.49 -18.70
C ARG E 51 -36.31 4.80 -19.41
N LEU E 52 -37.32 5.54 -18.96
CA LEU E 52 -37.72 6.78 -19.60
C LEU E 52 -37.21 7.97 -18.80
N ARG E 53 -36.55 8.89 -19.49
CA ARG E 53 -36.20 10.17 -18.92
C ARG E 53 -37.48 10.96 -18.66
N PRO E 54 -37.55 11.75 -17.59
CA PRO E 54 -38.76 12.54 -17.31
C PRO E 54 -39.04 13.57 -18.40
N ASP E 55 -40.30 13.58 -18.87
CA ASP E 55 -40.73 14.29 -20.07
C ASP E 55 -39.87 13.87 -21.28
N PHE E 56 -40.06 12.60 -21.63
CA PHE E 56 -39.15 11.89 -22.52
C PHE E 56 -39.12 12.48 -23.93
N GLY E 57 -40.20 13.13 -24.35
CA GLY E 57 -40.18 13.80 -25.63
C GLY E 57 -40.12 15.31 -25.49
N GLY E 58 -40.39 15.81 -24.29
CA GLY E 58 -40.52 17.22 -24.07
C GLY E 58 -39.21 17.91 -23.72
N PRO E 59 -39.27 18.84 -22.77
CA PRO E 59 -38.09 19.63 -22.41
C PRO E 59 -37.06 18.78 -21.68
N PRO E 60 -35.80 19.22 -21.64
CA PRO E 60 -34.80 18.50 -20.84
C PRO E 60 -35.03 18.71 -19.35
N VAL E 61 -34.71 17.68 -18.58
CA VAL E 61 -34.86 17.73 -17.14
C VAL E 61 -33.68 18.47 -16.53
N CYS E 62 -33.95 19.30 -15.52
CA CYS E 62 -32.93 20.09 -14.86
C CYS E 62 -32.51 19.40 -13.57
N VAL E 63 -31.24 19.01 -13.50
CA VAL E 63 -30.68 18.33 -12.34
C VAL E 63 -29.76 19.30 -11.62
N GLY E 64 -30.14 19.70 -10.41
CA GLY E 64 -29.34 20.60 -9.61
C GLY E 64 -28.52 19.83 -8.59
N MET E 65 -27.25 20.22 -8.45
CA MET E 65 -26.31 19.45 -7.65
C MET E 65 -25.81 20.27 -6.46
N ASN E 66 -25.40 19.55 -5.44
CA ASN E 66 -25.03 20.11 -4.14
C ASN E 66 -24.08 19.13 -3.50
N ILE E 67 -22.87 19.59 -3.19
CA ILE E 67 -21.80 18.71 -2.70
C ILE E 67 -21.38 19.18 -1.32
N ASP E 68 -21.42 18.28 -0.35
CA ASP E 68 -20.93 18.54 1.00
C ASP E 68 -19.72 17.64 1.19
N ILE E 69 -18.53 18.23 1.20
CA ILE E 69 -17.28 17.47 1.19
C ILE E 69 -16.92 17.10 2.62
N ALA E 70 -16.70 15.81 2.86
CA ALA E 70 -16.27 15.37 4.18
C ALA E 70 -14.78 15.63 4.38
N SER E 71 -13.93 15.17 3.45
CA SER E 71 -12.50 15.28 3.61
C SER E 71 -11.82 15.11 2.27
N ILE E 72 -10.52 15.43 2.25
CA ILE E 72 -9.61 15.06 1.18
C ILE E 72 -8.52 14.22 1.82
N ASP E 73 -8.49 12.93 1.50
CA ASP E 73 -7.70 11.99 2.29
C ASP E 73 -6.21 12.08 1.95
N MET E 74 -5.86 11.81 0.70
CA MET E 74 -4.47 11.83 0.28
C MET E 74 -4.36 12.58 -1.04
N VAL E 75 -3.25 13.29 -1.21
CA VAL E 75 -2.94 13.97 -2.46
C VAL E 75 -1.58 13.44 -2.90
N SER E 76 -1.59 12.44 -3.77
CA SER E 76 -0.39 11.70 -4.14
C SER E 76 0.26 12.31 -5.37
N GLU E 77 1.57 12.55 -5.27
CA GLU E 77 2.34 12.98 -6.43
C GLU E 77 2.88 11.80 -7.22
N VAL E 78 3.04 10.64 -6.59
CA VAL E 78 3.51 9.46 -7.30
C VAL E 78 2.39 8.90 -8.17
N ASN E 79 1.19 8.76 -7.61
CA ASN E 79 0.06 8.20 -8.33
C ASN E 79 -0.70 9.25 -9.13
N MET E 80 -0.40 10.54 -8.93
CA MET E 80 -0.98 11.66 -9.67
C MET E 80 -2.51 11.70 -9.55
N ASP E 81 -2.98 11.72 -8.30
CA ASP E 81 -4.41 11.71 -8.04
C ASP E 81 -4.69 12.33 -6.67
N TYR E 82 -5.96 12.36 -6.30
CA TYR E 82 -6.36 12.76 -4.95
C TYR E 82 -7.64 12.00 -4.59
N THR E 83 -7.82 11.76 -3.31
CA THR E 83 -8.98 11.05 -2.80
C THR E 83 -9.95 12.06 -2.21
N LEU E 84 -11.19 12.04 -2.68
CA LEU E 84 -12.22 12.99 -2.27
C LEU E 84 -13.41 12.23 -1.71
N THR E 85 -13.82 12.58 -0.49
CA THR E 85 -15.00 12.03 0.16
C THR E 85 -16.04 13.13 0.30
N MET E 86 -17.25 12.88 -0.19
CA MET E 86 -18.23 13.96 -0.30
C MET E 86 -19.65 13.41 -0.20
N TYR E 87 -20.55 14.28 0.24
CA TYR E 87 -22.00 14.01 0.22
C TYR E 87 -22.54 14.57 -1.08
N PHE E 88 -22.72 13.72 -2.08
CA PHE E 88 -23.08 14.16 -3.42
C PHE E 88 -24.60 14.04 -3.60
N GLN E 89 -25.26 15.18 -3.83
CA GLN E 89 -26.70 15.29 -3.77
C GLN E 89 -27.25 15.88 -5.06
N GLN E 90 -28.43 15.43 -5.48
CA GLN E 90 -29.04 15.84 -6.74
C GLN E 90 -30.53 16.10 -6.55
N TYR E 91 -30.98 17.31 -6.88
CA TYR E 91 -32.40 17.61 -6.99
C TYR E 91 -32.82 17.58 -8.45
N TRP E 92 -33.98 16.97 -8.72
CA TRP E 92 -34.67 17.17 -9.99
C TRP E 92 -36.15 16.95 -9.75
N ARG E 93 -36.96 17.46 -10.68
CA ARG E 93 -38.41 17.37 -10.56
C ARG E 93 -38.94 16.33 -11.52
N ASP E 94 -39.70 15.36 -10.99
CA ASP E 94 -40.32 14.32 -11.78
C ASP E 94 -41.82 14.33 -11.50
N LYS E 95 -42.62 14.57 -12.55
CA LYS E 95 -44.06 14.69 -12.38
C LYS E 95 -44.74 13.36 -12.13
N ARG E 96 -44.08 12.24 -12.44
CA ARG E 96 -44.67 10.93 -12.22
C ARG E 96 -44.66 10.53 -10.76
N LEU E 97 -43.86 11.20 -9.93
CA LEU E 97 -43.77 10.90 -8.51
C LEU E 97 -44.53 11.91 -7.66
N ALA E 98 -45.38 12.72 -8.28
CA ALA E 98 -46.13 13.73 -7.54
C ALA E 98 -47.29 13.08 -6.79
N TYR E 99 -47.35 13.31 -5.48
CA TYR E 99 -48.43 12.81 -4.65
C TYR E 99 -49.21 13.99 -4.08
N SER E 100 -50.40 13.68 -3.55
CA SER E 100 -51.32 14.69 -3.07
C SER E 100 -52.01 14.21 -1.80
N GLY E 101 -52.18 15.13 -0.85
CA GLY E 101 -52.86 14.81 0.39
C GLY E 101 -51.91 14.70 1.57
N ILE E 102 -50.78 14.06 1.35
CA ILE E 102 -49.75 13.90 2.38
C ILE E 102 -48.91 15.17 2.43
N PRO E 103 -48.88 15.89 3.54
CA PRO E 103 -48.19 17.19 3.56
C PRO E 103 -46.69 17.07 3.79
N LEU E 104 -46.23 15.94 4.31
CA LEU E 104 -44.84 15.79 4.68
C LEU E 104 -44.00 15.39 3.47
N ASN E 105 -42.68 15.34 3.68
CA ASN E 105 -41.73 14.93 2.66
C ASN E 105 -41.41 13.45 2.88
N LEU E 106 -41.71 12.62 1.90
CA LEU E 106 -41.58 11.17 2.04
C LEU E 106 -40.11 10.77 2.02
N THR E 107 -39.55 10.51 3.19
CA THR E 107 -38.19 9.98 3.30
C THR E 107 -38.29 8.46 3.20
N LEU E 108 -37.93 7.92 2.05
CA LEU E 108 -38.07 6.49 1.80
C LEU E 108 -36.76 5.76 2.04
N ASP E 109 -36.84 4.43 2.03
CA ASP E 109 -35.68 3.57 2.17
C ASP E 109 -34.81 3.68 0.92
N ASN E 110 -33.53 3.33 1.06
CA ASN E 110 -32.60 3.46 -0.05
C ASN E 110 -32.84 2.46 -1.17
N ARG E 111 -33.60 1.40 -0.90
CA ARG E 111 -33.86 0.38 -1.93
C ARG E 111 -34.86 0.85 -2.98
N VAL E 112 -35.59 1.94 -2.73
CA VAL E 112 -36.51 2.45 -3.75
C VAL E 112 -35.78 3.23 -4.82
N ALA E 113 -34.51 3.59 -4.59
CA ALA E 113 -33.69 4.24 -5.61
C ALA E 113 -33.34 3.29 -6.75
N ASP E 114 -33.42 1.98 -6.52
CA ASP E 114 -33.29 1.01 -7.60
C ASP E 114 -34.57 0.90 -8.44
N GLN E 115 -35.65 1.54 -8.00
CA GLN E 115 -36.94 1.48 -8.70
C GLN E 115 -37.35 2.84 -9.25
N LEU E 116 -36.45 3.81 -9.23
CA LEU E 116 -36.70 5.14 -9.77
C LEU E 116 -35.75 5.44 -10.93
N TRP E 117 -36.00 6.54 -11.61
CA TRP E 117 -35.05 7.10 -12.54
C TRP E 117 -34.08 8.00 -11.79
N VAL E 118 -32.79 7.76 -11.96
CA VAL E 118 -31.75 8.63 -11.40
C VAL E 118 -30.80 8.98 -12.53
N PRO E 119 -30.14 10.13 -12.50
CA PRO E 119 -29.21 10.47 -13.60
C PRO E 119 -27.95 9.63 -13.55
N ASP E 120 -27.38 9.40 -14.73
CA ASP E 120 -26.16 8.60 -14.86
C ASP E 120 -24.89 9.46 -14.83
N THR E 121 -24.75 10.26 -13.79
CA THR E 121 -23.63 11.19 -13.71
C THR E 121 -22.35 10.45 -13.32
N TYR E 122 -21.25 10.80 -13.98
CA TYR E 122 -19.97 10.13 -13.77
C TYR E 122 -18.88 11.18 -13.62
N PHE E 123 -17.65 10.71 -13.50
CA PHE E 123 -16.49 11.58 -13.34
C PHE E 123 -15.44 11.09 -14.32
N LEU E 124 -14.86 12.02 -15.10
CA LEU E 124 -13.84 11.58 -16.05
C LEU E 124 -12.50 11.33 -15.36
N ASN E 125 -12.26 11.98 -14.23
CA ASN E 125 -11.03 11.80 -13.47
C ASN E 125 -11.04 10.53 -12.64
N ASP E 126 -12.13 9.78 -12.66
CA ASP E 126 -12.44 8.78 -11.66
C ASP E 126 -11.59 7.53 -11.89
N LYS E 127 -10.51 7.40 -11.12
CA LYS E 127 -9.70 6.18 -11.22
C LYS E 127 -10.39 5.00 -10.57
N LYS E 128 -10.82 5.16 -9.31
CA LYS E 128 -11.42 4.06 -8.56
C LYS E 128 -12.30 4.66 -7.48
N SER E 129 -13.61 4.43 -7.59
CA SER E 129 -14.55 5.03 -6.67
C SER E 129 -15.58 4.00 -6.23
N PHE E 130 -16.25 4.30 -5.13
CA PHE E 130 -17.22 3.40 -4.52
C PHE E 130 -18.21 4.20 -3.69
N VAL E 131 -19.47 3.80 -3.75
CA VAL E 131 -20.47 4.28 -2.80
C VAL E 131 -20.33 3.45 -1.54
N HIS E 132 -20.33 4.10 -0.38
CA HIS E 132 -20.16 3.41 0.89
C HIS E 132 -21.32 2.44 1.16
N GLY E 133 -21.00 1.33 1.80
CA GLY E 133 -21.97 0.26 1.96
C GLY E 133 -22.13 -0.24 3.38
N VAL E 134 -21.59 0.51 4.34
CA VAL E 134 -21.70 0.19 5.75
C VAL E 134 -22.39 1.37 6.44
N THR E 135 -23.54 1.12 7.06
CA THR E 135 -24.11 -0.20 7.28
C THR E 135 -25.06 -0.65 6.19
N VAL E 136 -25.52 0.30 5.39
CA VAL E 136 -26.22 0.06 4.15
C VAL E 136 -25.56 0.89 3.05
N LYS E 137 -26.02 0.70 1.82
CA LYS E 137 -25.59 1.57 0.73
C LYS E 137 -26.14 2.96 0.98
N ASN E 138 -25.24 3.93 1.16
CA ASN E 138 -25.63 5.24 1.68
C ASN E 138 -26.30 6.08 0.58
N ARG E 139 -27.55 5.71 0.31
CA ARG E 139 -28.42 6.45 -0.58
C ARG E 139 -29.55 7.08 0.22
N MET E 140 -30.14 8.13 -0.33
CA MET E 140 -31.34 8.68 0.28
C MET E 140 -32.32 9.09 -0.82
N ILE E 141 -33.59 8.79 -0.59
CA ILE E 141 -34.67 9.22 -1.46
C ILE E 141 -35.65 10.02 -0.60
N ARG E 142 -35.83 11.28 -0.95
CA ARG E 142 -36.71 12.17 -0.20
C ARG E 142 -37.67 12.80 -1.21
N LEU E 143 -38.86 12.22 -1.33
CA LEU E 143 -39.84 12.72 -2.27
C LEU E 143 -40.56 13.92 -1.69
N HIS E 144 -40.86 14.89 -2.55
CA HIS E 144 -41.59 16.07 -2.18
C HIS E 144 -42.95 16.08 -2.89
N PRO E 145 -43.99 16.73 -2.34
CA PRO E 145 -45.34 16.57 -2.90
C PRO E 145 -45.53 17.19 -4.29
N ASP E 146 -44.65 18.07 -4.73
CA ASP E 146 -44.71 18.58 -6.09
C ASP E 146 -43.99 17.69 -7.09
N GLY E 147 -43.32 16.63 -6.63
CA GLY E 147 -42.58 15.74 -7.50
C GLY E 147 -41.08 15.88 -7.40
N THR E 148 -40.58 16.84 -6.63
CA THR E 148 -39.15 17.02 -6.45
C THR E 148 -38.58 15.85 -5.64
N VAL E 149 -37.43 15.33 -6.07
CA VAL E 149 -36.81 14.18 -5.43
C VAL E 149 -35.33 14.47 -5.18
N LEU E 150 -34.89 14.23 -3.95
CA LEU E 150 -33.49 14.31 -3.56
C LEU E 150 -32.87 12.92 -3.60
N TYR E 151 -31.71 12.83 -4.25
CA TYR E 151 -30.93 11.59 -4.33
C TYR E 151 -29.53 11.90 -3.86
N GLY E 152 -29.22 11.51 -2.63
CA GLY E 152 -27.94 11.83 -1.99
C GLY E 152 -27.07 10.59 -1.89
N LEU E 153 -25.78 10.77 -2.15
CA LEU E 153 -24.80 9.70 -2.13
C LEU E 153 -23.61 10.15 -1.30
N ARG E 154 -23.02 9.22 -0.56
CA ARG E 154 -21.76 9.47 0.13
C ARG E 154 -20.67 8.72 -0.64
N ILE E 155 -19.88 9.46 -1.41
CA ILE E 155 -18.99 8.90 -2.42
C ILE E 155 -17.55 9.22 -2.04
N THR E 156 -16.72 8.19 -1.94
CA THR E 156 -15.28 8.36 -1.81
C THR E 156 -14.65 8.01 -3.15
N THR E 157 -14.23 9.03 -3.89
CA THR E 157 -13.69 8.87 -5.23
C THR E 157 -12.21 9.20 -5.24
N THR E 158 -11.49 8.62 -6.20
CA THR E 158 -10.06 8.84 -6.38
C THR E 158 -9.88 9.50 -7.73
N ALA E 159 -9.95 10.83 -7.74
CA ALA E 159 -9.92 11.59 -8.97
C ALA E 159 -8.49 11.96 -9.33
N ALA E 160 -8.18 11.97 -10.63
CA ALA E 160 -6.82 12.14 -11.11
C ALA E 160 -6.42 13.61 -11.22
N CYS E 161 -5.14 13.88 -10.96
CA CYS E 161 -4.54 15.17 -11.23
C CYS E 161 -3.18 14.98 -11.86
N MET E 162 -3.00 15.46 -13.08
CA MET E 162 -1.66 15.62 -13.63
C MET E 162 -1.07 16.91 -13.09
N MET E 163 -0.01 16.77 -12.29
CA MET E 163 0.50 17.87 -11.49
C MET E 163 1.70 18.52 -12.15
N ASP E 164 1.75 19.84 -12.15
CA ASP E 164 2.89 20.60 -12.66
C ASP E 164 3.88 20.75 -11.52
N LEU E 165 4.79 19.79 -11.40
CA LEU E 165 5.78 19.78 -10.33
C LEU E 165 7.11 20.36 -10.76
N ARG E 166 7.11 21.35 -11.66
CA ARG E 166 8.34 21.98 -12.08
C ARG E 166 8.85 23.01 -11.09
N ARG E 167 8.02 23.45 -10.15
CA ARG E 167 8.43 24.33 -9.06
C ARG E 167 8.35 23.62 -7.72
N TYR E 168 8.49 22.30 -7.73
CA TYR E 168 8.35 21.50 -6.52
C TYR E 168 9.52 21.76 -5.57
N PRO E 169 9.27 21.98 -4.28
CA PRO E 169 7.98 21.96 -3.57
C PRO E 169 7.45 23.35 -3.24
N LEU E 170 7.64 24.32 -4.13
CA LEU E 170 7.23 25.70 -3.91
C LEU E 170 6.08 26.09 -4.83
N ASP E 171 5.21 25.15 -5.16
CA ASP E 171 4.27 25.30 -6.27
C ASP E 171 2.83 25.33 -5.81
N GLU E 172 1.97 25.82 -6.70
CA GLU E 172 0.53 25.75 -6.57
C GLU E 172 0.00 24.72 -7.56
N GLN E 173 -1.00 23.94 -7.12
CA GLN E 173 -1.60 22.92 -7.98
C GLN E 173 -3.07 23.23 -8.20
N ASN E 174 -3.65 22.57 -9.20
CA ASN E 174 -5.04 22.76 -9.59
C ASN E 174 -5.64 21.38 -9.83
N CYS E 175 -6.44 20.91 -8.86
CA CYS E 175 -7.13 19.63 -8.94
C CYS E 175 -8.61 19.84 -9.21
N THR E 176 -9.15 19.09 -10.17
CA THR E 176 -10.50 19.28 -10.67
C THR E 176 -11.32 18.01 -10.50
N LEU E 177 -12.62 18.19 -10.26
CA LEU E 177 -13.60 17.11 -10.29
C LEU E 177 -14.58 17.40 -11.41
N GLU E 178 -14.72 16.47 -12.35
CA GLU E 178 -15.41 16.72 -13.61
C GLU E 178 -16.71 15.92 -13.67
N ILE E 179 -17.80 16.52 -13.19
CA ILE E 179 -19.10 15.87 -13.18
C ILE E 179 -19.76 16.07 -14.53
N GLU E 180 -20.31 14.98 -15.10
CA GLU E 180 -20.93 15.04 -16.42
C GLU E 180 -21.93 13.89 -16.53
N SER E 181 -23.04 14.13 -17.24
CA SER E 181 -23.95 13.05 -17.58
C SER E 181 -23.36 12.17 -18.67
N TYR E 182 -23.76 10.91 -18.71
CA TYR E 182 -23.16 9.98 -19.68
C TYR E 182 -24.01 9.75 -20.90
N GLY E 183 -25.29 9.41 -20.73
CA GLY E 183 -26.07 8.97 -21.86
C GLY E 183 -27.10 9.96 -22.33
N TYR E 184 -27.24 11.07 -21.62
CA TYR E 184 -28.22 12.09 -21.94
C TYR E 184 -27.48 13.37 -22.33
N THR E 185 -27.82 13.91 -23.50
CA THR E 185 -27.16 15.10 -24.02
C THR E 185 -27.79 16.35 -23.40
N THR E 186 -27.49 17.51 -23.97
CA THR E 186 -28.04 18.76 -23.46
C THR E 186 -29.48 18.98 -23.89
N ASP E 187 -29.99 18.20 -24.83
CA ASP E 187 -31.42 18.21 -25.15
C ASP E 187 -32.22 17.27 -24.26
N ASP E 188 -31.55 16.43 -23.48
CA ASP E 188 -32.22 15.52 -22.56
C ASP E 188 -32.04 15.91 -21.11
N ILE E 189 -30.88 16.44 -20.73
CA ILE E 189 -30.59 16.76 -19.34
C ILE E 189 -29.85 18.09 -19.30
N GLU E 190 -30.02 18.82 -18.20
CA GLU E 190 -29.28 20.06 -17.95
C GLU E 190 -28.75 20.02 -16.53
N PHE E 191 -27.57 20.60 -16.34
CA PHE E 191 -26.94 20.67 -15.03
C PHE E 191 -26.83 22.11 -14.58
N TYR E 192 -26.92 22.31 -13.27
CA TYR E 192 -26.64 23.60 -12.67
C TYR E 192 -26.22 23.36 -11.23
N TRP E 193 -25.26 24.14 -10.76
CA TRP E 193 -24.93 24.12 -9.34
C TRP E 193 -26.08 24.77 -8.57
N ARG E 194 -26.53 24.10 -7.52
CA ARG E 194 -27.65 24.61 -6.74
C ARG E 194 -27.13 25.46 -5.59
N GLY E 195 -27.50 26.74 -5.59
CA GLY E 195 -27.01 27.68 -4.62
C GLY E 195 -25.96 28.64 -5.14
N GLY E 196 -25.65 28.60 -6.44
CA GLY E 196 -24.68 29.50 -7.02
C GLY E 196 -23.25 29.11 -6.68
N ASP E 197 -22.54 30.00 -5.99
CA ASP E 197 -21.19 29.70 -5.52
C ASP E 197 -21.18 29.07 -4.14
N LYS E 198 -22.32 29.00 -3.47
CA LYS E 198 -22.45 28.31 -2.20
C LYS E 198 -22.94 26.88 -2.36
N ALA E 199 -22.75 26.30 -3.54
CA ALA E 199 -23.15 24.92 -3.77
C ALA E 199 -22.24 23.96 -3.01
N VAL E 200 -20.95 23.96 -3.33
CA VAL E 200 -20.00 23.09 -2.66
C VAL E 200 -19.63 23.69 -1.31
N THR E 201 -19.94 22.98 -0.23
CA THR E 201 -19.61 23.40 1.12
C THR E 201 -18.51 22.51 1.68
N GLY E 202 -18.12 22.79 2.93
CA GLY E 202 -17.15 21.98 3.63
C GLY E 202 -15.72 22.11 3.16
N VAL E 203 -15.42 23.13 2.35
CA VAL E 203 -14.06 23.29 1.84
C VAL E 203 -13.18 23.96 2.89
N GLU E 204 -13.75 24.88 3.67
CA GLU E 204 -13.00 25.57 4.72
C GLU E 204 -12.64 24.65 5.88
N ARG E 205 -13.38 23.55 6.06
CA ARG E 205 -13.09 22.62 7.14
C ARG E 205 -11.94 21.68 6.83
N ILE E 206 -11.49 21.64 5.58
CA ILE E 206 -10.46 20.68 5.18
C ILE E 206 -9.10 21.19 5.61
N GLU E 207 -8.44 20.43 6.48
CA GLU E 207 -7.08 20.71 6.89
C GLU E 207 -6.18 19.61 6.35
N LEU E 208 -5.40 19.93 5.36
CA LEU E 208 -4.46 19.04 4.70
C LEU E 208 -3.08 19.16 5.35
N PRO E 209 -2.30 18.07 5.39
CA PRO E 209 -1.03 18.13 6.11
C PRO E 209 0.06 18.90 5.38
N GLN E 210 0.10 18.85 4.04
CA GLN E 210 1.15 19.54 3.30
C GLN E 210 0.61 20.40 2.18
N PHE E 211 -0.67 20.75 2.20
CA PHE E 211 -1.26 21.64 1.21
C PHE E 211 -2.12 22.68 1.93
N SER E 212 -2.67 23.59 1.15
CA SER E 212 -3.54 24.64 1.66
C SER E 212 -4.48 25.06 0.55
N ILE E 213 -5.78 24.85 0.75
CA ILE E 213 -6.77 25.16 -0.28
C ILE E 213 -6.97 26.67 -0.29
N VAL E 214 -6.48 27.32 -1.34
CA VAL E 214 -6.58 28.77 -1.44
C VAL E 214 -7.95 29.19 -1.95
N GLU E 215 -8.43 28.55 -3.01
CA GLU E 215 -9.62 29.00 -3.71
C GLU E 215 -10.22 27.83 -4.46
N HIS E 216 -11.56 27.73 -4.43
CA HIS E 216 -12.27 26.77 -5.25
C HIS E 216 -13.22 27.50 -6.18
N ARG E 217 -13.50 26.90 -7.34
CA ARG E 217 -14.33 27.49 -8.37
C ARG E 217 -15.37 26.49 -8.84
N LEU E 218 -16.50 27.02 -9.33
CA LEU E 218 -17.60 26.21 -9.84
C LEU E 218 -17.86 26.61 -11.29
N VAL E 219 -17.64 25.68 -12.22
CA VAL E 219 -17.70 25.94 -13.65
C VAL E 219 -18.78 25.06 -14.25
N SER E 220 -19.65 25.66 -15.06
CA SER E 220 -20.70 24.95 -15.79
C SER E 220 -20.52 25.21 -17.27
N ARG E 221 -20.39 24.14 -18.06
CA ARG E 221 -20.15 24.27 -19.49
C ARG E 221 -20.59 23.01 -20.20
N ASN E 222 -20.84 23.13 -21.50
CA ASN E 222 -21.23 22.01 -22.34
C ASN E 222 -20.02 21.49 -23.10
N VAL E 223 -19.83 20.18 -23.07
CA VAL E 223 -18.66 19.53 -23.66
C VAL E 223 -19.12 18.66 -24.82
N VAL E 224 -18.62 18.95 -26.00
CA VAL E 224 -19.06 18.27 -27.22
C VAL E 224 -18.28 16.97 -27.39
N PHE E 225 -18.95 15.98 -27.97
CA PHE E 225 -18.35 14.74 -28.41
C PHE E 225 -18.94 14.39 -29.76
N ALA E 226 -18.43 13.31 -30.36
CA ALA E 226 -18.99 12.82 -31.61
C ALA E 226 -20.42 12.32 -31.43
N THR E 227 -20.76 11.82 -30.24
CA THR E 227 -22.12 11.33 -30.00
C THR E 227 -23.08 12.46 -29.68
N GLY E 228 -22.62 13.53 -29.04
CA GLY E 228 -23.48 14.65 -28.75
C GLY E 228 -22.78 15.67 -27.87
N ALA E 229 -23.55 16.68 -27.47
CA ALA E 229 -23.08 17.76 -26.60
C ALA E 229 -23.67 17.56 -25.21
N TYR E 230 -22.83 17.15 -24.27
CA TYR E 230 -23.24 16.78 -22.93
C TYR E 230 -22.96 17.89 -21.93
N PRO E 231 -23.81 18.11 -20.94
CA PRO E 231 -23.53 19.15 -19.94
C PRO E 231 -22.50 18.67 -18.93
N ARG E 232 -21.65 19.60 -18.49
CA ARG E 232 -20.59 19.26 -17.55
C ARG E 232 -20.49 20.32 -16.46
N LEU E 233 -20.41 19.87 -15.22
CA LEU E 233 -20.06 20.72 -14.09
C LEU E 233 -18.62 20.42 -13.70
N SER E 234 -17.98 21.39 -13.02
CA SER E 234 -16.57 21.23 -12.67
C SER E 234 -16.32 21.88 -11.31
N LEU E 235 -16.02 21.06 -10.32
CA LEU E 235 -15.45 21.51 -9.06
C LEU E 235 -13.94 21.45 -9.16
N SER E 236 -13.27 22.53 -8.77
CA SER E 236 -11.83 22.63 -9.00
C SER E 236 -11.19 23.40 -7.85
N PHE E 237 -10.13 22.83 -7.28
CA PHE E 237 -9.44 23.39 -6.13
C PHE E 237 -8.09 23.98 -6.53
N ARG E 238 -7.59 24.89 -5.71
CA ARG E 238 -6.23 25.40 -5.85
C ARG E 238 -5.43 25.02 -4.60
N LEU E 239 -4.42 24.18 -4.78
CA LEU E 239 -3.64 23.61 -3.69
C LEU E 239 -2.27 24.27 -3.65
N LYS E 240 -2.04 25.11 -2.64
CA LYS E 240 -0.72 25.69 -2.42
C LYS E 240 0.03 24.83 -1.40
N ARG E 241 1.19 24.33 -1.79
CA ARG E 241 1.92 23.36 -0.98
C ARG E 241 2.64 24.05 0.17
N ASN E 242 2.43 23.53 1.38
CA ASN E 242 3.22 23.96 2.52
C ASN E 242 4.64 23.42 2.41
N ILE E 243 5.60 24.22 2.86
CA ILE E 243 7.02 23.95 2.60
C ILE E 243 7.80 23.62 3.84
N GLY E 244 7.17 23.59 5.02
CA GLY E 244 7.89 23.33 6.26
C GLY E 244 8.39 21.91 6.40
N TYR E 245 7.80 20.97 5.66
CA TYR E 245 8.30 19.60 5.65
C TYR E 245 9.65 19.51 4.96
N PHE E 246 9.88 20.33 3.93
CA PHE E 246 11.09 20.24 3.13
C PHE E 246 12.20 21.15 3.64
N ILE E 247 11.86 22.16 4.43
CA ILE E 247 12.88 22.93 5.13
C ILE E 247 13.53 22.06 6.21
N LEU E 248 12.73 21.22 6.87
CA LEU E 248 13.28 20.34 7.89
C LEU E 248 14.12 19.22 7.27
N GLN E 249 13.65 18.61 6.19
CA GLN E 249 14.29 17.41 5.69
C GLN E 249 15.30 17.68 4.57
N THR E 250 15.00 18.61 3.66
CA THR E 250 15.77 18.73 2.44
C THR E 250 16.66 19.97 2.38
N TYR E 251 16.17 21.13 2.81
CA TYR E 251 16.94 22.35 2.60
C TYR E 251 17.96 22.58 3.70
N MET E 252 17.58 22.39 4.97
CA MET E 252 18.49 22.69 6.08
C MET E 252 19.74 21.79 6.16
N PRO E 253 19.70 20.47 5.95
CA PRO E 253 20.98 19.74 5.88
C PRO E 253 21.77 20.05 4.63
N SER E 254 21.11 20.35 3.50
CA SER E 254 21.85 20.69 2.29
C SER E 254 22.57 22.02 2.43
N ILE E 255 22.06 22.92 3.26
CA ILE E 255 22.83 24.12 3.61
C ILE E 255 24.03 23.75 4.46
N LEU E 256 23.82 22.96 5.51
CA LEU E 256 24.85 22.74 6.51
C LEU E 256 25.92 21.75 6.08
N ILE E 257 25.61 20.84 5.15
CA ILE E 257 26.65 20.01 4.55
C ILE E 257 27.51 20.86 3.61
N THR E 258 26.90 21.82 2.92
CA THR E 258 27.66 22.75 2.08
C THR E 258 28.55 23.67 2.92
N ILE E 259 28.09 24.05 4.11
CA ILE E 259 28.90 24.89 4.99
C ILE E 259 30.06 24.09 5.57
N LEU E 260 29.84 22.82 5.89
CA LEU E 260 30.93 22.02 6.43
C LEU E 260 31.91 21.54 5.38
N SER E 261 31.68 21.83 4.11
CA SER E 261 32.72 21.69 3.10
C SER E 261 33.70 22.85 3.10
N TRP E 262 33.43 23.90 3.89
CA TRP E 262 34.24 25.10 3.94
C TRP E 262 35.18 25.09 5.13
N VAL E 263 35.24 23.99 5.88
CA VAL E 263 36.18 23.87 6.98
C VAL E 263 37.59 23.62 6.47
N SER E 264 37.72 23.05 5.26
CA SER E 264 39.02 22.75 4.69
C SER E 264 39.78 24.00 4.24
N PHE E 265 39.16 25.17 4.21
CA PHE E 265 39.90 26.38 3.89
C PHE E 265 40.53 26.99 5.12
N TRP E 266 40.15 26.54 6.32
CA TRP E 266 40.78 26.93 7.56
C TRP E 266 41.78 25.88 8.04
N ILE E 267 42.07 24.89 7.20
CA ILE E 267 43.04 23.84 7.48
C ILE E 267 44.20 24.02 6.52
N ASN E 268 45.43 23.83 7.01
CA ASN E 268 46.63 24.00 6.22
C ASN E 268 46.69 22.99 5.06
N TYR E 269 47.45 23.36 4.03
CA TYR E 269 47.58 22.55 2.83
C TYR E 269 48.40 21.29 3.07
N ASP E 270 49.20 21.26 4.15
CA ASP E 270 49.98 20.06 4.46
C ASP E 270 49.10 18.91 4.91
N ALA E 271 47.97 19.21 5.56
CA ALA E 271 47.03 18.18 6.01
C ALA E 271 46.27 17.66 4.79
N SER E 272 46.91 16.72 4.10
CA SER E 272 46.30 16.15 2.89
C SER E 272 45.17 15.19 3.25
N ALA E 273 45.37 14.38 4.29
CA ALA E 273 44.35 13.41 4.67
C ALA E 273 43.15 14.08 5.30
N ALA E 274 43.32 15.25 5.92
CA ALA E 274 42.20 15.92 6.56
C ALA E 274 41.31 16.61 5.53
N ARG E 275 41.91 17.39 4.62
CA ARG E 275 41.10 18.18 3.68
C ARG E 275 40.46 17.32 2.61
N VAL E 276 41.06 16.19 2.26
CA VAL E 276 40.43 15.27 1.32
C VAL E 276 39.25 14.58 1.96
N ALA E 277 39.40 14.13 3.22
CA ALA E 277 38.37 13.32 3.86
C ALA E 277 37.10 14.11 4.16
N LEU E 278 37.21 15.40 4.46
CA LEU E 278 35.98 16.17 4.63
C LEU E 278 35.37 16.53 3.28
N GLY E 279 36.21 16.63 2.24
CA GLY E 279 35.68 16.85 0.90
C GLY E 279 35.08 15.60 0.28
N ILE E 280 35.61 14.43 0.64
CA ILE E 280 35.02 13.18 0.20
C ILE E 280 33.72 12.90 0.95
N THR E 281 33.67 13.26 2.23
CA THR E 281 32.46 12.99 3.00
C THR E 281 31.33 13.93 2.61
N THR E 282 31.65 15.14 2.16
CA THR E 282 30.58 16.06 1.78
C THR E 282 30.04 15.78 0.38
N VAL E 283 30.81 15.15 -0.50
CA VAL E 283 30.23 14.70 -1.77
C VAL E 283 29.48 13.38 -1.58
N LEU E 284 29.76 12.64 -0.51
CA LEU E 284 28.98 11.44 -0.22
C LEU E 284 27.64 11.79 0.38
N THR E 285 27.58 12.83 1.21
CA THR E 285 26.33 13.17 1.88
C THR E 285 25.33 13.76 0.89
N MET E 286 25.80 14.59 -0.04
CA MET E 286 24.92 15.12 -1.08
C MET E 286 24.45 14.04 -2.03
N THR E 287 25.23 12.96 -2.17
CA THR E 287 24.75 11.80 -2.91
C THR E 287 23.63 11.09 -2.16
N THR E 288 23.82 10.86 -0.85
CA THR E 288 22.83 10.12 -0.06
C THR E 288 21.58 10.95 0.18
N ILE E 289 21.68 12.28 0.19
CA ILE E 289 20.48 13.11 0.23
C ILE E 289 19.70 12.98 -1.08
N ASN E 290 20.42 12.88 -2.21
CA ASN E 290 19.75 12.78 -3.51
C ASN E 290 19.12 11.39 -3.70
N THR E 291 19.78 10.35 -3.20
CA THR E 291 19.23 9.00 -3.35
C THR E 291 18.04 8.75 -2.44
N HIS E 292 18.02 9.37 -1.26
CA HIS E 292 16.86 9.23 -0.39
C HIS E 292 15.66 10.03 -0.90
N LEU E 293 15.91 11.09 -1.68
CA LEU E 293 14.83 11.91 -2.21
C LEU E 293 14.39 11.50 -3.60
N ARG E 294 15.13 10.61 -4.28
CA ARG E 294 14.64 10.08 -5.54
C ARG E 294 13.71 8.88 -5.34
N GLU E 295 13.76 8.26 -4.16
CA GLU E 295 12.82 7.20 -3.82
C GLU E 295 11.45 7.75 -3.43
N THR E 296 11.39 9.02 -3.03
CA THR E 296 10.15 9.64 -2.58
C THR E 296 9.28 10.06 -3.76
N LEU E 297 9.90 10.51 -4.84
CA LEU E 297 9.29 11.30 -5.89
C LEU E 297 9.10 10.50 -7.18
N PRO E 298 8.11 10.85 -8.02
CA PRO E 298 7.85 10.05 -9.24
C PRO E 298 8.88 10.24 -10.34
N LYS E 299 8.59 9.65 -11.49
CA LYS E 299 9.53 9.61 -12.61
C LYS E 299 9.30 10.79 -13.56
N ILE E 300 9.48 12.00 -13.03
CA ILE E 300 9.28 13.21 -13.81
C ILE E 300 10.45 13.40 -14.77
N PRO E 301 10.20 13.77 -16.03
CA PRO E 301 11.30 13.88 -17.00
C PRO E 301 12.04 15.20 -16.94
N TYR E 302 11.49 16.20 -16.29
CA TYR E 302 12.10 17.52 -16.20
C TYR E 302 12.97 17.63 -14.96
N VAL E 303 13.37 18.85 -14.63
CA VAL E 303 14.16 19.13 -13.43
C VAL E 303 13.32 20.03 -12.53
N LYS E 304 13.11 19.58 -11.29
CA LYS E 304 12.27 20.30 -10.35
C LYS E 304 13.04 21.46 -9.73
N ALA E 305 12.35 22.24 -8.89
CA ALA E 305 13.03 23.31 -8.17
C ALA E 305 13.89 22.75 -7.05
N ILE E 306 13.53 21.59 -6.49
CA ILE E 306 14.38 20.99 -5.48
C ILE E 306 15.56 20.25 -6.11
N ASP E 307 15.43 19.83 -7.38
CA ASP E 307 16.57 19.23 -8.08
C ASP E 307 17.55 20.28 -8.57
N MET E 308 17.07 21.48 -8.88
CA MET E 308 17.97 22.60 -9.15
C MET E 308 18.77 22.99 -7.91
N TYR E 309 18.18 22.80 -6.73
CA TYR E 309 18.86 23.17 -5.50
C TYR E 309 19.85 22.12 -5.06
N LEU E 310 19.49 20.83 -5.16
CA LEU E 310 20.39 19.77 -4.73
C LEU E 310 21.56 19.61 -5.69
N MET E 311 21.32 19.76 -7.00
CA MET E 311 22.44 19.82 -7.92
C MET E 311 23.16 21.16 -7.85
N GLY E 312 22.48 22.20 -7.37
CA GLY E 312 23.16 23.47 -7.18
C GLY E 312 24.08 23.47 -5.98
N CYS E 313 23.64 22.88 -4.87
CA CYS E 313 24.51 22.74 -3.71
C CYS E 313 25.62 21.72 -3.93
N PHE E 314 25.40 20.77 -4.85
CA PHE E 314 26.43 19.80 -5.17
C PHE E 314 27.60 20.43 -5.90
N VAL E 315 27.38 21.54 -6.61
CA VAL E 315 28.46 22.24 -7.29
C VAL E 315 29.39 22.88 -6.27
N PHE E 316 28.83 23.60 -5.29
CA PHE E 316 29.63 24.23 -4.24
C PHE E 316 30.32 23.20 -3.36
N VAL E 317 29.72 22.03 -3.20
CA VAL E 317 30.36 20.91 -2.52
C VAL E 317 31.50 20.35 -3.36
N PHE E 318 31.29 20.19 -4.67
CA PHE E 318 32.31 19.60 -5.53
C PHE E 318 33.42 20.58 -5.88
N LEU E 319 33.12 21.89 -5.92
CA LEU E 319 34.17 22.88 -6.13
C LEU E 319 35.07 23.02 -4.91
N ALA E 320 34.57 22.70 -3.72
CA ALA E 320 35.40 22.74 -2.53
C ALA E 320 36.45 21.64 -2.52
N LEU E 321 36.23 20.56 -3.27
CA LEU E 321 37.19 19.47 -3.36
C LEU E 321 38.07 19.57 -4.59
N LEU E 322 37.56 20.19 -5.67
CA LEU E 322 38.44 20.62 -6.76
C LEU E 322 39.40 21.71 -6.30
N GLU E 323 39.02 22.48 -5.27
CA GLU E 323 39.87 23.56 -4.79
C GLU E 323 41.14 23.03 -4.15
N TYR E 324 41.04 21.91 -3.42
CA TYR E 324 42.25 21.36 -2.80
C TYR E 324 43.17 20.75 -3.84
N ALA E 325 42.61 20.11 -4.87
CA ALA E 325 43.44 19.60 -5.95
C ALA E 325 44.09 20.72 -6.75
N PHE E 326 43.46 21.89 -6.78
CA PHE E 326 44.11 23.07 -7.34
C PHE E 326 45.24 23.55 -6.45
N VAL E 327 45.04 23.48 -5.12
CA VAL E 327 46.08 23.90 -4.18
C VAL E 327 47.23 22.89 -4.16
N ASN E 328 46.91 21.60 -4.11
CA ASN E 328 47.92 20.55 -4.04
C ASN E 328 48.76 20.48 -5.32
N TYR E 329 48.16 20.82 -6.47
CA TYR E 329 48.92 20.80 -7.72
C TYR E 329 49.89 21.98 -7.81
N ILE E 330 49.57 23.10 -7.18
CA ILE E 330 50.44 24.27 -7.28
C ILE E 330 51.65 24.13 -6.37
N PHE E 331 51.44 23.72 -5.11
CA PHE E 331 52.56 23.64 -4.18
C PHE E 331 53.43 22.42 -4.47
N PHE E 332 52.82 21.24 -4.61
CA PHE E 332 53.60 20.02 -4.73
C PHE E 332 53.88 19.60 -6.17
N GLY E 333 53.10 20.06 -7.14
CA GLY E 333 53.36 19.71 -8.52
C GLY E 333 54.19 20.75 -9.24
N ARG E 334 53.78 22.01 -9.16
CA ARG E 334 54.49 23.13 -9.79
C ARG E 334 55.34 23.89 -8.79
N GLY E 335 55.95 23.17 -7.85
CA GLY E 335 56.73 23.75 -6.80
C GLY E 335 58.05 24.36 -7.23
N PRO E 336 59.01 23.52 -7.68
CA PRO E 336 60.31 24.04 -8.10
C PRO E 336 60.27 24.91 -9.33
N GLN E 337 59.26 24.77 -10.18
CA GLN E 337 59.16 25.58 -11.40
C GLN E 337 58.52 26.94 -11.11
N ASP E 444 50.83 31.65 -5.23
CA ASP E 444 50.83 31.52 -3.78
C ASP E 444 49.93 30.35 -3.40
N VAL E 445 50.08 29.87 -2.16
CA VAL E 445 49.29 28.73 -1.68
C VAL E 445 48.39 29.22 -0.55
N ASN E 446 48.87 30.21 0.19
CA ASN E 446 48.08 30.79 1.27
C ASN E 446 47.04 31.77 0.74
N ALA E 447 47.33 32.40 -0.40
CA ALA E 447 46.41 33.41 -0.94
C ALA E 447 45.16 32.79 -1.53
N ILE E 448 45.26 31.58 -2.08
CA ILE E 448 44.09 30.93 -2.69
C ILE E 448 43.10 30.51 -1.63
N ASP E 449 43.60 30.00 -0.50
CA ASP E 449 42.71 29.67 0.62
C ASP E 449 42.10 30.92 1.24
N ARG E 450 42.92 31.96 1.46
CA ARG E 450 42.43 33.21 2.03
C ARG E 450 41.42 33.90 1.12
N TRP E 451 41.57 33.74 -0.19
CA TRP E 451 40.57 34.24 -1.13
C TRP E 451 39.25 33.50 -0.99
N SER E 452 39.31 32.15 -1.00
CA SER E 452 38.10 31.34 -1.03
C SER E 452 37.38 31.26 0.31
N ARG E 453 37.98 31.76 1.40
CA ARG E 453 37.27 31.82 2.68
C ARG E 453 36.13 32.83 2.63
N ILE E 454 36.22 33.83 1.77
CA ILE E 454 35.21 34.88 1.69
C ILE E 454 34.36 34.64 0.44
N VAL E 455 34.99 34.13 -0.63
CA VAL E 455 34.32 34.07 -1.93
C VAL E 455 33.26 32.97 -1.95
N PHE E 456 33.60 31.78 -1.50
CA PHE E 456 32.62 30.69 -1.51
C PHE E 456 31.45 30.84 -0.54
N PRO E 457 31.60 31.44 0.65
CA PRO E 457 30.37 31.84 1.37
C PRO E 457 29.62 32.97 0.70
N PHE E 458 30.29 33.88 0.01
CA PHE E 458 29.59 34.96 -0.68
C PHE E 458 28.87 34.44 -1.91
N THR E 459 29.46 33.49 -2.63
CA THR E 459 28.85 32.98 -3.85
C THR E 459 27.67 32.07 -3.53
N PHE E 460 27.77 31.29 -2.45
CA PHE E 460 26.66 30.42 -2.07
C PHE E 460 25.51 31.20 -1.45
N SER E 461 25.81 32.28 -0.72
CA SER E 461 24.73 33.14 -0.23
C SER E 461 24.09 33.91 -1.38
N LEU E 462 24.87 34.21 -2.43
CA LEU E 462 24.29 34.76 -3.64
C LEU E 462 23.46 33.73 -4.38
N PHE E 463 23.83 32.45 -4.28
CA PHE E 463 23.06 31.39 -4.93
C PHE E 463 21.69 31.22 -4.28
N ASN E 464 21.62 31.32 -2.95
CA ASN E 464 20.33 31.25 -2.28
C ASN E 464 19.49 32.48 -2.54
N LEU E 465 20.13 33.63 -2.76
CA LEU E 465 19.37 34.85 -3.03
C LEU E 465 18.71 34.80 -4.41
N VAL E 466 19.40 34.21 -5.39
CA VAL E 466 18.80 34.00 -6.70
C VAL E 466 17.73 32.91 -6.64
N TYR E 467 18.00 31.85 -5.88
CA TYR E 467 17.08 30.71 -5.83
C TYR E 467 15.79 31.04 -5.08
N TRP E 468 15.92 31.58 -3.86
CA TRP E 468 14.74 31.80 -3.03
C TRP E 468 13.93 33.03 -3.44
N LEU E 469 14.39 33.82 -4.41
CA LEU E 469 13.58 34.89 -4.97
C LEU E 469 12.97 34.54 -6.32
N TYR E 470 13.52 33.55 -7.02
CA TYR E 470 12.94 33.14 -8.29
C TYR E 470 11.69 32.30 -8.08
N TYR E 471 11.84 31.18 -7.38
CA TYR E 471 10.75 30.23 -7.22
C TYR E 471 9.73 30.65 -6.16
N VAL E 472 10.02 31.66 -5.36
CA VAL E 472 9.07 32.13 -4.36
C VAL E 472 8.51 33.48 -4.78
N GLN F 1 1.85 33.71 19.74
CA GLN F 1 1.06 33.59 20.96
C GLN F 1 -0.43 33.58 20.62
N VAL F 2 -1.11 32.51 21.03
CA VAL F 2 -2.51 32.32 20.69
C VAL F 2 -3.37 33.14 21.63
N GLN F 3 -4.24 33.99 21.08
CA GLN F 3 -5.12 34.86 21.84
C GLN F 3 -6.56 34.63 21.39
N LEU F 4 -7.35 33.96 22.23
CA LEU F 4 -8.77 33.77 21.97
C LEU F 4 -9.53 34.98 22.48
N GLN F 5 -9.52 36.04 21.68
CA GLN F 5 -10.17 37.29 22.06
C GLN F 5 -11.68 37.16 21.89
N GLU F 6 -12.42 37.40 22.96
CA GLU F 6 -13.87 37.28 22.96
C GLU F 6 -14.52 38.62 22.64
N SER F 7 -15.83 38.57 22.44
CA SER F 7 -16.65 39.77 22.26
C SER F 7 -18.09 39.37 22.59
N GLY F 8 -18.99 40.35 22.53
CA GLY F 8 -20.39 40.09 22.72
C GLY F 8 -20.96 40.93 23.84
N GLY F 9 -22.22 40.62 24.18
CA GLY F 9 -22.93 41.42 25.16
C GLY F 9 -22.49 41.15 26.59
N GLY F 10 -22.82 42.10 27.45
CA GLY F 10 -22.52 41.99 28.86
C GLY F 10 -23.60 42.62 29.72
N LEU F 11 -24.71 42.98 29.08
CA LEU F 11 -25.84 43.60 29.78
C LEU F 11 -27.09 43.33 28.95
N VAL F 12 -28.00 42.53 29.48
CA VAL F 12 -29.15 42.07 28.70
C VAL F 12 -30.32 41.85 29.65
N GLN F 13 -31.52 42.13 29.16
CA GLN F 13 -32.75 41.86 29.89
C GLN F 13 -33.22 40.44 29.60
N GLY F 422 -34.70 38.72 26.12
CA GLY F 422 -33.98 39.20 24.95
C GLY F 422 -32.79 38.33 24.63
N SER F 423 -32.57 38.11 23.33
CA SER F 423 -31.50 37.24 22.89
C SER F 423 -30.16 37.95 22.94
N LEU F 424 -29.09 37.19 22.73
CA LEU F 424 -27.73 37.70 22.77
C LEU F 424 -26.86 36.75 21.97
N ARG F 425 -25.72 37.25 21.50
CA ARG F 425 -24.82 36.45 20.67
C ARG F 425 -23.38 36.77 21.07
N VAL F 426 -22.78 35.88 21.85
CA VAL F 426 -21.42 36.06 22.33
C VAL F 426 -20.47 35.41 21.33
N SER F 427 -19.47 36.17 20.89
CA SER F 427 -18.55 35.73 19.84
C SER F 427 -17.14 35.59 20.38
N CYS F 428 -16.32 34.83 19.66
CA CYS F 428 -14.97 34.52 20.08
C CYS F 428 -14.09 34.37 18.85
N ALA F 429 -13.37 35.43 18.50
CA ALA F 429 -12.46 35.41 17.36
C ALA F 429 -11.09 34.91 17.80
N ALA F 430 -10.54 33.96 17.05
CA ALA F 430 -9.25 33.36 17.37
C ALA F 430 -8.13 34.05 16.59
N SER F 431 -6.91 33.90 17.10
CA SER F 431 -5.73 34.48 16.48
C SER F 431 -4.51 33.69 16.89
N GLY F 432 -3.62 33.45 15.92
CA GLY F 432 -2.35 32.79 16.16
C GLY F 432 -2.31 31.33 15.77
N ARG F 433 -3.47 30.68 15.66
CA ARG F 433 -3.52 29.26 15.31
C ARG F 433 -4.86 28.97 14.68
N THR F 434 -4.85 28.22 13.58
CA THR F 434 -6.08 27.78 12.95
C THR F 434 -6.67 26.63 13.77
N PHE F 435 -7.88 26.81 14.27
CA PHE F 435 -8.56 25.81 15.08
C PHE F 435 -9.56 25.01 14.27
N THR F 436 -9.25 24.70 13.01
CA THR F 436 -10.15 23.88 12.21
C THR F 436 -10.15 22.43 12.70
N THR F 437 -8.97 21.87 12.92
CA THR F 437 -8.88 20.50 13.42
C THR F 437 -9.17 20.41 14.91
N TYR F 438 -9.11 21.52 15.64
CA TYR F 438 -9.38 21.51 17.07
C TYR F 438 -10.88 21.60 17.33
N ILE F 439 -11.25 21.58 18.61
CA ILE F 439 -12.62 21.71 19.05
C ILE F 439 -12.74 22.99 19.86
N MET F 440 -13.60 23.89 19.43
CA MET F 440 -13.83 25.15 20.13
C MET F 440 -15.15 25.07 20.89
N ALA F 441 -15.14 25.51 22.14
CA ALA F 441 -16.21 25.23 23.07
C ALA F 441 -16.51 26.46 23.92
N TRP F 442 -17.70 26.47 24.51
CA TRP F 442 -18.14 27.53 25.40
C TRP F 442 -18.35 27.00 26.81
N PHE F 443 -17.89 27.77 27.79
CA PHE F 443 -17.99 27.42 29.21
C PHE F 443 -18.71 28.51 29.98
N ARG F 444 -19.14 28.15 31.18
CA ARG F 444 -19.80 29.04 32.10
C ARG F 444 -19.19 28.87 33.48
N GLN F 445 -18.99 29.98 34.20
CA GLN F 445 -18.50 29.92 35.56
C GLN F 445 -19.28 30.93 36.41
N ALA F 446 -20.18 30.42 37.25
CA ALA F 446 -20.94 31.26 38.15
C ALA F 446 -20.03 31.75 39.29
N PRO F 447 -20.45 32.81 40.01
CA PRO F 447 -19.75 33.14 41.26
C PRO F 447 -19.89 32.03 42.29
N GLY F 448 -18.78 31.36 42.57
CA GLY F 448 -18.81 30.11 43.32
C GLY F 448 -17.80 29.11 42.79
N LYS F 449 -17.06 29.51 41.76
CA LYS F 449 -15.93 28.76 41.19
C LYS F 449 -16.35 27.38 40.67
N GLU F 450 -17.21 27.40 39.65
CA GLU F 450 -17.70 26.16 39.03
C GLU F 450 -17.70 26.34 37.51
N ARG F 451 -16.63 25.86 36.85
CA ARG F 451 -16.60 25.84 35.39
C ARG F 451 -17.61 24.82 34.88
N GLU F 452 -18.61 25.29 34.14
CA GLU F 452 -19.68 24.44 33.64
C GLU F 452 -19.65 24.43 32.11
N PHE F 453 -19.79 23.23 31.53
CA PHE F 453 -19.84 23.09 30.08
C PHE F 453 -21.16 23.62 29.54
N LEU F 454 -21.09 24.37 28.44
CA LEU F 454 -22.28 24.85 27.76
C LEU F 454 -22.44 24.25 26.37
N ALA F 455 -21.45 24.41 25.50
CA ALA F 455 -21.57 23.96 24.12
C ALA F 455 -20.19 23.68 23.56
N ALA F 456 -20.16 22.86 22.51
CA ALA F 456 -18.93 22.56 21.79
C ALA F 456 -19.30 22.14 20.38
N MET F 457 -18.35 22.29 19.46
CA MET F 457 -18.56 21.85 18.09
C MET F 457 -17.30 21.20 17.57
N ASP F 458 -17.47 20.01 16.99
CA ASP F 458 -16.38 19.21 16.45
C ASP F 458 -15.92 19.80 15.10
N GLN F 459 -14.89 19.21 14.52
CA GLN F 459 -14.50 19.58 13.16
C GLN F 459 -15.59 19.23 12.16
N GLY F 460 -16.28 18.10 12.37
CA GLY F 460 -17.31 17.68 11.45
C GLY F 460 -18.69 18.26 11.74
N ARG F 461 -18.72 19.45 12.34
CA ARG F 461 -19.93 20.24 12.56
C ARG F 461 -20.96 19.52 13.42
N ILE F 462 -20.50 19.00 14.57
CA ILE F 462 -21.36 18.22 15.46
C ILE F 462 -21.46 18.96 16.79
N GLN F 463 -22.69 19.28 17.18
CA GLN F 463 -22.96 20.19 18.28
C GLN F 463 -23.20 19.39 19.55
N TYR F 464 -22.33 19.54 20.53
CA TYR F 464 -22.46 18.91 21.83
C TYR F 464 -22.92 19.95 22.84
N TYR F 465 -24.02 19.66 23.53
CA TYR F 465 -24.62 20.62 24.45
C TYR F 465 -24.65 20.03 25.86
N GLY F 466 -24.63 20.93 26.84
CA GLY F 466 -24.83 20.52 28.22
C GLY F 466 -26.28 20.17 28.49
N ASP F 467 -26.51 19.55 29.65
CA ASP F 467 -27.84 19.02 29.96
C ASP F 467 -28.83 20.10 30.34
N SER F 468 -28.38 21.16 31.02
CA SER F 468 -29.27 22.24 31.41
C SER F 468 -29.51 23.24 30.28
N VAL F 469 -28.79 23.11 29.17
CA VAL F 469 -28.80 24.11 28.11
C VAL F 469 -29.17 23.53 26.76
N ARG F 470 -29.50 22.24 26.67
CA ARG F 470 -29.80 21.58 25.41
C ARG F 470 -31.16 22.05 24.91
N GLY F 471 -31.17 22.92 23.91
CA GLY F 471 -32.38 23.49 23.35
C GLY F 471 -32.45 24.99 23.44
N ARG F 472 -31.70 25.62 24.35
CA ARG F 472 -31.70 27.06 24.51
C ARG F 472 -30.56 27.71 23.74
N PHE F 473 -29.32 27.34 24.06
CA PHE F 473 -28.15 27.95 23.47
C PHE F 473 -27.72 27.17 22.24
N THR F 474 -27.43 27.89 21.16
CA THR F 474 -27.05 27.29 19.89
C THR F 474 -25.63 27.73 19.55
N ILE F 475 -24.76 26.76 19.30
CA ILE F 475 -23.38 27.07 18.91
C ILE F 475 -23.30 27.04 17.38
N SER F 476 -22.43 27.89 16.84
CA SER F 476 -22.21 27.94 15.39
C SER F 476 -20.80 28.46 15.15
N ARG F 477 -19.98 27.65 14.50
CA ARG F 477 -18.61 28.06 14.19
C ARG F 477 -18.51 28.63 12.78
N ASP F 478 -17.48 29.44 12.59
CA ASP F 478 -17.11 29.95 11.27
C ASP F 478 -15.67 29.49 11.02
N TYR F 479 -15.51 28.51 10.14
CA TYR F 479 -14.21 27.89 9.94
C TYR F 479 -13.29 28.73 9.07
N ALA F 480 -13.83 29.69 8.32
CA ALA F 480 -13.00 30.57 7.52
C ALA F 480 -12.44 31.70 8.36
N LYS F 481 -13.29 32.38 9.12
CA LYS F 481 -12.85 33.48 9.97
C LYS F 481 -12.20 33.02 11.27
N ASN F 482 -12.21 31.70 11.53
CA ASN F 482 -11.66 31.07 12.73
C ASN F 482 -12.31 31.66 13.99
N SER F 483 -13.61 31.42 14.13
CA SER F 483 -14.35 31.93 15.25
C SER F 483 -15.43 30.92 15.65
N VAL F 484 -15.94 31.11 16.86
CA VAL F 484 -17.05 30.33 17.38
C VAL F 484 -18.06 31.31 17.98
N ASP F 485 -19.35 31.03 17.79
CA ASP F 485 -20.42 31.95 18.16
C ASP F 485 -21.45 31.20 18.99
N LEU F 486 -21.74 31.70 20.18
CA LEU F 486 -22.78 31.14 21.03
C LEU F 486 -24.02 32.03 20.92
N GLN F 487 -25.13 31.44 20.50
CA GLN F 487 -26.39 32.17 20.36
C GLN F 487 -27.20 31.97 21.63
N LEU F 488 -27.42 33.05 22.36
CA LEU F 488 -28.07 33.01 23.67
C LEU F 488 -29.56 33.28 23.49
N ASP F 489 -30.39 32.31 23.85
CA ASP F 489 -31.83 32.42 23.63
C ASP F 489 -32.55 32.05 24.91
N GLY F 490 -33.48 32.89 25.34
CA GLY F 490 -34.26 32.64 26.53
C GLY F 490 -33.43 32.73 27.80
N LEU F 491 -32.85 33.88 28.05
CA LEU F 491 -31.91 34.05 29.15
C LEU F 491 -32.68 34.19 30.45
N ARG F 492 -32.71 33.11 31.24
CA ARG F 492 -33.20 33.16 32.60
C ARG F 492 -32.18 33.89 33.47
N PRO F 493 -32.62 34.48 34.59
CA PRO F 493 -31.67 35.20 35.46
C PRO F 493 -30.65 34.31 36.16
N GLU F 494 -30.80 32.98 36.15
CA GLU F 494 -29.82 32.08 36.73
C GLU F 494 -28.56 31.93 35.88
N ASP F 495 -28.57 32.42 34.64
CA ASP F 495 -27.43 32.34 33.74
C ASP F 495 -26.54 33.58 33.81
N THR F 496 -26.51 34.26 34.95
CA THR F 496 -25.67 35.43 35.16
C THR F 496 -24.30 34.95 35.61
N ALA F 497 -23.35 34.87 34.67
CA ALA F 497 -22.05 34.31 34.96
C ALA F 497 -21.05 34.79 33.91
N VAL F 498 -19.82 34.33 34.04
CA VAL F 498 -18.73 34.68 33.13
C VAL F 498 -18.60 33.57 32.09
N TYR F 499 -18.74 33.92 30.82
CA TYR F 499 -18.72 32.94 29.74
C TYR F 499 -17.32 32.91 29.14
N TYR F 500 -16.70 31.74 29.16
CA TYR F 500 -15.35 31.56 28.65
C TYR F 500 -15.39 30.83 27.31
N CYS F 501 -14.42 31.17 26.47
CA CYS F 501 -14.24 30.54 25.16
C CYS F 501 -13.01 29.66 25.22
N ALA F 502 -13.20 28.36 24.99
CA ALA F 502 -12.11 27.40 25.03
C ALA F 502 -11.90 26.83 23.63
N ALA F 503 -10.70 26.28 23.41
CA ALA F 503 -10.36 25.71 22.12
C ALA F 503 -9.30 24.63 22.34
N GLY F 504 -9.69 23.37 22.18
CA GLY F 504 -8.77 22.29 22.44
C GLY F 504 -8.98 21.09 21.54
N ALA F 505 -8.17 20.08 21.78
CA ALA F 505 -8.30 18.79 21.14
C ALA F 505 -8.69 18.11 22.43
N GLY F 506 -9.90 17.57 22.50
CA GLY F 506 -10.31 17.05 23.78
C GLY F 506 -9.83 15.68 24.13
N PHE F 507 -8.91 15.62 25.09
CA PHE F 507 -8.44 14.30 25.52
C PHE F 507 -9.03 14.07 26.90
N TRP F 508 -9.76 12.96 27.06
CA TRP F 508 -10.75 12.76 28.13
C TRP F 508 -11.71 13.95 28.20
N GLY F 509 -12.21 14.37 27.04
CA GLY F 509 -12.79 15.69 26.96
C GLY F 509 -14.21 15.81 26.42
N LEU F 510 -14.50 17.01 25.89
CA LEU F 510 -15.77 17.58 25.45
C LEU F 510 -16.75 17.87 26.60
N ARG F 511 -16.41 17.47 27.82
CA ARG F 511 -17.12 17.89 29.02
C ARG F 511 -16.17 18.32 30.12
N THR F 512 -14.91 17.90 30.08
CA THR F 512 -13.94 18.21 31.10
C THR F 512 -13.24 19.51 30.73
N ALA F 513 -13.10 20.41 31.71
CA ALA F 513 -12.45 21.69 31.44
C ALA F 513 -10.95 21.57 31.27
N SER F 514 -10.35 20.48 31.74
CA SER F 514 -8.89 20.32 31.67
C SER F 514 -8.43 19.69 30.36
N SER F 515 -9.30 19.62 29.35
CA SER F 515 -8.94 19.11 28.04
C SER F 515 -8.85 20.23 27.00
N TYR F 516 -8.88 21.48 27.44
CA TYR F 516 -8.83 22.64 26.57
C TYR F 516 -7.63 23.48 26.98
N HIS F 517 -6.57 23.48 26.15
CA HIS F 517 -5.33 24.16 26.48
C HIS F 517 -5.22 25.53 25.82
N TYR F 518 -6.33 26.10 25.37
CA TYR F 518 -6.37 27.48 24.90
C TYR F 518 -7.66 28.11 25.40
N TRP F 519 -7.57 29.34 25.89
CA TRP F 519 -8.65 29.91 26.67
C TRP F 519 -8.93 31.35 26.27
N GLY F 520 -10.19 31.74 26.41
CA GLY F 520 -10.56 33.13 26.34
C GLY F 520 -10.32 33.82 27.68
N GLN F 521 -10.68 35.10 27.73
CA GLN F 521 -10.47 35.87 28.95
C GLN F 521 -11.72 36.03 29.80
N GLY F 522 -12.91 35.86 29.22
CA GLY F 522 -14.12 35.92 30.00
C GLY F 522 -15.03 37.06 29.61
N THR F 523 -16.33 36.90 29.86
CA THR F 523 -17.32 37.92 29.52
C THR F 523 -18.42 37.88 30.57
N GLN F 524 -18.53 38.93 31.38
CA GLN F 524 -19.56 39.00 32.41
C GLN F 524 -20.91 39.25 31.74
N VAL F 525 -21.67 38.19 31.53
CA VAL F 525 -23.01 38.29 30.96
C VAL F 525 -24.00 38.38 32.11
N THR F 526 -24.67 39.52 32.23
CA THR F 526 -25.55 39.81 33.35
C THR F 526 -26.99 39.91 32.86
N VAL F 527 -27.86 39.09 33.45
CA VAL F 527 -29.29 39.12 33.16
C VAL F 527 -29.98 39.71 34.37
N SER F 528 -30.71 40.81 34.15
CA SER F 528 -31.35 41.55 35.23
C SER F 528 -32.85 41.31 35.19
N SER F 529 -33.43 40.99 36.35
CA SER F 529 -34.86 40.76 36.45
C SER F 529 -35.57 41.99 37.00
C1 NAG G . -20.14 -11.00 0.32
C2 NAG G . -20.46 -12.28 -0.45
C3 NAG G . -19.95 -12.19 -1.88
C4 NAG G . -20.50 -10.94 -2.55
C5 NAG G . -20.17 -9.71 -1.70
C6 NAG G . -20.77 -8.44 -2.24
C7 NAG G . -20.64 -14.41 0.78
C8 NAG G . -19.88 -15.52 1.43
N2 NAG G . -19.90 -13.44 0.22
O3 NAG G . -20.35 -13.34 -2.61
O4 NAG G . -19.92 -10.78 -3.84
O5 NAG G . -20.69 -9.88 -0.37
O6 NAG G . -22.19 -8.51 -2.30
O7 NAG G . -21.87 -14.38 0.75
C1 NAG G . -21.00 -11.07 -4.77
C2 NAG G . -20.75 -10.36 -6.10
C3 NAG G . -21.91 -10.64 -7.05
C4 NAG G . -22.13 -12.14 -7.21
C5 NAG G . -22.32 -12.78 -5.84
C6 NAG G . -22.42 -14.28 -5.88
C7 NAG G . -19.35 -8.38 -5.76
C8 NAG G . -19.34 -6.89 -5.57
N2 NAG G . -20.56 -8.94 -5.91
O3 NAG G . -21.64 -10.03 -8.31
O4 NAG G . -23.28 -12.38 -8.03
O5 NAG G . -21.19 -12.46 -4.99
O6 NAG G . -21.22 -14.88 -6.35
O7 NAG G . -18.32 -9.04 -5.76
C1 BMA G . -22.90 -12.88 -9.28
C2 BMA G . -24.08 -12.72 -10.21
C3 BMA G . -23.79 -13.34 -11.57
C4 BMA G . -22.48 -12.81 -12.14
C5 BMA G . -21.36 -12.99 -11.12
C6 BMA G . -20.05 -12.37 -11.56
O2 BMA G . -24.37 -11.33 -10.37
O3 BMA G . -24.85 -13.07 -12.48
O4 BMA G . -22.14 -13.50 -13.33
O5 BMA G . -21.71 -12.34 -9.89
O6 BMA G . -20.17 -10.97 -11.77
C1 MAN G . -20.06 -10.04 -11.19
C2 MAN G . -20.81 -8.80 -11.65
C3 MAN G . -20.03 -8.10 -12.76
C4 MAN G . -18.59 -7.83 -12.34
C5 MAN G . -17.94 -9.13 -11.88
C6 MAN G . -16.55 -8.93 -11.33
O2 MAN G . -21.00 -7.92 -10.56
O3 MAN G . -20.67 -6.86 -13.08
O4 MAN G . -17.85 -7.28 -13.42
O5 MAN G . -18.71 -9.70 -10.81
O6 MAN G . -16.27 -9.88 -10.30
C1 MAN G . -21.40 -7.03 -14.24
C2 MAN G . -21.26 -5.75 -15.08
C3 MAN G . -21.99 -4.60 -14.38
C4 MAN G . -23.43 -4.97 -14.07
C5 MAN G . -23.46 -6.27 -13.27
C6 MAN G . -24.86 -6.77 -13.00
O2 MAN G . -21.82 -5.97 -16.37
O3 MAN G . -21.95 -3.43 -15.19
O4 MAN G . -24.05 -3.94 -13.31
O5 MAN G . -22.78 -7.31 -14.00
O6 MAN G . -24.86 -7.97 -12.23
C1 MAN G . -14.97 -9.71 -9.88
C2 MAN G . -14.48 -11.00 -9.22
C3 MAN G . -15.21 -11.21 -7.89
C4 MAN G . -15.10 -9.98 -7.00
C5 MAN G . -15.57 -8.75 -7.76
C6 MAN G . -15.37 -7.46 -6.98
O2 MAN G . -13.07 -10.92 -8.98
O3 MAN G . -14.68 -12.35 -7.22
O4 MAN G . -15.91 -10.16 -5.85
O5 MAN G . -14.81 -8.61 -8.98
O6 MAN G . -15.75 -6.33 -7.75
C1 MAN G . -25.27 -14.20 -13.09
C2 MAN G . -25.91 -13.86 -14.44
C3 MAN G . -27.20 -13.09 -14.22
C4 MAN G . -28.13 -13.84 -13.28
C5 MAN G . -27.41 -14.18 -11.98
C6 MAN G . -28.23 -15.03 -11.05
O2 MAN G . -26.17 -15.06 -15.17
O3 MAN G . -27.84 -12.85 -15.47
O4 MAN G . -29.28 -13.04 -12.98
O5 MAN G . -26.21 -14.92 -12.28
O6 MAN G . -27.51 -15.33 -9.86
C1 NAG H . -23.18 -41.99 1.20
C2 NAG H . -22.38 -43.24 0.83
C3 NAG H . -22.23 -44.15 2.05
C4 NAG H . -21.66 -43.39 3.24
C5 NAG H . -22.51 -42.14 3.51
C6 NAG H . -21.96 -41.25 4.60
C7 NAG H . -22.47 -44.11 -1.47
C8 NAG H . -23.30 -44.81 -2.49
N2 NAG H . -23.03 -43.95 -0.26
O3 NAG H . -21.36 -45.23 1.71
O4 NAG H . -21.67 -44.24 4.38
O5 NAG H . -22.57 -41.34 2.31
O6 NAG H . -22.80 -40.12 4.81
O7 NAG H . -21.33 -43.70 -1.71
C1 NAG H . -20.40 -44.54 4.83
C2 NAG H . -20.48 -44.88 6.31
C3 NAG H . -19.09 -45.21 6.85
C4 NAG H . -18.43 -46.29 6.01
C5 NAG H . -18.43 -45.87 4.54
C6 NAG H . -17.88 -46.95 3.63
C7 NAG H . -22.38 -43.79 7.42
C8 NAG H . -22.83 -42.60 8.21
N2 NAG H . -21.09 -43.81 7.07
O3 NAG H . -19.19 -45.64 8.20
O4 NAG H . -17.09 -46.50 6.45
O5 NAG H . -19.77 -45.61 4.11
O6 NAG H . -17.70 -46.45 2.30
O7 NAG H . -23.15 -44.69 7.09
C1 NAG I . -2.78 -20.92 21.74
C2 NAG I . -2.93 -22.36 22.21
C3 NAG I . -4.36 -22.60 22.69
C4 NAG I . -4.73 -21.56 23.76
C5 NAG I . -4.37 -20.13 23.32
C6 NAG I . -4.50 -19.13 24.45
C7 NAG I . -1.47 -24.04 21.16
C8 NAG I . -1.27 -24.92 19.97
N2 NAG I . -2.58 -23.30 21.15
O3 NAG I . -4.45 -23.91 23.22
O4 NAG I . -6.14 -21.61 23.97
O5 NAG I . -3.02 -20.04 22.83
O6 NAG I . -3.55 -19.39 25.47
O7 NAG I . -0.66 -23.99 22.08
C1 NAG I . -6.57 -22.27 25.12
C2 NAG I . -8.07 -22.04 25.27
C3 NAG I . -8.62 -22.85 26.45
C4 NAG I . -8.21 -24.32 26.37
C5 NAG I . -6.70 -24.44 26.19
C6 NAG I . -6.20 -25.84 25.97
C7 NAG I . -8.84 -19.85 24.47
C8 NAG I . -9.08 -18.42 24.85
N2 NAG I . -8.36 -20.63 25.45
O3 NAG I . -10.04 -22.75 26.48
O4 NAG I . -8.59 -24.95 27.60
O5 NAG I . -6.30 -23.68 25.04
O6 NAG I . -4.79 -25.87 25.78
O7 NAG I . -9.08 -20.28 23.35
C1 BMA I . -9.46 -26.01 27.52
C2 BMA I . -9.23 -26.77 28.83
C3 BMA I . -10.17 -27.96 28.94
C4 BMA I . -11.61 -27.54 28.72
C5 BMA I . -11.74 -26.78 27.41
C6 BMA I . -13.13 -26.24 27.17
O2 BMA I . -9.45 -25.89 29.92
O3 BMA I . -10.02 -28.54 30.23
O4 BMA I . -12.45 -28.69 28.69
O5 BMA I . -10.85 -25.66 27.39
O6 BMA I . -14.12 -27.14 27.66
C1 MAN I . -15.38 -26.57 27.65
C2 MAN I . -15.49 -25.46 28.71
C3 MAN I . -15.43 -26.08 30.11
C4 MAN I . -16.50 -27.15 30.26
C5 MAN I . -16.34 -28.19 29.14
C6 MAN I . -17.42 -29.25 29.16
O2 MAN I . -16.72 -24.76 28.54
O3 MAN I . -15.58 -25.08 31.10
O4 MAN I . -16.36 -27.79 31.52
O5 MAN I . -16.41 -27.54 27.86
O6 MAN I . -17.19 -30.24 28.17
C1 MAN I . -14.37 -24.93 31.75
C2 MAN I . -14.56 -24.33 33.15
C3 MAN I . -14.94 -22.86 33.05
C4 MAN I . -13.96 -22.10 32.17
C5 MAN I . -13.85 -22.79 30.82
C6 MAN I . -12.82 -22.15 29.90
O2 MAN I . -13.36 -24.48 33.90
O3 MAN I . -14.97 -22.28 34.35
O4 MAN I . -14.40 -20.76 31.99
O5 MAN I . -13.43 -24.16 31.01
O6 MAN I . -12.76 -22.83 28.65
C1 MAN I . -9.48 -29.81 30.15
C2 MAN I . -9.82 -30.58 31.42
C3 MAN I . -9.09 -29.98 32.61
C4 MAN I . -7.58 -29.93 32.34
C5 MAN I . -7.32 -29.19 31.03
C6 MAN I . -5.86 -29.23 30.63
O2 MAN I . -9.44 -31.95 31.26
O3 MAN I . -9.34 -30.74 33.78
O4 MAN I . -6.93 -29.25 33.40
O5 MAN I . -8.05 -29.80 29.95
O6 MAN I . -5.63 -28.51 29.41
C1 NAG J . -1.20 -35.53 -22.08
C2 NAG J . -0.02 -35.70 -23.03
C3 NAG J . -0.42 -36.56 -24.22
C4 NAG J . -1.02 -37.89 -23.75
C5 NAG J . -2.15 -37.63 -22.75
C6 NAG J . -2.70 -38.88 -22.12
C7 NAG J . 1.73 -33.99 -23.20
C8 NAG J . 2.09 -32.62 -23.71
N2 NAG J . 0.50 -34.41 -23.48
O3 NAG J . 0.72 -36.81 -25.04
O4 NAG J . -1.57 -38.59 -24.87
O5 NAG J . -1.67 -36.82 -21.67
O6 NAG J . -3.75 -38.59 -21.19
O7 NAG J . 2.52 -34.67 -22.56
C1 NAG J . -0.84 -39.73 -25.17
C2 NAG J . -1.66 -40.60 -26.11
C3 NAG J . -0.88 -41.86 -26.50
C4 NAG J . 0.49 -41.47 -27.06
C5 NAG J . 1.23 -40.58 -26.07
C6 NAG J . 2.55 -40.07 -26.61
C7 NAG J . -4.08 -40.32 -25.81
C8 NAG J . -5.31 -40.83 -25.12
N2 NAG J . -2.94 -40.96 -25.52
O3 NAG J . -1.62 -42.59 -27.47
O4 NAG J . 1.26 -42.65 -27.31
O5 NAG J . 0.42 -39.43 -25.78
O6 NAG J . 3.18 -39.20 -25.68
O7 NAG J . -4.12 -39.38 -26.60
C1 NAG K . -23.52 -1.55 -10.64
C2 NAG K . -23.57 -2.84 -9.83
C3 NAG K . -24.93 -3.51 -10.03
C4 NAG K . -26.07 -2.54 -9.69
C5 NAG K . -25.88 -1.21 -10.41
C6 NAG K . -26.85 -0.16 -9.94
C7 NAG K . -21.37 -3.86 -9.49
C8 NAG K . -20.29 -4.72 -10.08
N2 NAG K . -22.49 -3.74 -10.21
O3 NAG K . -25.00 -4.67 -9.19
O4 NAG K . -27.31 -3.10 -10.10
O5 NAG K . -24.56 -0.68 -10.19
O6 NAG K . -26.71 1.05 -10.67
O7 NAG K . -21.23 -3.30 -8.40
C1 NAG K . -28.09 -3.52 -9.04
C2 NAG K . -29.56 -3.36 -9.43
C3 NAG K . -30.46 -3.91 -8.32
C4 NAG K . -30.08 -5.34 -7.97
C5 NAG K . -28.59 -5.40 -7.62
C6 NAG K . -28.08 -6.80 -7.37
C7 NAG K . -30.49 -1.55 -10.80
C8 NAG K . -30.75 -0.07 -10.89
N2 NAG K . -29.87 -1.96 -9.69
O3 NAG K . -31.82 -3.86 -8.76
O4 NAG K . -30.88 -5.78 -6.88
O5 NAG K . -27.82 -4.89 -8.73
O6 NAG K . -26.68 -6.81 -7.11
O7 NAG K . -30.84 -2.32 -11.69
C1 BMA K . -31.70 -6.83 -7.22
C2 BMA K . -31.85 -7.76 -6.02
C3 BMA K . -32.65 -8.99 -6.39
C4 BMA K . -33.99 -8.60 -7.02
C5 BMA K . -33.78 -7.61 -8.16
C6 BMA K . -35.06 -7.06 -8.72
O2 BMA K . -32.49 -7.06 -4.96
O3 BMA K . -32.89 -9.81 -5.26
O4 BMA K . -34.67 -9.75 -7.51
O5 BMA K . -33.01 -6.48 -7.69
O6 BMA K . -36.07 -6.95 -7.72
C1 MAN K . -31.72 -10.35 -4.74
C2 MAN K . -31.60 -11.84 -5.08
C3 MAN K . -32.68 -12.63 -4.35
C4 MAN K . -32.67 -12.32 -2.85
C5 MAN K . -32.75 -10.81 -2.64
C6 MAN K . -32.64 -10.41 -1.18
O2 MAN K . -30.32 -12.31 -4.72
O3 MAN K . -32.49 -14.03 -4.55
O4 MAN K . -33.79 -12.93 -2.23
O5 MAN K . -31.66 -10.18 -3.32
O6 MAN K . -32.77 -9.01 -1.02
C1 MAN K . -37.15 -6.25 -8.20
C2 MAN K . -37.93 -5.66 -7.03
C3 MAN K . -38.58 -6.79 -6.24
C4 MAN K . -39.43 -7.66 -7.15
C5 MAN K . -38.59 -8.17 -8.32
C6 MAN K . -39.40 -8.95 -9.34
O2 MAN K . -38.92 -4.78 -7.51
O3 MAN K . -39.38 -6.25 -5.18
O4 MAN K . -39.95 -8.77 -6.42
O5 MAN K . -38.01 -7.05 -9.02
O6 MAN K . -40.40 -8.14 -9.93
C1 NAG L . -40.18 19.56 2.69
C2 NAG L . -40.22 20.42 3.96
C3 NAG L . -40.31 21.89 3.59
C4 NAG L . -39.16 22.26 2.65
C5 NAG L . -39.17 21.34 1.44
C6 NAG L . -38.01 21.57 0.50
C7 NAG L . -41.19 19.71 6.10
C8 NAG L . -42.45 19.34 6.82
N2 NAG L . -41.33 20.03 4.81
O3 NAG L . -40.22 22.68 4.78
O4 NAG L . -39.32 23.61 2.21
O5 NAG L . -39.08 19.97 1.88
O6 NAG L . -38.05 20.71 -0.62
O7 NAG L . -40.10 19.72 6.66
C1 NAG L . -38.38 24.47 2.70
C2 NAG L . -38.04 25.56 1.69
C3 NAG L . -36.89 26.43 2.21
C4 NAG L . -37.22 26.96 3.60
C5 NAG L . -37.59 25.80 4.53
C6 NAG L . -38.03 26.26 5.90
C7 NAG L . -38.56 25.00 -0.64
C8 NAG L . -38.06 24.37 -1.90
N2 NAG L . -37.72 25.00 0.39
O3 NAG L . -36.66 27.51 1.32
O4 NAG L . -36.10 27.65 4.13
O5 NAG L . -38.68 25.05 3.97
O6 NAG L . -38.36 25.15 6.74
O7 NAG L . -39.69 25.49 -0.56
C1 NAG M . -7.98 25.24 -12.70
C2 NAG M . -8.34 26.73 -12.63
C3 NAG M . -9.78 26.95 -13.11
C4 NAG M . -9.98 26.32 -14.48
C5 NAG M . -9.55 24.85 -14.45
C6 NAG M . -9.62 24.20 -15.82
C7 NAG M . -8.86 26.84 -10.24
C8 NAG M . -8.53 27.49 -8.93
N2 NAG M . -8.15 27.26 -11.30
O3 NAG M . -10.06 28.34 -13.16
O4 NAG M . -11.34 26.41 -14.86
O5 NAG M . -8.19 24.75 -14.02
O6 NAG M . -8.77 24.84 -16.75
O7 NAG M . -9.72 25.96 -10.34
C1 NAG M . -11.63 27.36 -15.82
C2 NAG M . -12.67 26.84 -16.80
C3 NAG M . -13.19 27.97 -17.70
C4 NAG M . -13.65 29.17 -16.89
C5 NAG M . -12.51 29.60 -15.95
C6 NAG M . -12.86 30.74 -15.03
C7 NAG M . -12.71 24.62 -17.86
C8 NAG M . -11.98 23.66 -18.74
N2 NAG M . -12.09 25.77 -17.62
O3 NAG M . -14.27 27.48 -18.49
O4 NAG M . -14.01 30.22 -17.77
O5 NAG M . -12.16 28.49 -15.11
O6 NAG M . -13.96 30.42 -14.18
O7 NAG M . -13.81 24.35 -17.38
C1 BMA M . -15.35 30.54 -17.66
C2 BMA M . -15.57 31.96 -18.16
C3 BMA M . -17.02 32.37 -17.95
C4 BMA M . -17.98 31.35 -18.56
C5 BMA M . -17.63 29.94 -18.05
C6 BMA M . -18.45 28.87 -18.73
O2 BMA M . -15.24 32.04 -19.54
O3 BMA M . -17.25 33.66 -18.51
O4 BMA M . -19.32 31.66 -18.21
O5 BMA M . -16.25 29.65 -18.33
O6 BMA M . -18.71 29.20 -20.08
C1 MAN M . -19.60 28.32 -20.65
C2 MAN M . -19.34 28.39 -22.15
C3 MAN M . -19.70 29.79 -22.63
C4 MAN M . -21.14 30.13 -22.29
C5 MAN M . -21.35 29.97 -20.78
C6 MAN M . -22.79 30.16 -20.36
O2 MAN M . -20.17 27.44 -22.81
O3 MAN M . -19.44 29.93 -24.03
O4 MAN M . -21.44 31.47 -22.66
O5 MAN M . -20.96 28.64 -20.38
O6 MAN M . -22.94 30.04 -18.96
C1 MAN M . -18.46 30.91 -24.15
C2 MAN M . -18.42 31.48 -25.57
C3 MAN M . -17.78 30.46 -26.51
C4 MAN M . -16.41 30.03 -25.99
C5 MAN M . -16.56 29.49 -24.57
C6 MAN M . -15.23 29.14 -23.93
O2 MAN M . -17.66 32.68 -25.57
O3 MAN M . -17.65 31.02 -27.81
O4 MAN M . -15.87 29.02 -26.83
O5 MAN M . -17.16 30.50 -23.73
O6 MAN M . -14.53 28.17 -24.70
C1 MAN M . -17.56 34.52 -17.47
C2 MAN M . -18.33 35.74 -17.97
C3 MAN M . -17.40 36.67 -18.75
C4 MAN M . -16.16 37.01 -17.94
C5 MAN M . -15.47 35.72 -17.49
C6 MAN M . -14.27 35.97 -16.61
O2 MAN M . -18.90 36.43 -16.87
O3 MAN M . -18.10 37.87 -19.10
O4 MAN M . -15.25 37.78 -18.73
O5 MAN M . -16.40 34.93 -16.73
O6 MAN M . -13.66 34.74 -16.22
N ABU N . -21.32 -14.36 18.44
CD ABU N . -22.22 -13.32 17.96
CB ABU N . -22.55 -12.28 19.02
CG ABU N . -23.49 -11.20 18.50
C ABU N . -23.85 -10.15 19.52
O ABU N . -23.42 -10.16 20.70
OXT ABU N . -24.61 -9.27 19.08
C1 PIO O . 47.25 28.52 22.20
O1 PIO O . 46.07 28.11 21.48
P1 PIO O . 44.64 27.96 22.21
C2 PIO O . 47.32 30.04 22.19
O2 PIO O . 47.37 30.53 20.86
C3 PIO O . 48.56 30.51 22.96
O3 PIO O . 48.65 31.92 22.93
C4 PIO O . 49.81 29.89 22.36
O4 PIO O . 50.95 30.25 23.19
P4 PIO O . 51.90 31.53 23.19
C5 PIO O . 49.72 28.37 22.29
O5 PIO O . 50.89 27.88 21.59
P5 PIO O . 51.73 26.55 21.89
C6 PIO O . 48.48 27.91 21.55
O6 PIO O . 48.39 26.49 21.58
O11 PIO O . 43.73 27.20 21.27
O12 PIO O . 44.78 27.41 23.57
O13 PIO O . 44.07 29.44 22.27
C1A PIO O . 41.67 31.30 24.12
O1A PIO O . 42.75 31.61 24.55
C1B PIO O . 39.92 32.62 19.96
O1B PIO O . 40.19 33.79 19.94
C1C PIO O . 42.95 29.84 21.45
C2A PIO O . 40.45 31.07 24.95
C2B PIO O . 38.57 32.05 19.57
C2C PIO O . 42.54 31.22 21.89
O2C PIO O . 41.43 31.09 22.83
C3A PIO O . 39.18 31.47 24.22
C3B PIO O . 38.14 30.87 20.43
C3C PIO O . 42.09 32.07 20.74
O3C PIO O . 40.76 31.65 20.34
O41 PIO O . 51.36 32.46 22.10
O42 PIO O . 53.31 31.12 22.96
O43 PIO O . 51.68 32.21 24.55
C4A PIO O . 37.93 30.85 24.82
C4B PIO O . 36.78 30.33 20.03
O51 PIO O . 53.20 26.97 21.87
O52 PIO O . 51.49 25.62 20.70
O53 PIO O . 51.33 25.94 23.19
C5A PIO O . 36.67 31.07 23.98
C5B PIO O . 36.42 29.03 20.71
C6A PIO O . 35.46 30.30 24.47
C6B PIO O . 35.11 28.42 20.24
C7A PIO O . 34.25 30.44 23.57
C7B PIO O . 34.77 27.09 20.88
C8A PIO O . 33.06 29.63 24.04
C8B PIO O . 33.48 26.51 20.36
CAS 08H P . -6.90 -16.76 -28.20
CAJ 08H P . -6.92 -15.56 -27.48
CAP 08H P . -5.75 -14.84 -27.33
CLAB 08H P . -5.81 -13.35 -26.43
CAH 08H P . -4.57 -15.25 -27.87
CAI 08H P . -4.52 -16.43 -28.59
CAU 08H P . -5.67 -17.20 -28.76
NAV 08H P . -5.59 -18.43 -29.46
CAR 08H P . -4.88 -18.78 -30.58
CAA 08H P . -4.02 -17.85 -31.35
NAM 08H P . -5.08 -20.05 -30.86
NAN 08H P . -5.95 -20.55 -29.89
CAT 08H P . -6.24 -19.57 -29.07
CAK 08H P . -7.14 -19.58 -27.90
NAL 08H P . -8.32 -18.77 -28.22
CAO 08H P . -8.18 -17.51 -28.37
CAQ 08H P . -9.40 -16.71 -28.69
CAF 08H P . -9.36 -15.72 -29.66
CAD 08H P . -10.49 -14.98 -29.96
CAC 08H P . -11.67 -15.22 -29.29
CAE 08H P . -11.72 -16.21 -28.33
CAG 08H P . -10.60 -16.96 -28.02
C1 PIO Q . 59.94 6.70 -11.50
O1 PIO Q . 58.60 6.16 -11.40
P1 PIO Q . 57.45 6.51 -12.47
C2 PIO Q . 60.83 5.69 -12.20
O2 PIO Q . 60.82 4.45 -11.48
C3 PIO Q . 62.24 6.22 -12.30
O3 PIO Q . 63.08 5.26 -12.93
C4 PIO Q . 62.78 6.54 -10.91
O4 PIO Q . 64.09 7.11 -11.03
P4 PIO Q . 65.56 6.47 -11.02
C5 PIO Q . 61.88 7.52 -10.18
O5 PIO Q . 62.39 7.71 -8.85
P5 PIO Q . 62.28 9.01 -7.92
C6 PIO Q . 60.44 7.01 -10.10
O6 PIO Q . 59.60 7.97 -9.48
O11 PIO Q . 56.12 6.11 -11.85
O12 PIO Q . 57.54 7.91 -12.91
O13 PIO Q . 57.74 5.50 -13.68
C1A PIO Q . 57.24 4.65 -17.22
O1A PIO Q . 58.39 4.99 -17.21
C1B PIO Q . 55.97 0.36 -15.47
O1B PIO Q . 56.86 -0.30 -15.94
C1C PIO Q . 56.98 4.29 -13.86
C2A PIO Q . 56.26 4.95 -18.31
C2B PIO Q . 54.54 -0.10 -15.36
C2C PIO Q . 57.50 3.59 -15.08
O2C PIO Q . 56.66 3.95 -16.23
C3A PIO Q . 55.16 3.90 -18.45
C3B PIO Q . 53.52 1.02 -15.55
C3C PIO Q . 57.49 2.10 -14.94
O3C PIO Q . 56.13 1.59 -14.99
O41 PIO Q . 65.37 4.98 -10.72
O42 PIO Q . 66.40 7.17 -10.00
O43 PIO Q . 66.11 6.60 -12.44
C4A PIO Q . 53.88 4.49 -19.03
C4B PIO Q . 52.08 0.50 -15.56
O51 PIO Q . 63.65 9.19 -7.27
O52 PIO Q . 61.28 8.67 -6.82
O53 PIO Q . 61.88 10.19 -8.73
C5A PIO Q . 52.64 3.68 -18.70
C5B PIO Q . 51.02 1.59 -15.56
C6A PIO Q . 51.34 4.43 -18.96
C6B PIO Q . 49.60 1.08 -15.52
C7A PIO Q . 50.10 3.70 -18.51
C7B PIO Q . 48.53 2.17 -15.49
C8A PIO Q . 48.85 4.52 -18.66
C8B PIO Q . 47.13 1.63 -15.53
N ABU R . -20.03 11.76 -21.88
CD ABU R . -20.33 10.44 -22.42
CB ABU R . -19.89 10.34 -23.86
CG ABU R . -20.18 8.99 -24.47
C ABU R . -19.73 8.91 -25.91
O ABU R . -19.20 9.87 -26.48
OXT ABU R . -19.96 7.81 -26.45
#